data_8SXF
#
_entry.id   8SXF
#
_cell.length_a   1.00
_cell.length_b   1.00
_cell.length_c   1.00
_cell.angle_alpha   90.00
_cell.angle_beta   90.00
_cell.angle_gamma   90.00
#
_symmetry.space_group_name_H-M   'P 1'
#
loop_
_entity.id
_entity.type
_entity.pdbx_description
1 polymer 'Probable carboxyl-terminal protease'
2 polymer 'TPR repeat-containing protein PA4667'
3 polymer polyA
#
loop_
_entity_poly.entity_id
_entity_poly.type
_entity_poly.pdbx_seq_one_letter_code
_entity_poly.pdbx_strand_id
1 'polypeptide(L)'
;GSHMSAPLPLDELRTFAEVLDRVKAAYVEPVDDKTLLENAIKGMLSNLDPHSAYLGPEDFAELQESTSGEFGGLGIEVGS
EDGFIKVVSPIDDTPAARAGIQPGDLIVQIDGKPTKGQSMTEAVDSMRGKAGSPITLTIVRDGGRPFDVELKRAIIKVKS
VKSQVLEPGYAYLRITQFQVNTGEEVVKALNQLRKDNKGRLKGLVLDLRNNPGGVLQSAVEVADAFLTKGLIVYTKGRIA
NSELRFSADPADPSDKVPLVVLINGGSAAAAEIVAGALQDQKRAILMGTDSFGKGSVQTVLPLNNDRALKLTTALYYTPN
GRSIQAQGIVPDIEVGRAKVTQERSSFEGFKEADLQGHLANGNGGADRPTGKRAAPSERPQDSDYQLSQALSLLKGLSVT
RGN
;
A,B,E
2 'polypeptide(L)'
;MEDTAVETKAKPEKYGSFSEDSLYSLLVAELAGQRNRFDIALSNYVVQAQKTRDPGVSERAFRIAEYLGADQEALDTSLL
WARSAPDNLDAQRAAAIQLARAGRYEESMVYMEKVLNGQGDTHFDFLALSAAETDPDTRAGLLQSFDHLLKKYPNNGQLL
FGKALLLQQDGRPDEALTLLEDNSASRHEVAPLLLRSRLLQSMKRSDEALPLLKAGIKEHPDDKRVRLAYARLLVEQNRL
DDAKAEFAGLVQQFPDDDDLRFSLALVCLEAQAWDEARIYLEELVERDSHVDAAHFNLGRLAEEQKDTARALDEYAQVGP
GNDFLPAQLRQTDVLLKAGRVDEAAQRLDKARSEQPDYAIQLYLIEAEALSNNDQQEKAWQAIQEGLKQYPEDLNLLYTR
SMLAEKRNDLAQMEKDLRFVIAREPDNAMALNALGYTLADRTTRYGEARELILKAHKLNPDDPAILDSMGWINYRQGKLA
DAERYLRQALQRYPDHEVAAHLGEVLWAQGRQGDARAIWREYLDKQPDSDVLRRTIKRLTGAETP
;
C
3 'polypeptide(L)' (UNK)(UNK)(UNK)(UNK)(UNK)(UNK) D
#
# COMPACT_ATOMS: atom_id res chain seq x y z
N SER A 5 -10.09 -19.22 -10.20
CA SER A 5 -10.40 -20.15 -9.11
C SER A 5 -9.10 -20.69 -8.49
N ALA A 6 -8.16 -19.79 -8.24
CA ALA A 6 -6.89 -20.20 -7.64
C ALA A 6 -7.13 -20.71 -6.22
N PRO A 7 -6.61 -21.89 -5.87
CA PRO A 7 -6.85 -22.42 -4.53
C PRO A 7 -6.22 -21.54 -3.46
N LEU A 8 -6.86 -21.49 -2.30
CA LEU A 8 -6.33 -20.80 -1.14
C LEU A 8 -5.46 -21.73 -0.32
N PRO A 9 -4.53 -21.19 0.48
CA PRO A 9 -3.65 -22.06 1.27
C PRO A 9 -4.31 -22.54 2.56
N LEU A 10 -5.15 -23.57 2.43
CA LEU A 10 -5.91 -24.06 3.58
C LEU A 10 -4.97 -24.71 4.59
N ASP A 11 -4.11 -25.62 4.14
CA ASP A 11 -3.21 -26.30 5.07
C ASP A 11 -2.22 -25.33 5.69
N GLU A 12 -1.69 -24.39 4.89
CA GLU A 12 -0.78 -23.40 5.44
C GLU A 12 -1.43 -22.59 6.54
N LEU A 13 -2.67 -22.12 6.29
CA LEU A 13 -3.37 -21.37 7.32
C LEU A 13 -3.69 -22.23 8.52
N ARG A 14 -3.95 -23.53 8.33
CA ARG A 14 -4.16 -24.41 9.46
C ARG A 14 -2.90 -24.50 10.32
N THR A 15 -1.74 -24.62 9.68
CA THR A 15 -0.49 -24.65 10.44
C THR A 15 -0.28 -23.33 11.16
N PHE A 16 -0.60 -22.21 10.50
CA PHE A 16 -0.47 -20.90 11.15
C PHE A 16 -1.35 -20.80 12.38
N ALA A 17 -2.61 -21.25 12.26
CA ALA A 17 -3.52 -21.20 13.40
C ALA A 17 -3.04 -22.10 14.52
N GLU A 18 -2.56 -23.30 14.19
CA GLU A 18 -2.04 -24.19 15.22
C GLU A 18 -0.85 -23.56 15.92
N VAL A 19 0.04 -22.91 15.16
CA VAL A 19 1.18 -22.24 15.77
C VAL A 19 0.72 -21.15 16.72
N LEU A 20 -0.24 -20.34 16.30
CA LEU A 20 -0.72 -19.27 17.17
C LEU A 20 -1.33 -19.84 18.45
N ASP A 21 -2.13 -20.91 18.31
CA ASP A 21 -2.74 -21.51 19.49
C ASP A 21 -1.68 -22.02 20.45
N ARG A 22 -0.71 -22.77 19.94
CA ARG A 22 0.32 -23.32 20.82
C ARG A 22 1.16 -22.21 21.44
N VAL A 23 1.40 -21.13 20.71
CA VAL A 23 2.19 -20.03 21.27
C VAL A 23 1.42 -19.36 22.39
N LYS A 24 0.14 -19.11 22.20
CA LYS A 24 -0.65 -18.49 23.25
C LYS A 24 -0.82 -19.41 24.45
N ALA A 25 -0.76 -20.73 24.23
CA ALA A 25 -0.93 -21.69 25.32
C ALA A 25 0.34 -21.92 26.11
N ALA A 26 1.47 -22.11 25.44
CA ALA A 26 2.69 -22.58 26.08
C ALA A 26 3.67 -21.47 26.44
N TYR A 27 3.54 -20.28 25.87
CA TYR A 27 4.47 -19.22 26.19
C TYR A 27 4.36 -18.84 27.67
N VAL A 28 5.47 -18.39 28.24
CA VAL A 28 5.52 -18.08 29.66
C VAL A 28 4.67 -16.84 29.97
N GLU A 29 5.03 -15.70 29.40
CA GLU A 29 4.30 -14.48 29.66
C GLU A 29 2.99 -14.49 28.86
N PRO A 30 1.84 -14.27 29.51
CA PRO A 30 0.59 -14.19 28.74
C PRO A 30 0.68 -13.12 27.67
N VAL A 31 0.39 -13.52 26.43
CA VAL A 31 0.48 -12.63 25.28
C VAL A 31 -0.90 -12.54 24.63
N ASP A 32 -1.42 -11.32 24.51
CA ASP A 32 -2.70 -11.10 23.87
C ASP A 32 -2.56 -11.21 22.35
N ASP A 33 -3.67 -11.56 21.71
CA ASP A 33 -3.64 -11.77 20.26
C ASP A 33 -3.11 -10.56 19.52
N LYS A 34 -3.32 -9.36 20.07
CA LYS A 34 -2.88 -8.15 19.38
C LYS A 34 -1.38 -8.19 19.12
N THR A 35 -0.59 -8.48 20.15
CA THR A 35 0.86 -8.51 20.00
C THR A 35 1.28 -9.60 19.03
N LEU A 36 0.63 -10.76 19.09
CA LEU A 36 1.02 -11.86 18.21
C LEU A 36 0.77 -11.52 16.75
N LEU A 37 -0.38 -10.93 16.43
CA LEU A 37 -0.65 -10.57 15.04
C LEU A 37 0.27 -9.45 14.57
N GLU A 38 0.53 -8.47 15.43
CA GLU A 38 1.50 -7.43 15.09
C GLU A 38 2.85 -8.05 14.78
N ASN A 39 3.28 -9.01 15.60
CA ASN A 39 4.56 -9.67 15.37
C ASN A 39 4.54 -10.45 14.06
N ALA A 40 3.42 -11.10 13.74
CA ALA A 40 3.34 -11.82 12.48
C ALA A 40 3.49 -10.88 11.28
N ILE A 41 2.85 -9.72 11.35
CA ILE A 41 2.98 -8.74 10.27
C ILE A 41 4.42 -8.29 10.14
N LYS A 42 5.02 -7.91 11.27
CA LYS A 42 6.42 -7.50 11.25
C LYS A 42 7.30 -8.61 10.67
N GLY A 43 6.97 -9.86 10.99
CA GLY A 43 7.74 -10.97 10.48
C GLY A 43 7.66 -11.08 8.97
N MET A 44 6.44 -11.03 8.43
CA MET A 44 6.30 -11.07 6.98
C MET A 44 7.18 -10.01 6.34
N LEU A 45 7.04 -8.77 6.80
CA LEU A 45 7.73 -7.68 6.12
C LEU A 45 9.25 -7.76 6.32
N SER A 46 9.71 -8.10 7.52
CA SER A 46 11.14 -8.16 7.76
C SER A 46 11.79 -9.32 7.00
N ASN A 47 11.22 -10.52 7.11
CA ASN A 47 11.83 -11.69 6.50
C ASN A 47 11.63 -11.75 5.00
N LEU A 48 10.75 -10.93 4.42
CA LEU A 48 10.64 -10.91 2.96
C LEU A 48 11.96 -10.50 2.32
N ASP A 49 12.55 -9.40 2.79
CA ASP A 49 13.80 -8.90 2.25
C ASP A 49 14.46 -8.02 3.29
N PRO A 50 15.75 -7.74 3.16
CA PRO A 50 16.45 -6.98 4.22
C PRO A 50 15.82 -5.63 4.52
N HIS A 51 15.68 -4.76 3.52
CA HIS A 51 15.27 -3.39 3.78
C HIS A 51 13.79 -3.28 4.14
N SER A 52 12.92 -4.00 3.43
CA SER A 52 11.50 -3.90 3.69
C SER A 52 11.19 -4.33 5.13
N ALA A 53 10.21 -3.65 5.72
CA ALA A 53 9.87 -3.92 7.12
C ALA A 53 8.61 -3.16 7.49
N TYR A 54 7.91 -3.67 8.50
CA TYR A 54 6.76 -2.99 9.06
C TYR A 54 7.20 -1.71 9.77
N LEU A 55 6.28 -0.77 9.89
CA LEU A 55 6.52 0.51 10.53
C LEU A 55 5.47 0.74 11.62
N GLY A 56 5.93 1.03 12.82
CA GLY A 56 5.04 1.42 13.89
C GLY A 56 4.63 2.87 13.77
N PRO A 57 3.64 3.26 14.58
CA PRO A 57 3.19 4.67 14.54
C PRO A 57 4.34 5.63 14.78
N GLU A 58 5.07 5.45 15.89
CA GLU A 58 6.18 6.34 16.19
C GLU A 58 7.28 6.22 15.15
N ASP A 59 7.55 5.01 14.67
CA ASP A 59 8.59 4.84 13.65
C ASP A 59 8.15 5.47 12.33
N PHE A 60 6.86 5.35 11.99
CA PHE A 60 6.37 6.01 10.78
C PHE A 60 6.50 7.52 10.89
N ALA A 61 6.18 8.07 12.06
CA ALA A 61 6.38 9.50 12.27
C ALA A 61 7.85 9.87 12.14
N GLU A 62 8.73 9.03 12.67
CA GLU A 62 10.17 9.28 12.54
C GLU A 62 10.58 9.32 11.08
N LEU A 63 10.10 8.36 10.28
CA LEU A 63 10.44 8.36 8.86
C LEU A 63 9.89 9.58 8.15
N GLN A 64 8.66 9.97 8.48
CA GLN A 64 8.07 11.16 7.86
C GLN A 64 8.87 12.41 8.20
N GLU A 65 9.34 12.51 9.45
CA GLU A 65 10.16 13.64 9.84
C GLU A 65 11.55 13.58 9.20
N SER A 66 12.05 12.38 8.94
CA SER A 66 13.35 12.26 8.29
C SER A 66 13.28 12.70 6.84
N THR A 67 12.27 12.21 6.11
CA THR A 67 12.15 12.58 4.70
C THR A 67 11.89 14.08 4.56
N SER A 68 11.02 14.63 5.40
CA SER A 68 10.72 16.06 5.40
C SER A 68 11.46 16.69 6.58
N GLY A 69 12.50 17.47 6.28
CA GLY A 69 13.38 17.96 7.33
C GLY A 69 12.65 18.75 8.40
N GLU A 70 11.52 19.35 8.07
CA GLU A 70 10.75 20.12 9.04
C GLU A 70 10.39 19.24 10.24
N PHE A 71 10.95 19.53 11.40
CA PHE A 71 10.70 18.77 12.61
C PHE A 71 10.46 19.72 13.78
N GLY A 72 9.69 19.25 14.77
CA GLY A 72 9.38 20.06 15.92
C GLY A 72 10.55 20.14 16.88
N GLY A 73 10.87 21.35 17.30
CA GLY A 73 11.98 21.55 18.22
C GLY A 73 12.46 22.99 18.19
N LEU A 74 13.73 23.18 18.53
CA LEU A 74 14.36 24.48 18.50
C LEU A 74 15.39 24.64 17.39
N GLY A 75 16.09 23.57 17.03
CA GLY A 75 17.04 23.64 15.93
C GLY A 75 18.46 23.90 16.37
N ILE A 76 18.94 23.13 17.34
CA ILE A 76 20.33 23.21 17.80
C ILE A 76 20.91 21.81 17.76
N GLU A 77 22.01 21.64 17.02
CA GLU A 77 22.70 20.36 16.96
C GLU A 77 23.74 20.34 18.06
N VAL A 78 23.68 19.32 18.92
CA VAL A 78 24.51 19.25 20.11
C VAL A 78 25.05 17.84 20.27
N GLY A 79 26.11 17.74 21.07
CA GLY A 79 26.68 16.46 21.45
C GLY A 79 27.05 16.43 22.92
N SER A 80 26.60 15.41 23.64
CA SER A 80 26.82 15.31 25.07
C SER A 80 28.02 14.42 25.34
N GLU A 81 29.06 14.99 25.95
CA GLU A 81 30.27 14.26 26.30
C GLU A 81 30.71 14.66 27.69
N ASP A 82 31.30 13.70 28.41
CA ASP A 82 31.83 13.92 29.75
C ASP A 82 30.76 14.46 30.70
N GLY A 83 29.50 14.12 30.45
CA GLY A 83 28.42 14.54 31.30
C GLY A 83 27.93 15.96 31.07
N PHE A 84 28.59 16.72 30.20
CA PHE A 84 28.18 18.09 29.89
C PHE A 84 27.78 18.18 28.42
N ILE A 85 26.84 19.07 28.14
CA ILE A 85 26.29 19.22 26.80
C ILE A 85 27.13 20.23 26.04
N LYS A 86 27.61 19.83 24.86
CA LYS A 86 28.37 20.70 23.98
C LYS A 86 27.48 21.18 22.84
N VAL A 87 27.38 22.49 22.66
CA VAL A 87 26.57 23.07 21.61
C VAL A 87 27.38 23.05 20.31
N VAL A 88 27.18 22.00 19.51
CA VAL A 88 27.94 21.87 18.26
C VAL A 88 27.62 23.03 17.33
N SER A 89 26.34 23.35 17.17
CA SER A 89 25.95 24.44 16.29
C SER A 89 24.51 24.88 16.53
N PRO A 90 24.25 26.18 16.75
CA PRO A 90 22.88 26.68 16.71
C PRO A 90 22.48 26.97 15.28
N ILE A 91 21.51 26.22 14.77
CA ILE A 91 21.14 26.33 13.36
C ILE A 91 20.50 27.69 13.10
N ASP A 92 20.69 28.19 11.88
CA ASP A 92 20.15 29.48 11.49
C ASP A 92 18.64 29.40 11.35
N ASP A 93 18.00 30.58 11.29
CA ASP A 93 16.56 30.69 11.14
C ASP A 93 15.82 30.04 12.31
N THR A 94 16.42 30.07 13.49
CA THR A 94 15.82 29.51 14.69
C THR A 94 15.99 30.47 15.85
N PRO A 95 15.10 30.41 16.86
CA PRO A 95 15.27 31.26 18.03
C PRO A 95 16.57 31.01 18.79
N ALA A 96 17.22 29.86 18.57
CA ALA A 96 18.45 29.56 19.28
C ALA A 96 19.47 30.69 19.13
N ALA A 97 19.72 31.10 17.89
CA ALA A 97 20.64 32.22 17.67
C ALA A 97 20.07 33.49 18.29
N ARG A 98 18.77 33.74 18.12
CA ARG A 98 18.13 34.90 18.73
C ARG A 98 18.07 34.81 20.24
N ALA A 99 18.36 33.65 20.82
CA ALA A 99 18.38 33.47 22.27
C ALA A 99 19.77 33.68 22.86
N GLY A 100 20.75 34.07 22.06
CA GLY A 100 22.11 34.25 22.55
C GLY A 100 22.88 32.97 22.74
N ILE A 101 22.36 31.84 22.28
CA ILE A 101 23.05 30.57 22.45
C ILE A 101 24.34 30.58 21.63
N GLN A 102 25.40 30.07 22.23
CA GLN A 102 26.74 30.06 21.64
C GLN A 102 27.30 28.65 21.68
N PRO A 103 28.25 28.34 20.79
CA PRO A 103 28.84 26.99 20.81
C PRO A 103 29.51 26.70 22.15
N GLY A 104 29.38 25.46 22.59
CA GLY A 104 29.97 25.04 23.85
C GLY A 104 29.22 25.47 25.08
N ASP A 105 28.08 26.14 24.94
CA ASP A 105 27.33 26.59 26.10
C ASP A 105 26.84 25.38 26.90
N LEU A 106 26.84 25.53 28.23
CA LEU A 106 26.52 24.44 29.14
C LEU A 106 25.05 24.56 29.54
N ILE A 107 24.20 23.84 28.81
CA ILE A 107 22.79 23.73 29.19
C ILE A 107 22.68 22.74 30.35
N VAL A 108 22.12 23.20 31.47
CA VAL A 108 22.02 22.36 32.65
C VAL A 108 20.63 21.75 32.83
N GLN A 109 19.56 22.46 32.45
CA GLN A 109 18.22 21.91 32.55
C GLN A 109 17.43 22.25 31.30
N ILE A 110 16.80 21.25 30.71
CA ILE A 110 15.86 21.42 29.61
C ILE A 110 14.46 21.28 30.18
N ASP A 111 13.69 22.36 30.15
CA ASP A 111 12.36 22.39 30.79
C ASP A 111 12.46 22.01 32.27
N GLY A 112 13.57 22.39 32.90
CA GLY A 112 13.79 22.09 34.30
C GLY A 112 14.35 20.71 34.58
N LYS A 113 14.56 19.88 33.56
CA LYS A 113 15.07 18.54 33.76
C LYS A 113 16.60 18.56 33.69
N PRO A 114 17.30 18.16 34.74
CA PRO A 114 18.77 18.24 34.70
C PRO A 114 19.36 17.47 33.54
N THR A 115 20.39 18.05 32.94
CA THR A 115 21.07 17.46 31.79
C THR A 115 22.18 16.49 32.18
N LYS A 116 22.44 16.33 33.48
CA LYS A 116 23.51 15.45 33.95
C LYS A 116 22.96 14.07 34.24
N GLY A 117 23.77 13.05 33.96
CA GLY A 117 23.35 11.68 34.14
C GLY A 117 22.52 11.12 33.02
N GLN A 118 22.37 11.85 31.92
CA GLN A 118 21.54 11.43 30.80
C GLN A 118 22.42 11.02 29.63
N SER A 119 22.00 9.97 28.91
CA SER A 119 22.72 9.53 27.73
C SER A 119 22.40 10.44 26.55
N MET A 120 23.19 10.29 25.48
CA MET A 120 22.99 11.12 24.30
C MET A 120 21.59 10.93 23.73
N THR A 121 21.17 9.67 23.57
CA THR A 121 19.82 9.42 23.07
C THR A 121 18.77 9.95 24.02
N GLU A 122 18.97 9.75 25.33
CA GLU A 122 18.03 10.26 26.31
C GLU A 122 17.98 11.78 26.28
N ALA A 123 19.14 12.43 26.17
CA ALA A 123 19.17 13.89 26.09
C ALA A 123 18.43 14.39 24.85
N VAL A 124 18.65 13.73 23.71
CA VAL A 124 17.96 14.13 22.48
C VAL A 124 16.46 13.96 22.64
N ASP A 125 16.03 12.83 23.20
CA ASP A 125 14.61 12.58 23.37
C ASP A 125 13.98 13.63 24.29
N SER A 126 14.64 13.94 25.41
CA SER A 126 14.11 14.95 26.32
C SER A 126 14.05 16.32 25.67
N MET A 127 15.10 16.67 24.91
CA MET A 127 15.11 17.97 24.25
C MET A 127 13.98 18.09 23.23
N ARG A 128 13.75 17.04 22.46
CA ARG A 128 12.68 17.05 21.47
C ARG A 128 11.32 17.08 22.15
N GLY A 129 10.34 17.65 21.46
CA GLY A 129 9.00 17.71 21.99
C GLY A 129 8.01 18.10 20.89
N LYS A 130 6.75 18.19 21.30
CA LYS A 130 5.69 18.52 20.35
C LYS A 130 5.88 19.92 19.81
N ALA A 131 5.58 20.10 18.52
CA ALA A 131 5.73 21.40 17.89
C ALA A 131 4.80 22.43 18.53
N GLY A 132 5.33 23.62 18.76
CA GLY A 132 4.58 24.70 19.36
C GLY A 132 4.55 24.70 20.87
N SER A 133 5.17 23.72 21.52
CA SER A 133 5.18 23.66 22.97
C SER A 133 6.29 24.53 23.53
N PRO A 134 6.00 25.54 24.36
CA PRO A 134 7.07 26.37 24.90
C PRO A 134 8.05 25.55 25.73
N ILE A 135 9.32 25.92 25.65
CA ILE A 135 10.40 25.23 26.33
C ILE A 135 11.21 26.25 27.12
N THR A 136 11.45 25.97 28.39
CA THR A 136 12.28 26.80 29.25
C THR A 136 13.61 26.09 29.50
N LEU A 137 14.71 26.78 29.24
CA LEU A 137 16.05 26.23 29.39
C LEU A 137 16.78 26.98 30.49
N THR A 138 17.28 26.25 31.48
CA THR A 138 18.14 26.80 32.50
C THR A 138 19.59 26.49 32.11
N ILE A 139 20.37 27.54 31.88
CA ILE A 139 21.71 27.42 31.33
C ILE A 139 22.70 28.04 32.31
N VAL A 140 23.80 27.33 32.54
CA VAL A 140 24.90 27.81 33.37
C VAL A 140 26.02 28.25 32.45
N ARG A 141 26.41 29.52 32.56
CA ARG A 141 27.45 30.10 31.72
C ARG A 141 28.71 30.28 32.55
N ASP A 142 29.81 29.66 32.12
CA ASP A 142 31.09 29.76 32.79
C ASP A 142 31.00 29.36 34.26
N GLY A 143 30.09 28.44 34.57
CA GLY A 143 29.94 27.97 35.94
C GLY A 143 29.24 28.93 36.87
N GLY A 144 28.67 30.00 36.36
CA GLY A 144 27.97 30.97 37.18
C GLY A 144 26.56 30.53 37.50
N ARG A 145 25.81 31.43 38.11
CA ARG A 145 24.44 31.13 38.47
C ARG A 145 23.62 30.85 37.21
N PRO A 146 22.74 29.84 37.22
CA PRO A 146 21.96 29.55 36.02
C PRO A 146 20.99 30.67 35.68
N PHE A 147 20.66 30.76 34.40
CA PHE A 147 19.69 31.74 33.90
C PHE A 147 18.67 31.03 33.03
N ASP A 148 17.44 31.52 33.05
CA ASP A 148 16.31 30.88 32.38
C ASP A 148 15.98 31.63 31.09
N VAL A 149 15.80 30.87 30.02
CA VAL A 149 15.41 31.41 28.72
C VAL A 149 14.19 30.65 28.24
N GLU A 150 13.14 31.38 27.87
CA GLU A 150 11.91 30.78 27.36
C GLU A 150 11.89 30.92 25.84
N LEU A 151 11.60 29.82 25.15
CA LEU A 151 11.53 29.78 23.70
C LEU A 151 10.29 29.01 23.29
N LYS A 152 9.93 29.10 22.02
CA LYS A 152 8.75 28.44 21.48
C LYS A 152 9.20 27.37 20.49
N ARG A 153 8.77 26.13 20.73
CA ARG A 153 9.06 25.06 19.79
C ARG A 153 8.37 25.33 18.46
N ALA A 154 9.09 25.06 17.37
CA ALA A 154 8.58 25.34 16.04
C ALA A 154 9.14 24.31 15.08
N ILE A 155 8.83 24.48 13.80
CA ILE A 155 9.31 23.58 12.75
C ILE A 155 10.65 24.10 12.27
N ILE A 156 11.66 23.23 12.30
CA ILE A 156 13.01 23.55 11.84
C ILE A 156 13.34 22.60 10.69
N LYS A 157 13.85 23.18 9.60
CA LYS A 157 14.30 22.41 8.45
C LYS A 157 15.81 22.27 8.52
N VAL A 158 16.31 21.06 8.26
CA VAL A 158 17.74 20.80 8.30
C VAL A 158 18.30 20.94 6.89
N LYS A 159 19.29 21.83 6.74
CA LYS A 159 19.89 22.06 5.44
C LYS A 159 20.66 20.82 5.01
N SER A 160 20.11 20.09 4.05
CA SER A 160 20.77 18.87 3.58
C SER A 160 22.08 19.18 2.87
N VAL A 161 22.11 20.25 2.07
CA VAL A 161 23.25 20.56 1.21
C VAL A 161 24.06 21.68 1.82
N LYS A 162 25.38 21.52 1.81
CA LYS A 162 26.31 22.55 2.26
C LYS A 162 27.26 22.89 1.12
N SER A 163 27.43 24.18 0.86
CA SER A 163 28.26 24.65 -0.25
C SER A 163 29.28 25.65 0.25
N GLN A 164 30.45 25.65 -0.38
CA GLN A 164 31.51 26.59 -0.05
C GLN A 164 32.43 26.75 -1.26
N VAL A 165 33.40 27.65 -1.13
CA VAL A 165 34.39 27.92 -2.16
C VAL A 165 35.74 27.46 -1.63
N LEU A 166 36.35 26.50 -2.33
CA LEU A 166 37.65 25.97 -1.91
C LEU A 166 38.77 26.92 -2.32
N GLU A 167 38.94 27.14 -3.62
CA GLU A 167 39.88 28.08 -4.17
C GLU A 167 39.18 28.93 -5.21
N PRO A 168 39.71 30.11 -5.51
CA PRO A 168 39.05 30.98 -6.50
C PRO A 168 38.73 30.24 -7.78
N GLY A 169 37.44 30.05 -8.06
CA GLY A 169 37.00 29.33 -9.23
C GLY A 169 36.57 27.90 -8.99
N TYR A 170 36.87 27.33 -7.84
CA TYR A 170 36.53 25.95 -7.52
C TYR A 170 35.61 25.91 -6.31
N ALA A 171 34.45 25.28 -6.47
CA ALA A 171 33.42 25.23 -5.44
C ALA A 171 33.16 23.79 -5.02
N TYR A 172 32.70 23.64 -3.78
CA TYR A 172 32.45 22.34 -3.18
C TYR A 172 31.01 22.30 -2.69
N LEU A 173 30.31 21.20 -3.00
CA LEU A 173 28.93 21.01 -2.61
C LEU A 173 28.77 19.59 -2.08
N ARG A 174 28.33 19.48 -0.83
CA ARG A 174 28.13 18.20 -0.16
C ARG A 174 26.65 18.00 0.13
N ILE A 175 26.19 16.77 -0.07
CA ILE A 175 24.79 16.40 0.13
C ILE A 175 24.76 15.45 1.33
N THR A 176 24.38 15.97 2.50
CA THR A 176 24.33 15.15 3.69
C THR A 176 23.32 14.02 3.55
N GLN A 177 22.16 14.31 2.99
CA GLN A 177 21.12 13.30 2.81
C GLN A 177 20.07 13.87 1.86
N PHE A 178 19.39 12.98 1.15
CA PHE A 178 18.39 13.40 0.18
C PHE A 178 17.05 13.63 0.88
N GLN A 179 16.51 14.83 0.71
CA GLN A 179 15.25 15.21 1.33
C GLN A 179 14.34 15.84 0.27
N VAL A 180 13.09 16.07 0.66
CA VAL A 180 12.10 16.54 -0.31
C VAL A 180 12.51 17.90 -0.89
N ASN A 181 13.02 18.79 -0.06
CA ASN A 181 13.41 20.12 -0.49
C ASN A 181 14.81 20.17 -1.09
N THR A 182 15.50 19.03 -1.17
CA THR A 182 16.88 19.02 -1.63
C THR A 182 17.02 19.57 -3.04
N GLY A 183 16.00 19.39 -3.88
CA GLY A 183 16.10 19.90 -5.24
C GLY A 183 16.21 21.41 -5.27
N GLU A 184 15.28 22.10 -4.60
CA GLU A 184 15.36 23.56 -4.53
C GLU A 184 16.61 23.99 -3.79
N GLU A 185 17.03 23.22 -2.78
CA GLU A 185 18.25 23.56 -2.06
C GLU A 185 19.45 23.55 -3.01
N VAL A 186 19.56 22.52 -3.85
CA VAL A 186 20.67 22.45 -4.79
C VAL A 186 20.57 23.56 -5.81
N VAL A 187 19.36 23.86 -6.30
CA VAL A 187 19.19 24.92 -7.28
C VAL A 187 19.68 26.25 -6.72
N LYS A 188 19.22 26.60 -5.52
CA LYS A 188 19.61 27.87 -4.94
C LYS A 188 21.10 27.90 -4.58
N ALA A 189 21.64 26.78 -4.11
CA ALA A 189 23.06 26.73 -3.81
C ALA A 189 23.89 26.96 -5.06
N LEU A 190 23.50 26.32 -6.17
CA LEU A 190 24.22 26.54 -7.43
C LEU A 190 24.10 27.99 -7.87
N ASN A 191 22.90 28.58 -7.75
CA ASN A 191 22.73 29.97 -8.15
C ASN A 191 23.64 30.89 -7.34
N GLN A 192 23.68 30.69 -6.02
CA GLN A 192 24.47 31.58 -5.17
C GLN A 192 25.97 31.34 -5.36
N LEU A 193 26.38 30.09 -5.62
CA LEU A 193 27.77 29.84 -5.95
C LEU A 193 28.16 30.53 -7.26
N ARG A 194 27.29 30.44 -8.26
CA ARG A 194 27.57 31.07 -9.55
C ARG A 194 27.69 32.58 -9.41
N LYS A 195 26.76 33.20 -8.67
CA LYS A 195 26.83 34.65 -8.51
C LYS A 195 28.01 35.05 -7.62
N ASP A 196 28.43 34.17 -6.71
CA ASP A 196 29.57 34.49 -5.85
C ASP A 196 30.83 34.70 -6.67
N ASN A 197 31.08 33.83 -7.64
CA ASN A 197 32.25 33.94 -8.51
C ASN A 197 32.05 34.94 -9.64
N LYS A 198 30.95 35.69 -9.63
CA LYS A 198 30.67 36.72 -10.63
C LYS A 198 30.45 36.13 -12.01
N GLY A 199 29.89 34.92 -12.09
CA GLY A 199 29.46 34.35 -13.35
C GLY A 199 30.16 33.08 -13.77
N ARG A 200 31.47 33.00 -13.57
CA ARG A 200 32.27 31.89 -14.05
C ARG A 200 32.63 30.97 -12.88
N LEU A 201 32.48 29.66 -13.09
CA LEU A 201 32.87 28.64 -12.12
C LEU A 201 33.83 27.69 -12.83
N LYS A 202 35.10 27.70 -12.41
CA LYS A 202 36.11 26.92 -13.11
C LYS A 202 35.85 25.42 -12.99
N GLY A 203 35.62 24.94 -11.79
CA GLY A 203 35.40 23.52 -11.56
C GLY A 203 34.55 23.28 -10.35
N LEU A 204 33.74 22.23 -10.40
CA LEU A 204 32.82 21.87 -9.34
C LEU A 204 33.09 20.43 -8.89
N VAL A 205 33.01 20.21 -7.59
CA VAL A 205 33.14 18.88 -7.00
C VAL A 205 31.90 18.62 -6.15
N LEU A 206 31.29 17.46 -6.35
CA LEU A 206 30.13 17.04 -5.59
C LEU A 206 30.51 15.88 -4.68
N ASP A 207 29.96 15.87 -3.47
CA ASP A 207 30.27 14.85 -2.49
C ASP A 207 28.99 14.12 -2.10
N LEU A 208 29.02 12.79 -2.20
CA LEU A 208 27.92 11.93 -1.79
C LEU A 208 28.42 10.85 -0.84
N ARG A 209 29.48 11.15 -0.10
CA ARG A 209 30.08 10.15 0.78
C ARG A 209 29.17 9.88 1.97
N ASN A 210 28.86 8.60 2.19
CA ASN A 210 28.02 8.18 3.30
C ASN A 210 26.69 8.93 3.30
N ASN A 211 25.90 8.67 2.25
CA ASN A 211 24.57 9.24 2.11
C ASN A 211 23.54 8.11 2.16
N PRO A 212 22.89 7.88 3.30
CA PRO A 212 22.08 6.66 3.46
C PRO A 212 20.94 6.55 2.47
N GLY A 213 20.46 7.65 1.90
CA GLY A 213 19.40 7.60 0.92
C GLY A 213 18.44 8.75 1.12
N GLY A 214 17.25 8.60 0.54
CA GLY A 214 16.22 9.61 0.65
C GLY A 214 15.15 9.42 -0.42
N VAL A 215 14.24 10.39 -0.47
CA VAL A 215 13.15 10.32 -1.42
C VAL A 215 13.68 10.37 -2.84
N LEU A 216 13.15 9.49 -3.70
CA LEU A 216 13.67 9.36 -5.06
C LEU A 216 13.51 10.65 -5.84
N GLN A 217 12.37 11.32 -5.69
CA GLN A 217 12.10 12.52 -6.49
C GLN A 217 13.19 13.56 -6.30
N SER A 218 13.67 13.73 -5.06
CA SER A 218 14.74 14.70 -4.83
C SER A 218 16.02 14.32 -5.56
N ALA A 219 16.37 13.03 -5.56
CA ALA A 219 17.56 12.60 -6.29
C ALA A 219 17.40 12.86 -7.78
N VAL A 220 16.23 12.56 -8.33
CA VAL A 220 16.00 12.82 -9.75
C VAL A 220 16.08 14.32 -10.02
N GLU A 221 15.57 15.14 -9.11
CA GLU A 221 15.61 16.58 -9.29
C GLU A 221 17.05 17.08 -9.29
N VAL A 222 17.89 16.55 -8.39
CA VAL A 222 19.29 16.94 -8.35
C VAL A 222 19.98 16.54 -9.65
N ALA A 223 19.76 15.29 -10.09
CA ALA A 223 20.35 14.85 -11.34
C ALA A 223 19.94 15.75 -12.50
N ASP A 224 18.66 16.15 -12.53
CA ASP A 224 18.20 17.09 -13.54
C ASP A 224 18.92 18.43 -13.42
N ALA A 225 19.11 18.89 -12.18
CA ALA A 225 19.84 20.14 -11.96
C ALA A 225 21.28 20.03 -12.44
N PHE A 226 21.81 18.81 -12.56
CA PHE A 226 23.14 18.59 -13.11
C PHE A 226 23.09 17.82 -14.44
N LEU A 227 22.13 18.15 -15.30
CA LEU A 227 22.03 17.51 -16.60
C LEU A 227 21.08 18.29 -17.48
N THR A 228 21.50 18.59 -18.70
CA THR A 228 20.67 19.36 -19.62
C THR A 228 19.61 18.48 -20.29
N LYS A 229 19.95 17.25 -20.63
CA LYS A 229 19.04 16.39 -21.38
C LYS A 229 19.36 14.93 -21.10
N GLY A 230 18.45 14.07 -21.51
CA GLY A 230 18.56 12.64 -21.29
C GLY A 230 17.59 12.15 -20.24
N LEU A 231 17.54 10.83 -20.11
CA LEU A 231 16.66 10.18 -19.14
C LEU A 231 17.46 9.80 -17.90
N ILE A 232 16.90 10.10 -16.74
CA ILE A 232 17.64 9.96 -15.49
C ILE A 232 17.58 8.52 -14.98
N VAL A 233 16.39 7.99 -14.79
CA VAL A 233 16.27 6.65 -14.21
C VAL A 233 14.87 6.11 -14.48
N TYR A 234 14.81 4.82 -14.81
CA TYR A 234 13.53 4.14 -14.97
C TYR A 234 13.47 2.95 -14.01
N THR A 235 12.31 2.78 -13.40
CA THR A 235 12.07 1.76 -12.39
C THR A 235 11.08 0.75 -12.94
N LYS A 236 11.41 -0.55 -12.78
CA LYS A 236 10.59 -1.64 -13.27
C LYS A 236 10.16 -2.52 -12.10
N GLY A 237 8.90 -2.95 -12.13
CA GLY A 237 8.37 -3.86 -11.14
C GLY A 237 7.24 -4.66 -11.74
N ARG A 238 6.80 -5.68 -10.99
CA ARG A 238 5.70 -6.52 -11.46
C ARG A 238 4.36 -5.81 -11.41
N ILE A 239 4.29 -4.62 -10.81
CA ILE A 239 3.06 -3.84 -10.73
C ILE A 239 3.19 -2.66 -11.68
N ALA A 240 2.13 -2.42 -12.47
CA ALA A 240 2.18 -1.38 -13.48
C ALA A 240 2.39 -0.01 -12.87
N ASN A 241 1.75 0.26 -11.72
CA ASN A 241 1.83 1.58 -11.12
C ASN A 241 3.28 1.95 -10.80
N SER A 242 4.10 0.96 -10.43
CA SER A 242 5.49 1.25 -10.10
C SER A 242 6.34 1.50 -11.35
N GLU A 243 6.03 0.83 -12.45
CA GLU A 243 6.77 1.02 -13.69
C GLU A 243 6.78 2.50 -14.07
N LEU A 244 7.95 3.12 -14.07
CA LEU A 244 8.03 4.56 -14.28
C LEU A 244 9.35 4.93 -14.94
N ARG A 245 9.40 6.13 -15.49
CA ARG A 245 10.63 6.69 -16.05
C ARG A 245 10.68 8.18 -15.73
N PHE A 246 11.83 8.64 -15.25
CA PHE A 246 12.09 10.04 -14.97
C PHE A 246 13.26 10.53 -15.81
N SER A 247 13.04 11.63 -16.52
CA SER A 247 14.02 12.20 -17.43
C SER A 247 14.22 13.67 -17.11
N ALA A 248 15.38 14.19 -17.54
CA ALA A 248 15.77 15.55 -17.19
C ALA A 248 15.17 16.55 -18.14
N ASP A 249 14.80 17.72 -17.61
CA ASP A 249 14.30 18.83 -18.38
C ASP A 249 15.45 19.62 -18.99
N PRO A 250 15.18 20.41 -20.04
CA PRO A 250 16.28 21.18 -20.66
C PRO A 250 16.95 22.15 -19.71
N ALA A 251 16.27 22.61 -18.67
CA ALA A 251 16.87 23.54 -17.73
C ALA A 251 18.04 22.89 -17.00
N ASP A 252 19.15 23.62 -16.90
CA ASP A 252 20.36 23.13 -16.26
C ASP A 252 21.11 24.31 -15.66
N PRO A 253 20.95 24.55 -14.35
CA PRO A 253 21.69 25.68 -13.73
C PRO A 253 23.20 25.50 -13.73
N SER A 254 23.70 24.28 -13.95
CA SER A 254 25.14 24.06 -13.88
C SER A 254 25.89 24.92 -14.90
N ASP A 255 25.34 25.03 -16.12
CA ASP A 255 25.97 25.81 -17.18
C ASP A 255 27.24 25.13 -17.70
N LYS A 256 27.23 23.80 -17.72
CA LYS A 256 28.32 23.01 -18.30
C LYS A 256 29.65 23.34 -17.63
N VAL A 257 29.72 23.00 -16.34
CA VAL A 257 30.95 23.15 -15.56
C VAL A 257 31.46 21.76 -15.22
N PRO A 258 32.78 21.53 -15.21
CA PRO A 258 33.27 20.18 -14.88
C PRO A 258 32.82 19.75 -13.50
N LEU A 259 32.48 18.47 -13.37
CA LEU A 259 31.91 17.93 -12.15
C LEU A 259 32.61 16.63 -11.78
N VAL A 260 32.88 16.46 -10.49
CA VAL A 260 33.46 15.23 -9.96
C VAL A 260 32.61 14.76 -8.81
N VAL A 261 32.20 13.49 -8.86
CA VAL A 261 31.33 12.90 -7.85
C VAL A 261 32.17 11.96 -7.00
N LEU A 262 32.03 12.08 -5.68
CA LEU A 262 32.69 11.19 -4.74
C LEU A 262 31.66 10.20 -4.20
N ILE A 263 31.92 8.92 -4.40
CA ILE A 263 31.07 7.86 -3.89
C ILE A 263 31.90 6.98 -2.97
N ASN A 264 31.52 6.94 -1.69
CA ASN A 264 32.17 6.11 -0.69
C ASN A 264 31.36 4.83 -0.50
N GLY A 265 31.86 3.96 0.38
CA GLY A 265 31.17 2.73 0.68
C GLY A 265 29.82 2.92 1.37
N GLY A 266 29.53 4.13 1.84
CA GLY A 266 28.29 4.39 2.53
C GLY A 266 27.22 5.06 1.68
N SER A 267 27.53 5.31 0.41
CA SER A 267 26.55 5.92 -0.48
C SER A 267 25.55 4.87 -0.96
N ALA A 268 24.27 5.16 -0.82
CA ALA A 268 23.21 4.18 -0.97
C ALA A 268 22.30 4.53 -2.15
N ALA A 269 21.17 3.83 -2.23
CA ALA A 269 20.28 3.89 -3.38
C ALA A 269 20.06 5.30 -3.91
N ALA A 270 19.56 6.20 -3.06
CA ALA A 270 19.18 7.53 -3.55
C ALA A 270 20.39 8.27 -4.11
N ALA A 271 21.51 8.22 -3.39
CA ALA A 271 22.73 8.86 -3.91
C ALA A 271 23.30 8.11 -5.10
N GLU A 272 23.16 6.78 -5.10
CA GLU A 272 23.65 6.01 -6.25
C GLU A 272 22.87 6.34 -7.51
N ILE A 273 21.61 6.76 -7.37
CA ILE A 273 20.84 7.19 -8.54
C ILE A 273 21.50 8.40 -9.18
N VAL A 274 21.84 9.41 -8.37
CA VAL A 274 22.52 10.59 -8.89
C VAL A 274 23.87 10.20 -9.48
N ALA A 275 24.60 9.33 -8.78
CA ALA A 275 25.91 8.90 -9.29
C ALA A 275 25.78 8.27 -10.66
N GLY A 276 24.86 7.31 -10.82
CA GLY A 276 24.68 6.66 -12.10
C GLY A 276 24.20 7.61 -13.18
N ALA A 277 23.29 8.52 -12.83
CA ALA A 277 22.80 9.48 -13.82
C ALA A 277 23.92 10.39 -14.31
N LEU A 278 24.79 10.82 -13.40
CA LEU A 278 25.88 11.71 -13.79
C LEU A 278 27.04 10.97 -14.45
N GLN A 279 27.15 9.66 -14.24
CA GLN A 279 28.22 8.88 -14.86
C GLN A 279 27.83 8.39 -16.25
N ASP A 280 26.74 7.62 -16.33
CA ASP A 280 26.33 7.06 -17.62
C ASP A 280 26.01 8.14 -18.64
N GLN A 281 25.75 9.37 -18.20
CA GLN A 281 25.53 10.49 -19.10
C GLN A 281 26.83 11.16 -19.52
N LYS A 282 27.97 10.68 -19.04
CA LYS A 282 29.27 11.29 -19.33
C LYS A 282 29.27 12.78 -18.98
N ARG A 283 28.66 13.10 -17.84
CA ARG A 283 28.63 14.47 -17.34
C ARG A 283 29.57 14.68 -16.16
N ALA A 284 29.96 13.62 -15.47
CA ALA A 284 30.83 13.75 -14.30
C ALA A 284 31.67 12.47 -14.18
N ILE A 285 32.77 12.59 -13.44
CA ILE A 285 33.73 11.51 -13.29
C ILE A 285 33.68 11.04 -11.85
N LEU A 286 33.16 9.83 -11.63
CA LEU A 286 33.11 9.26 -10.30
C LEU A 286 34.51 8.93 -9.80
N MET A 287 34.69 9.03 -8.49
CA MET A 287 35.95 8.66 -7.86
C MET A 287 35.68 8.30 -6.41
N GLY A 288 36.50 7.37 -5.89
CA GLY A 288 36.36 6.87 -4.54
C GLY A 288 36.33 5.36 -4.52
N THR A 289 35.74 4.81 -3.47
CA THR A 289 35.58 3.37 -3.32
C THR A 289 34.19 2.96 -3.81
N ASP A 290 34.04 1.67 -4.06
CA ASP A 290 32.76 1.15 -4.52
C ASP A 290 31.63 1.63 -3.62
N SER A 291 30.44 1.73 -4.20
CA SER A 291 29.29 2.24 -3.47
C SER A 291 28.58 1.10 -2.73
N PHE A 292 27.51 1.46 -2.02
CA PHE A 292 26.80 0.49 -1.20
C PHE A 292 26.15 -0.61 -2.04
N GLY A 293 26.00 -0.39 -3.34
CA GLY A 293 25.42 -1.41 -4.21
C GLY A 293 24.01 -1.79 -3.85
N LYS A 294 23.18 -0.80 -3.50
CA LYS A 294 21.79 -1.02 -3.11
C LYS A 294 20.90 -0.56 -4.25
N GLY A 295 20.11 -1.49 -4.80
CA GLY A 295 19.16 -1.14 -5.83
C GLY A 295 17.74 -1.51 -5.46
N SER A 296 16.92 -0.50 -5.18
CA SER A 296 15.52 -0.72 -4.87
C SER A 296 14.80 0.60 -4.68
N VAL A 297 13.51 0.66 -5.02
CA VAL A 297 12.66 1.78 -4.69
C VAL A 297 11.54 1.26 -3.79
N GLN A 298 11.36 1.93 -2.65
CA GLN A 298 10.44 1.48 -1.63
C GLN A 298 9.29 2.47 -1.51
N THR A 299 8.08 1.95 -1.39
CA THR A 299 6.88 2.77 -1.24
C THR A 299 6.30 2.53 0.14
N VAL A 300 5.81 3.60 0.76
CA VAL A 300 5.13 3.53 2.05
C VAL A 300 3.64 3.63 1.78
N LEU A 301 2.90 2.59 2.16
CA LEU A 301 1.48 2.49 1.84
C LEU A 301 0.65 2.83 3.07
N PRO A 302 -0.05 3.96 3.11
CA PRO A 302 -0.73 4.36 4.35
C PRO A 302 -1.72 3.30 4.81
N LEU A 303 -1.80 3.14 6.13
CA LEU A 303 -2.67 2.14 6.74
C LEU A 303 -3.41 2.80 7.91
N ASN A 304 -4.39 2.07 8.43
CA ASN A 304 -5.12 2.56 9.59
C ASN A 304 -4.21 2.60 10.81
N ASN A 305 -4.53 3.51 11.74
CA ASN A 305 -3.70 3.75 12.92
C ASN A 305 -2.29 4.21 12.55
N ASP A 306 -2.20 4.93 11.44
CA ASP A 306 -0.99 5.61 10.97
C ASP A 306 0.28 4.78 11.19
N ARG A 307 0.19 3.47 10.99
CA ARG A 307 1.36 2.59 10.95
C ARG A 307 1.33 1.90 9.59
N ALA A 308 2.18 2.36 8.68
CA ALA A 308 2.12 2.00 7.27
C ALA A 308 3.35 1.20 6.89
N LEU A 309 3.13 0.00 6.35
CA LEU A 309 4.24 -0.83 5.89
C LEU A 309 4.93 -0.18 4.69
N LYS A 310 6.26 -0.21 4.72
CA LYS A 310 7.08 0.23 3.59
C LYS A 310 7.65 -1.00 2.91
N LEU A 311 7.43 -1.10 1.60
CA LEU A 311 7.78 -2.29 0.84
C LEU A 311 8.57 -1.92 -0.40
N THR A 312 9.60 -2.70 -0.69
CA THR A 312 10.34 -2.56 -1.93
C THR A 312 9.44 -2.97 -3.10
N THR A 313 9.07 -2.01 -3.93
CA THR A 313 8.13 -2.26 -5.02
C THR A 313 8.81 -2.60 -6.34
N ALA A 314 9.91 -1.93 -6.67
CA ALA A 314 10.52 -2.09 -7.98
C ALA A 314 12.03 -1.93 -7.87
N LEU A 315 12.73 -2.33 -8.93
CA LEU A 315 14.16 -2.12 -9.07
C LEU A 315 14.38 -1.03 -10.11
N TYR A 316 15.23 -0.06 -9.79
CA TYR A 316 15.57 0.98 -10.75
C TYR A 316 16.76 0.53 -11.59
N TYR A 317 16.96 1.23 -12.71
CA TYR A 317 18.06 0.94 -13.61
C TYR A 317 18.78 2.24 -13.97
N THR A 318 20.08 2.13 -14.21
CA THR A 318 20.84 3.26 -14.72
C THR A 318 20.38 3.55 -16.14
N PRO A 319 20.62 4.77 -16.62
CA PRO A 319 20.13 5.12 -17.97
C PRO A 319 20.62 4.15 -19.04
N ASN A 320 21.85 3.65 -18.91
CA ASN A 320 22.34 2.67 -19.88
C ASN A 320 21.49 1.41 -19.87
N GLY A 321 21.16 0.91 -18.68
CA GLY A 321 20.37 -0.29 -18.56
C GLY A 321 20.86 -1.25 -17.49
N ARG A 322 22.15 -1.14 -17.14
CA ARG A 322 22.70 -2.00 -16.10
C ARG A 322 22.08 -1.67 -14.75
N SER A 323 21.79 -2.71 -13.98
CA SER A 323 21.23 -2.55 -12.64
C SER A 323 22.35 -2.62 -11.61
N ILE A 324 22.43 -1.60 -10.75
CA ILE A 324 23.49 -1.53 -9.75
C ILE A 324 23.20 -2.40 -8.53
N GLN A 325 22.06 -3.09 -8.50
CA GLN A 325 21.70 -3.89 -7.35
C GLN A 325 22.74 -4.96 -7.08
N ALA A 326 23.18 -5.05 -5.83
CA ALA A 326 24.07 -6.09 -5.32
C ALA A 326 25.48 -6.00 -5.89
N GLN A 327 25.75 -5.07 -6.82
CA GLN A 327 27.08 -4.93 -7.39
C GLN A 327 27.52 -3.47 -7.34
N GLY A 328 26.56 -2.55 -7.43
CA GLY A 328 26.88 -1.14 -7.31
C GLY A 328 27.61 -0.59 -8.52
N ILE A 329 28.20 0.58 -8.32
CA ILE A 329 28.91 1.31 -9.36
C ILE A 329 30.39 1.33 -9.01
N VAL A 330 31.22 0.91 -9.95
CA VAL A 330 32.67 0.93 -9.78
C VAL A 330 33.17 2.31 -10.22
N PRO A 331 33.75 3.11 -9.32
CA PRO A 331 34.18 4.45 -9.73
C PRO A 331 35.31 4.39 -10.74
N ASP A 332 35.33 5.41 -11.62
CA ASP A 332 36.35 5.45 -12.66
C ASP A 332 37.75 5.59 -12.06
N ILE A 333 37.90 6.47 -11.08
CA ILE A 333 39.19 6.68 -10.42
C ILE A 333 39.09 6.20 -8.99
N GLU A 334 39.47 4.94 -8.75
CA GLU A 334 39.34 4.34 -7.42
C GLU A 334 40.50 4.82 -6.56
N VAL A 335 40.31 5.98 -5.93
CA VAL A 335 41.28 6.54 -5.00
C VAL A 335 40.74 6.31 -3.59
N GLY A 336 41.48 5.53 -2.79
CA GLY A 336 41.07 5.19 -1.45
C GLY A 336 41.64 6.15 -0.42
N ARG A 337 41.14 6.01 0.80
CA ARG A 337 41.62 6.84 1.90
C ARG A 337 43.10 6.56 2.15
N ALA A 338 43.89 7.63 2.28
CA ALA A 338 45.32 7.50 2.47
C ALA A 338 45.88 8.81 2.98
N LYS A 339 47.10 8.75 3.48
CA LYS A 339 47.85 9.93 3.95
C LYS A 339 49.07 10.11 3.07
N VAL A 340 49.31 11.34 2.64
CA VAL A 340 50.40 11.66 1.71
C VAL A 340 51.49 12.40 2.49
N THR A 341 52.72 11.89 2.40
CA THR A 341 53.88 12.52 3.00
C THR A 341 54.80 13.01 1.90
N GLN A 342 55.21 14.27 2.01
CA GLN A 342 56.03 14.89 0.97
C GLN A 342 57.45 14.32 0.99
N GLU A 378 40.94 27.88 6.74
CA GLU A 378 39.94 26.83 6.86
C GLU A 378 39.71 26.16 5.52
N ARG A 379 40.64 25.29 5.14
CA ARG A 379 40.60 24.62 3.84
C ARG A 379 40.35 23.13 4.03
N PRO A 380 39.18 22.62 3.69
CA PRO A 380 38.93 21.18 3.86
C PRO A 380 39.87 20.29 3.08
N GLN A 381 40.38 20.75 1.94
CA GLN A 381 41.14 19.87 1.06
C GLN A 381 42.38 19.33 1.73
N ASP A 382 43.07 20.15 2.53
CA ASP A 382 44.30 19.70 3.16
C ASP A 382 44.06 18.52 4.08
N SER A 383 42.99 18.59 4.88
CA SER A 383 42.72 17.50 5.82
C SER A 383 42.20 16.26 5.08
N ASP A 384 41.29 16.43 4.13
CA ASP A 384 40.65 15.33 3.45
C ASP A 384 41.47 14.94 2.21
N TYR A 385 41.88 13.68 2.14
CA TYR A 385 42.72 13.25 1.03
C TYR A 385 41.93 13.16 -0.27
N GLN A 386 40.75 12.55 -0.22
CA GLN A 386 39.95 12.39 -1.43
C GLN A 386 39.56 13.73 -2.03
N LEU A 387 39.19 14.69 -1.16
CA LEU A 387 38.85 16.02 -1.66
C LEU A 387 40.06 16.68 -2.32
N SER A 388 41.24 16.51 -1.73
CA SER A 388 42.45 17.07 -2.33
C SER A 388 42.71 16.45 -3.70
N GLN A 389 42.55 15.12 -3.81
CA GLN A 389 42.75 14.47 -5.11
C GLN A 389 41.75 14.98 -6.13
N ALA A 390 40.48 15.12 -5.73
CA ALA A 390 39.46 15.62 -6.65
C ALA A 390 39.78 17.05 -7.10
N LEU A 391 40.20 17.89 -6.16
CA LEU A 391 40.55 19.26 -6.51
C LEU A 391 41.73 19.29 -7.47
N SER A 392 42.74 18.46 -7.24
CA SER A 392 43.87 18.40 -8.16
C SER A 392 43.43 17.95 -9.53
N LEU A 393 42.57 16.93 -9.60
CA LEU A 393 42.11 16.44 -10.91
C LEU A 393 41.35 17.54 -11.64
N LEU A 394 40.47 18.25 -10.94
CA LEU A 394 39.72 19.33 -11.58
C LEU A 394 40.64 20.44 -12.04
N LYS A 395 41.64 20.78 -11.21
CA LYS A 395 42.59 21.80 -11.62
C LYS A 395 43.32 21.40 -12.90
N GLY A 396 43.78 20.15 -12.95
CA GLY A 396 44.48 19.70 -14.15
C GLY A 396 43.59 19.70 -15.38
N LEU A 397 42.35 19.23 -15.22
CA LEU A 397 41.42 19.21 -16.35
C LEU A 397 41.14 20.62 -16.85
N SER A 398 40.89 21.56 -15.93
CA SER A 398 40.63 22.94 -16.34
C SER A 398 41.85 23.54 -17.02
N VAL A 399 43.04 23.29 -16.49
CA VAL A 399 44.25 23.87 -17.07
C VAL A 399 44.47 23.33 -18.47
N THR A 400 44.37 22.00 -18.63
CA THR A 400 44.54 21.42 -19.96
C THR A 400 43.42 21.86 -20.91
N ARG A 401 42.28 22.31 -20.37
CA ARG A 401 41.30 22.98 -21.21
C ARG A 401 41.74 24.41 -21.55
N GLY A 402 42.56 25.02 -20.70
CA GLY A 402 43.01 26.37 -20.94
C GLY A 402 41.91 27.40 -20.89
N ASN A 403 40.92 27.20 -20.03
CA ASN A 403 39.79 28.12 -19.91
C ASN A 403 39.56 28.51 -18.45
N SER B 5 -18.82 -12.01 27.53
CA SER B 5 -17.37 -12.04 27.52
C SER B 5 -16.82 -10.85 26.74
N ALA B 6 -15.49 -10.80 26.60
CA ALA B 6 -14.86 -9.70 25.88
C ALA B 6 -15.00 -9.89 24.38
N PRO B 7 -15.05 -8.80 23.62
CA PRO B 7 -15.20 -8.92 22.17
C PRO B 7 -13.93 -9.46 21.52
N LEU B 8 -14.11 -10.09 20.37
CA LEU B 8 -12.97 -10.60 19.62
C LEU B 8 -12.23 -9.46 18.91
N PRO B 9 -10.94 -9.62 18.65
CA PRO B 9 -10.16 -8.57 17.96
C PRO B 9 -10.20 -8.71 16.45
N LEU B 10 -11.42 -8.72 15.90
CA LEU B 10 -11.58 -8.97 14.47
C LEU B 10 -10.97 -7.86 13.62
N ASP B 11 -10.94 -6.63 14.14
CA ASP B 11 -10.34 -5.53 13.40
C ASP B 11 -8.90 -5.86 13.03
N GLU B 12 -8.12 -6.36 14.00
CA GLU B 12 -6.74 -6.67 13.72
C GLU B 12 -6.61 -7.79 12.69
N LEU B 13 -7.48 -8.80 12.76
CA LEU B 13 -7.41 -9.87 11.79
C LEU B 13 -7.71 -9.35 10.38
N ARG B 14 -8.69 -8.45 10.28
CA ARG B 14 -8.94 -7.79 9.00
C ARG B 14 -7.69 -7.07 8.52
N THR B 15 -7.03 -6.34 9.42
CA THR B 15 -5.81 -5.63 9.06
C THR B 15 -4.74 -6.59 8.56
N PHE B 16 -4.56 -7.72 9.25
CA PHE B 16 -3.52 -8.67 8.87
C PHE B 16 -3.80 -9.26 7.50
N ALA B 17 -5.04 -9.66 7.25
CA ALA B 17 -5.38 -10.21 5.95
C ALA B 17 -5.18 -9.19 4.85
N GLU B 18 -5.61 -7.94 5.09
CA GLU B 18 -5.42 -6.89 4.12
C GLU B 18 -3.93 -6.71 3.81
N VAL B 19 -3.10 -6.69 4.84
CA VAL B 19 -1.66 -6.49 4.63
C VAL B 19 -1.08 -7.65 3.85
N LEU B 20 -1.49 -8.88 4.18
CA LEU B 20 -0.97 -10.05 3.46
C LEU B 20 -1.28 -9.96 1.98
N ASP B 21 -2.55 -9.70 1.65
CA ASP B 21 -2.92 -9.63 0.24
C ASP B 21 -2.24 -8.46 -0.47
N ARG B 22 -2.15 -7.31 0.20
CA ARG B 22 -1.50 -6.16 -0.41
C ARG B 22 -0.04 -6.45 -0.68
N VAL B 23 0.65 -7.11 0.25
CA VAL B 23 2.05 -7.46 0.04
C VAL B 23 2.18 -8.43 -1.12
N LYS B 24 1.31 -9.44 -1.18
CA LYS B 24 1.32 -10.31 -2.34
C LYS B 24 1.18 -9.52 -3.64
N ALA B 25 0.33 -8.49 -3.63
CA ALA B 25 0.06 -7.75 -4.86
C ALA B 25 1.22 -6.86 -5.27
N ALA B 26 1.83 -6.16 -4.32
CA ALA B 26 2.74 -5.05 -4.62
C ALA B 26 4.17 -5.33 -4.17
N TYR B 27 4.71 -6.49 -4.50
CA TYR B 27 6.10 -6.82 -4.25
C TYR B 27 6.91 -6.67 -5.53
N VAL B 28 8.23 -6.76 -5.41
CA VAL B 28 9.09 -6.70 -6.59
C VAL B 28 8.94 -7.98 -7.41
N GLU B 29 8.88 -9.12 -6.74
CA GLU B 29 8.84 -10.42 -7.40
C GLU B 29 7.57 -11.15 -6.99
N PRO B 30 7.08 -12.06 -7.83
CA PRO B 30 5.88 -12.82 -7.45
C PRO B 30 6.19 -13.80 -6.33
N VAL B 31 5.57 -13.59 -5.17
CA VAL B 31 5.81 -14.39 -3.98
C VAL B 31 4.52 -15.11 -3.63
N ASP B 32 4.56 -16.44 -3.64
CA ASP B 32 3.39 -17.22 -3.29
C ASP B 32 3.11 -17.11 -1.80
N ASP B 33 1.83 -17.18 -1.45
CA ASP B 33 1.40 -16.91 -0.08
C ASP B 33 1.97 -17.91 0.91
N LYS B 34 2.42 -19.09 0.46
CA LYS B 34 3.02 -20.05 1.37
C LYS B 34 4.26 -19.47 2.05
N THR B 35 5.14 -18.86 1.25
CA THR B 35 6.34 -18.25 1.82
C THR B 35 5.97 -17.10 2.75
N LEU B 36 4.98 -16.30 2.38
CA LEU B 36 4.54 -15.19 3.22
C LEU B 36 4.05 -15.70 4.56
N LEU B 37 3.25 -16.75 4.56
CA LEU B 37 2.73 -17.30 5.81
C LEU B 37 3.83 -17.90 6.66
N GLU B 38 4.79 -18.59 6.02
CA GLU B 38 5.92 -19.12 6.78
C GLU B 38 6.72 -17.99 7.43
N ASN B 39 6.94 -16.90 6.70
CA ASN B 39 7.63 -15.75 7.27
C ASN B 39 6.84 -15.16 8.42
N ALA B 40 5.51 -15.12 8.29
CA ALA B 40 4.68 -14.63 9.37
C ALA B 40 4.86 -15.48 10.62
N ILE B 41 4.88 -16.80 10.45
CA ILE B 41 5.06 -17.69 11.59
C ILE B 41 6.41 -17.43 12.25
N LYS B 42 7.46 -17.37 11.44
CA LYS B 42 8.80 -17.15 11.99
C LYS B 42 8.86 -15.84 12.77
N GLY B 43 8.27 -14.78 12.22
CA GLY B 43 8.28 -13.51 12.92
C GLY B 43 7.49 -13.53 14.21
N MET B 44 6.29 -14.11 14.19
CA MET B 44 5.49 -14.17 15.41
C MET B 44 6.20 -14.96 16.48
N LEU B 45 7.07 -15.90 16.08
CA LEU B 45 7.82 -16.67 17.07
C LEU B 45 9.12 -16.01 17.49
N SER B 46 9.69 -15.14 16.66
CA SER B 46 10.98 -14.53 16.97
C SER B 46 10.86 -13.17 17.65
N ASN B 47 9.99 -12.28 17.15
CA ASN B 47 9.96 -10.91 17.64
C ASN B 47 9.74 -10.85 19.14
N LEU B 48 8.86 -11.71 19.66
CA LEU B 48 8.53 -11.65 21.09
C LEU B 48 9.61 -12.23 21.97
N ASP B 49 10.30 -13.28 21.52
CA ASP B 49 11.26 -14.01 22.36
C ASP B 49 12.46 -14.41 21.50
N PRO B 50 13.60 -13.74 21.66
CA PRO B 50 14.73 -14.03 20.75
C PRO B 50 15.17 -15.47 20.75
N HIS B 51 15.18 -16.15 21.91
CA HIS B 51 15.70 -17.51 21.96
C HIS B 51 14.80 -18.48 21.20
N SER B 52 13.50 -18.28 21.25
CA SER B 52 12.57 -19.19 20.59
C SER B 52 12.66 -19.04 19.08
N ALA B 53 12.32 -20.11 18.37
CA ALA B 53 12.37 -20.11 16.92
C ALA B 53 11.48 -21.22 16.39
N TYR B 54 11.20 -21.14 15.09
CA TYR B 54 10.32 -22.09 14.41
C TYR B 54 11.18 -23.10 13.65
N LEU B 55 11.05 -24.37 14.02
CA LEU B 55 11.81 -25.46 13.42
C LEU B 55 10.89 -26.27 12.52
N GLY B 56 11.08 -26.13 11.20
CA GLY B 56 10.26 -26.83 10.24
C GLY B 56 10.35 -28.33 10.40
N PRO B 57 9.51 -29.07 9.68
CA PRO B 57 9.54 -30.54 9.81
C PRO B 57 10.90 -31.14 9.53
N GLU B 58 11.60 -30.63 8.50
CA GLU B 58 12.95 -31.10 8.25
C GLU B 58 13.90 -30.64 9.35
N ASP B 59 13.68 -29.45 9.90
CA ASP B 59 14.49 -29.01 11.03
C ASP B 59 14.31 -29.94 12.23
N PHE B 60 13.06 -30.32 12.53
CA PHE B 60 12.82 -31.26 13.61
C PHE B 60 13.45 -32.61 13.31
N ALA B 61 13.36 -33.06 12.05
CA ALA B 61 13.94 -34.35 11.67
C ALA B 61 15.45 -34.35 11.91
N GLU B 62 16.15 -33.32 11.42
CA GLU B 62 17.59 -33.25 11.62
C GLU B 62 17.94 -33.05 13.09
N LEU B 63 17.06 -32.39 13.85
CA LEU B 63 17.33 -32.22 15.28
C LEU B 63 17.16 -33.53 16.04
N GLN B 64 16.29 -34.42 15.57
CA GLN B 64 16.14 -35.72 16.20
C GLN B 64 17.46 -36.48 16.20
N GLU B 65 18.16 -36.47 15.06
CA GLU B 65 19.48 -37.08 14.94
C GLU B 65 20.42 -35.99 14.40
N SER B 66 21.16 -35.35 15.30
CA SER B 66 22.05 -34.26 14.91
C SER B 66 23.27 -34.82 14.19
N THR B 67 24.19 -33.93 13.85
CA THR B 67 25.39 -34.33 13.13
C THR B 67 26.26 -35.22 14.00
N SER B 68 27.15 -35.97 13.35
CA SER B 68 28.02 -36.91 14.05
C SER B 68 29.05 -36.20 14.92
N GLY B 69 29.21 -34.89 14.78
CA GLY B 69 30.17 -34.13 15.56
C GLY B 69 31.50 -33.90 14.90
N GLU B 70 31.64 -34.25 13.61
CA GLU B 70 32.89 -33.99 12.92
C GLU B 70 33.16 -32.49 12.80
N PHE B 71 32.12 -31.67 12.81
CA PHE B 71 32.28 -30.23 12.76
C PHE B 71 32.42 -29.68 14.17
N GLY B 72 33.54 -29.00 14.44
CA GLY B 72 33.77 -28.44 15.76
C GLY B 72 33.01 -27.15 15.97
N GLY B 73 33.64 -26.18 16.62
CA GLY B 73 32.99 -24.91 16.86
C GLY B 73 33.95 -23.93 17.50
N LEU B 74 33.41 -22.77 17.85
CA LEU B 74 34.19 -21.71 18.47
C LEU B 74 34.13 -21.72 19.99
N GLY B 75 33.29 -22.57 20.58
CA GLY B 75 33.15 -22.58 22.02
C GLY B 75 32.73 -21.23 22.56
N ILE B 76 31.71 -20.63 21.95
CA ILE B 76 31.17 -19.35 22.39
C ILE B 76 29.67 -19.52 22.56
N GLU B 77 29.16 -19.15 23.73
CA GLU B 77 27.74 -19.14 23.99
C GLU B 77 27.24 -17.70 23.90
N VAL B 78 26.23 -17.48 23.06
CA VAL B 78 25.73 -16.16 22.72
C VAL B 78 24.26 -16.08 23.12
N GLY B 79 23.88 -14.90 23.61
CA GLY B 79 22.49 -14.62 23.93
C GLY B 79 22.00 -13.39 23.19
N SER B 80 20.97 -13.56 22.36
CA SER B 80 20.46 -12.47 21.54
C SER B 80 19.80 -11.43 22.44
N GLU B 81 20.38 -10.24 22.52
CA GLU B 81 19.82 -9.13 23.28
C GLU B 81 19.75 -7.90 22.41
N ASP B 82 18.65 -7.14 22.56
CA ASP B 82 18.45 -5.87 21.86
C ASP B 82 18.84 -5.95 20.40
N GLY B 83 18.55 -7.08 19.75
CA GLY B 83 18.81 -7.24 18.34
C GLY B 83 20.25 -7.50 17.96
N PHE B 84 21.15 -7.63 18.95
CA PHE B 84 22.55 -7.89 18.71
C PHE B 84 22.92 -9.22 19.36
N ILE B 85 23.57 -10.09 18.60
CA ILE B 85 24.03 -11.37 19.13
C ILE B 85 25.14 -11.06 20.15
N LYS B 86 24.85 -11.24 21.43
CA LYS B 86 25.75 -10.90 22.51
C LYS B 86 26.38 -12.18 23.05
N VAL B 87 27.70 -12.20 23.14
CA VAL B 87 28.42 -13.36 23.64
C VAL B 87 28.26 -13.43 25.15
N VAL B 88 27.33 -14.27 25.62
CA VAL B 88 27.13 -14.39 27.06
C VAL B 88 28.37 -14.95 27.73
N SER B 89 29.06 -15.88 27.08
CA SER B 89 30.27 -16.40 27.70
C SER B 89 31.15 -17.17 26.70
N PRO B 90 32.44 -16.84 26.61
CA PRO B 90 33.37 -17.71 25.88
C PRO B 90 33.88 -18.81 26.77
N ILE B 91 33.55 -20.07 26.43
CA ILE B 91 33.95 -21.19 27.28
C ILE B 91 35.48 -21.23 27.36
N ASP B 92 35.98 -21.43 28.57
CA ASP B 92 37.42 -21.51 28.78
C ASP B 92 38.01 -22.68 27.98
N ASP B 93 39.33 -22.61 27.77
CA ASP B 93 40.06 -23.66 27.06
C ASP B 93 39.50 -23.87 25.66
N THR B 94 39.65 -22.84 24.83
CA THR B 94 39.12 -22.85 23.48
C THR B 94 39.71 -21.66 22.73
N PRO B 95 39.88 -21.75 21.41
CA PRO B 95 40.38 -20.58 20.67
C PRO B 95 39.66 -19.29 21.01
N ALA B 96 38.35 -19.35 21.24
CA ALA B 96 37.64 -18.18 21.75
C ALA B 96 38.21 -17.73 23.09
N ALA B 97 38.47 -18.68 23.99
CA ALA B 97 39.11 -18.34 25.25
C ALA B 97 40.55 -17.89 25.02
N ARG B 98 41.30 -18.64 24.21
CA ARG B 98 42.70 -18.29 23.96
C ARG B 98 42.80 -16.90 23.33
N ALA B 99 41.96 -16.62 22.33
CA ALA B 99 41.89 -15.29 21.78
C ALA B 99 41.20 -14.35 22.77
N GLY B 100 41.31 -13.05 22.51
CA GLY B 100 40.78 -12.07 23.43
C GLY B 100 39.32 -11.77 23.18
N ILE B 101 38.44 -12.45 23.92
CA ILE B 101 37.02 -12.18 23.92
C ILE B 101 36.53 -12.24 25.37
N GLN B 102 35.68 -11.30 25.75
CA GLN B 102 35.19 -11.21 27.11
C GLN B 102 33.67 -11.23 27.12
N PRO B 103 33.05 -11.67 28.21
CA PRO B 103 31.58 -11.67 28.27
C PRO B 103 31.03 -10.27 28.09
N GLY B 104 29.89 -10.19 27.41
CA GLY B 104 29.28 -8.91 27.09
C GLY B 104 29.67 -8.34 25.75
N ASP B 105 30.60 -8.96 25.04
CA ASP B 105 30.97 -8.48 23.71
C ASP B 105 29.86 -8.80 22.71
N LEU B 106 29.64 -7.88 21.79
CA LEU B 106 28.62 -8.03 20.75
C LEU B 106 29.30 -8.40 19.45
N ILE B 107 28.92 -9.54 18.88
CA ILE B 107 29.44 -9.99 17.59
C ILE B 107 28.47 -9.44 16.54
N VAL B 108 28.68 -8.18 16.16
CA VAL B 108 27.77 -7.52 15.25
C VAL B 108 27.80 -8.18 13.88
N GLN B 109 29.00 -8.42 13.35
CA GLN B 109 29.17 -8.97 12.01
C GLN B 109 30.03 -10.21 12.08
N ILE B 110 29.56 -11.28 11.46
CA ILE B 110 30.29 -12.55 11.40
C ILE B 110 30.42 -12.96 9.94
N ASP B 111 31.65 -13.16 9.48
CA ASP B 111 31.92 -13.60 8.12
C ASP B 111 31.37 -12.60 7.09
N GLY B 112 31.29 -11.33 7.45
CA GLY B 112 30.84 -10.29 6.55
C GLY B 112 29.35 -10.08 6.48
N LYS B 113 28.56 -10.92 7.14
CA LYS B 113 27.10 -10.80 7.12
C LYS B 113 26.64 -10.14 8.41
N PRO B 114 26.03 -8.96 8.38
CA PRO B 114 25.53 -8.36 9.62
C PRO B 114 24.55 -9.27 10.32
N THR B 115 24.66 -9.35 11.64
CA THR B 115 23.82 -10.23 12.44
C THR B 115 22.55 -9.55 12.94
N LYS B 116 22.49 -8.22 12.93
CA LYS B 116 21.26 -7.54 13.30
C LYS B 116 20.12 -8.00 12.39
N GLY B 117 18.98 -8.32 12.99
CA GLY B 117 17.89 -8.89 12.25
C GLY B 117 18.04 -10.36 11.91
N GLN B 118 18.95 -11.05 12.59
CA GLN B 118 19.20 -12.47 12.37
C GLN B 118 19.08 -13.18 13.70
N SER B 119 18.32 -14.29 13.73
CA SER B 119 18.10 -15.00 14.96
C SER B 119 19.38 -15.73 15.39
N MET B 120 19.47 -16.02 16.69
CA MET B 120 20.69 -16.59 17.24
C MET B 120 20.94 -18.01 16.75
N THR B 121 19.87 -18.77 16.44
CA THR B 121 20.05 -20.15 16.04
C THR B 121 20.86 -20.25 14.75
N GLU B 122 20.49 -19.48 13.73
CA GLU B 122 21.24 -19.53 12.49
C GLU B 122 22.63 -18.94 12.66
N ALA B 123 22.78 -17.93 13.51
CA ALA B 123 24.10 -17.38 13.75
C ALA B 123 25.04 -18.43 14.34
N VAL B 124 24.57 -19.16 15.36
CA VAL B 124 25.41 -20.18 15.98
C VAL B 124 25.65 -21.33 15.02
N ASP B 125 24.64 -21.70 14.22
CA ASP B 125 24.83 -22.76 13.24
C ASP B 125 25.90 -22.38 12.22
N SER B 126 25.86 -21.12 11.74
CA SER B 126 26.89 -20.66 10.83
C SER B 126 28.26 -20.63 11.52
N MET B 127 28.28 -20.29 12.81
CA MET B 127 29.53 -20.31 13.55
C MET B 127 30.11 -21.72 13.57
N ARG B 128 29.26 -22.73 13.77
CA ARG B 128 29.71 -24.11 13.68
C ARG B 128 30.27 -24.38 12.29
N GLY B 129 31.38 -25.12 12.24
CA GLY B 129 32.00 -25.41 10.96
C GLY B 129 32.99 -26.55 11.10
N LYS B 130 33.65 -26.84 9.99
CA LYS B 130 34.58 -27.97 9.94
C LYS B 130 35.76 -27.73 10.88
N ALA B 131 36.32 -28.83 11.38
CA ALA B 131 37.42 -28.74 12.33
C ALA B 131 38.61 -28.01 11.73
N GLY B 132 39.20 -27.12 12.53
CA GLY B 132 40.41 -26.42 12.13
C GLY B 132 40.22 -25.53 10.91
N SER B 133 39.14 -24.77 10.86
CA SER B 133 38.90 -23.87 9.75
C SER B 133 38.95 -22.42 10.22
N PRO B 134 39.56 -21.52 9.44
CA PRO B 134 39.63 -20.12 9.86
C PRO B 134 38.29 -19.42 9.72
N ILE B 135 38.11 -18.37 10.51
CA ILE B 135 36.90 -17.57 10.46
C ILE B 135 37.16 -16.25 11.18
N THR B 136 36.58 -15.18 10.65
CA THR B 136 36.76 -13.84 11.18
C THR B 136 35.38 -13.24 11.50
N LEU B 137 35.30 -12.55 12.63
CA LEU B 137 34.06 -11.91 13.06
C LEU B 137 34.39 -10.61 13.77
N THR B 138 33.50 -9.63 13.63
CA THR B 138 33.66 -8.34 14.28
C THR B 138 33.20 -8.41 15.73
N ILE B 139 33.65 -7.45 16.52
CA ILE B 139 33.29 -7.35 17.93
C ILE B 139 33.14 -5.88 18.29
N VAL B 140 32.03 -5.55 18.95
CA VAL B 140 31.82 -4.21 19.48
C VAL B 140 31.90 -4.31 21.01
N ARG B 141 33.10 -4.13 21.55
CA ARG B 141 33.35 -4.36 22.97
C ARG B 141 33.19 -3.07 23.75
N ASP B 142 32.40 -3.13 24.82
CA ASP B 142 32.19 -2.01 25.73
C ASP B 142 32.00 -0.70 24.98
N GLY B 143 31.32 -0.73 23.85
CA GLY B 143 31.09 0.45 23.05
C GLY B 143 32.22 0.82 22.12
N GLY B 144 33.33 0.11 22.17
CA GLY B 144 34.43 0.40 21.26
C GLY B 144 34.10 0.05 19.83
N ARG B 145 34.84 0.67 18.92
CA ARG B 145 34.56 0.49 17.50
C ARG B 145 34.85 -0.95 17.09
N PRO B 146 34.22 -1.44 16.02
CA PRO B 146 34.45 -2.82 15.60
C PRO B 146 35.91 -3.10 15.28
N PHE B 147 36.37 -4.30 15.62
CA PHE B 147 37.70 -4.75 15.25
C PHE B 147 37.62 -6.22 14.86
N ASP B 148 38.06 -6.52 13.64
CA ASP B 148 38.01 -7.89 13.16
C ASP B 148 38.90 -8.79 14.01
N VAL B 149 38.41 -10.00 14.29
CA VAL B 149 39.15 -11.00 15.03
C VAL B 149 39.09 -12.30 14.24
N GLU B 150 40.25 -12.79 13.81
CA GLU B 150 40.36 -14.02 13.04
C GLU B 150 40.86 -15.13 13.94
N LEU B 151 40.25 -16.31 13.84
CA LEU B 151 40.62 -17.42 14.68
C LEU B 151 40.21 -18.72 14.00
N LYS B 152 40.81 -19.82 14.44
CA LYS B 152 40.60 -21.13 13.86
C LYS B 152 39.67 -21.95 14.73
N ARG B 153 38.59 -22.47 14.14
CA ARG B 153 37.63 -23.29 14.85
C ARG B 153 38.02 -24.76 14.74
N ALA B 154 37.88 -25.50 15.84
CA ALA B 154 38.15 -26.92 15.87
C ALA B 154 37.34 -27.56 16.99
N ILE B 155 37.11 -28.86 16.86
CA ILE B 155 36.40 -29.59 17.91
C ILE B 155 37.09 -29.37 19.23
N ILE B 156 36.31 -29.07 20.27
CA ILE B 156 36.84 -28.75 21.59
C ILE B 156 36.18 -29.65 22.61
N LYS B 157 36.99 -30.31 23.44
CA LYS B 157 36.53 -31.03 24.61
C LYS B 157 37.17 -30.42 25.84
N VAL B 158 36.36 -30.03 26.81
CA VAL B 158 36.83 -29.36 28.02
C VAL B 158 36.46 -30.21 29.23
N LYS B 159 37.46 -30.53 30.05
CA LYS B 159 37.19 -31.21 31.31
C LYS B 159 36.27 -30.35 32.15
N SER B 160 35.19 -30.95 32.65
CA SER B 160 34.14 -30.18 33.30
C SER B 160 34.66 -29.48 34.55
N VAL B 161 35.33 -30.22 35.42
CA VAL B 161 35.76 -29.71 36.73
C VAL B 161 37.28 -29.88 36.85
N LYS B 162 37.96 -28.80 37.23
CA LYS B 162 39.40 -28.84 37.50
C LYS B 162 39.64 -28.32 38.91
N SER B 163 40.27 -29.14 39.74
CA SER B 163 40.51 -28.80 41.14
C SER B 163 41.97 -28.41 41.36
N GLN B 164 42.21 -27.71 42.47
CA GLN B 164 43.56 -27.29 42.84
C GLN B 164 43.56 -26.90 44.30
N VAL B 165 44.75 -26.67 44.84
CA VAL B 165 44.94 -26.30 46.25
C VAL B 165 45.74 -25.01 46.29
N LEU B 166 45.26 -24.02 47.05
CA LEU B 166 45.93 -22.73 47.17
C LEU B 166 46.86 -22.69 48.38
N GLU B 167 46.29 -22.83 49.57
CA GLU B 167 46.99 -22.68 50.84
C GLU B 167 46.44 -23.73 51.80
N PRO B 168 47.20 -24.07 52.85
CA PRO B 168 46.72 -25.10 53.79
C PRO B 168 45.27 -24.92 54.18
N GLY B 169 44.45 -25.93 53.90
CA GLY B 169 43.04 -25.88 54.23
C GLY B 169 42.16 -25.22 53.19
N TYR B 170 42.73 -24.68 52.12
CA TYR B 170 41.98 -23.96 51.10
C TYR B 170 42.24 -24.57 49.74
N ALA B 171 41.17 -24.77 48.97
CA ALA B 171 41.27 -25.34 47.64
C ALA B 171 40.29 -24.64 46.71
N TYR B 172 40.59 -24.70 45.42
CA TYR B 172 39.89 -23.93 44.40
C TYR B 172 39.41 -24.90 43.34
N LEU B 173 38.11 -24.87 43.03
CA LEU B 173 37.44 -25.91 42.25
C LEU B 173 36.70 -25.24 41.09
N ARG B 174 37.41 -25.05 39.98
CA ARG B 174 36.84 -24.37 38.82
C ARG B 174 35.94 -25.34 38.05
N ILE B 175 34.80 -24.83 37.58
CA ILE B 175 33.83 -25.61 36.83
C ILE B 175 33.81 -25.05 35.42
N THR B 176 34.57 -25.66 34.52
CA THR B 176 34.63 -25.17 33.14
C THR B 176 33.25 -25.16 32.50
N GLN B 177 32.55 -26.30 32.55
CA GLN B 177 31.26 -26.42 31.90
C GLN B 177 30.52 -27.61 32.50
N PHE B 178 29.20 -27.48 32.60
CA PHE B 178 28.35 -28.51 33.18
C PHE B 178 28.08 -29.59 32.13
N GLN B 179 28.59 -30.79 32.38
CA GLN B 179 28.37 -31.94 31.51
C GLN B 179 27.45 -32.93 32.21
N VAL B 180 27.07 -33.98 31.48
CA VAL B 180 26.16 -34.98 32.03
C VAL B 180 26.77 -35.67 33.23
N ASN B 181 28.07 -35.93 33.18
CA ASN B 181 28.78 -36.60 34.26
C ASN B 181 29.36 -35.64 35.28
N THR B 182 29.09 -34.33 35.15
CA THR B 182 29.75 -33.34 35.97
C THR B 182 29.53 -33.62 37.46
N GLY B 183 28.38 -34.17 37.82
CA GLY B 183 28.13 -34.44 39.23
C GLY B 183 29.09 -35.46 39.81
N GLU B 184 29.30 -36.57 39.08
CA GLU B 184 30.21 -37.60 39.54
C GLU B 184 31.63 -37.06 39.65
N GLU B 185 32.07 -36.31 38.64
CA GLU B 185 33.43 -35.77 38.66
C GLU B 185 33.59 -34.77 39.80
N VAL B 186 32.58 -33.93 40.04
CA VAL B 186 32.66 -32.96 41.13
C VAL B 186 32.76 -33.67 42.46
N VAL B 187 31.94 -34.71 42.67
CA VAL B 187 32.00 -35.46 43.92
C VAL B 187 33.38 -36.10 44.08
N LYS B 188 33.90 -36.69 43.00
CA LYS B 188 35.21 -37.33 43.07
C LYS B 188 36.29 -36.32 43.41
N ALA B 189 36.26 -35.14 42.79
CA ALA B 189 37.27 -34.13 43.05
C ALA B 189 37.18 -33.62 44.47
N LEU B 190 35.95 -33.42 44.97
CA LEU B 190 35.79 -33.00 46.35
C LEU B 190 36.35 -34.04 47.31
N ASN B 191 36.09 -35.32 47.03
CA ASN B 191 36.64 -36.38 47.89
C ASN B 191 38.15 -36.40 47.83
N GLN B 192 38.73 -36.24 46.64
CA GLN B 192 40.18 -36.21 46.50
C GLN B 192 40.76 -35.07 47.33
N LEU B 193 40.17 -33.89 47.22
CA LEU B 193 40.68 -32.74 47.96
C LEU B 193 40.55 -32.95 49.46
N ARG B 194 39.42 -33.51 49.91
CA ARG B 194 39.25 -33.78 51.34
C ARG B 194 40.31 -34.76 51.82
N LYS B 195 40.56 -35.82 51.07
CA LYS B 195 41.56 -36.80 51.50
C LYS B 195 42.95 -36.21 51.48
N ASP B 196 43.27 -35.36 50.50
CA ASP B 196 44.58 -34.73 50.45
C ASP B 196 44.78 -33.78 51.62
N ASN B 197 43.73 -33.05 52.01
CA ASN B 197 43.85 -32.07 53.08
C ASN B 197 44.06 -32.72 54.44
N LYS B 198 43.81 -34.02 54.56
CA LYS B 198 43.94 -34.79 55.80
C LYS B 198 42.88 -34.42 56.83
N GLY B 199 41.99 -33.48 56.51
CA GLY B 199 40.97 -33.05 57.45
C GLY B 199 39.98 -32.17 56.73
N ARG B 200 38.95 -31.75 57.46
CA ARG B 200 37.95 -30.87 56.89
C ARG B 200 38.63 -29.60 56.37
N LEU B 201 38.28 -29.21 55.15
CA LEU B 201 38.90 -28.04 54.56
C LEU B 201 38.58 -26.80 55.38
N LYS B 202 39.41 -25.77 55.22
CA LYS B 202 39.17 -24.49 55.86
C LYS B 202 38.27 -23.59 55.02
N GLY B 203 37.74 -24.11 53.91
CA GLY B 203 36.93 -23.33 53.00
C GLY B 203 37.33 -23.59 51.56
N LEU B 204 36.36 -23.98 50.74
CA LEU B 204 36.61 -24.41 49.36
C LEU B 204 36.03 -23.37 48.41
N VAL B 205 36.83 -22.37 48.06
CA VAL B 205 36.40 -21.35 47.11
C VAL B 205 35.96 -22.04 45.82
N LEU B 206 34.74 -21.77 45.40
CA LEU B 206 34.16 -22.38 44.20
C LEU B 206 34.08 -21.31 43.12
N ASP B 207 34.73 -21.57 41.99
CA ASP B 207 34.89 -20.58 40.93
C ASP B 207 33.95 -20.92 39.78
N LEU B 208 32.72 -20.44 39.88
CA LEU B 208 31.74 -20.58 38.80
C LEU B 208 31.63 -19.26 38.05
N ARG B 209 32.58 -19.05 37.14
CA ARG B 209 32.63 -17.84 36.34
C ARG B 209 33.06 -18.21 34.92
N ASN B 210 32.61 -17.39 33.96
CA ASN B 210 32.81 -17.68 32.54
C ASN B 210 32.31 -19.08 32.22
N ASN B 211 31.15 -19.43 32.76
CA ASN B 211 30.61 -20.78 32.65
C ASN B 211 29.29 -20.73 31.90
N PRO B 212 29.26 -21.08 30.61
CA PRO B 212 27.98 -21.07 29.88
C PRO B 212 26.94 -22.04 30.41
N GLY B 213 27.27 -22.86 31.40
CA GLY B 213 26.31 -23.78 31.97
C GLY B 213 25.95 -24.89 31.01
N GLY B 214 25.25 -25.89 31.54
CA GLY B 214 24.87 -27.04 30.75
C GLY B 214 23.59 -27.69 31.21
N VAL B 215 23.58 -29.02 31.27
CA VAL B 215 22.38 -29.74 31.66
C VAL B 215 22.01 -29.37 33.09
N LEU B 216 20.77 -28.90 33.26
CA LEU B 216 20.32 -28.46 34.58
C LEU B 216 20.47 -29.56 35.63
N GLN B 217 20.29 -30.82 35.22
CA GLN B 217 20.43 -31.92 36.16
C GLN B 217 21.80 -31.91 36.82
N SER B 218 22.85 -31.60 36.06
CA SER B 218 24.18 -31.51 36.63
C SER B 218 24.28 -30.38 37.64
N ALA B 219 23.66 -29.23 37.35
CA ALA B 219 23.68 -28.13 38.30
C ALA B 219 22.99 -28.52 39.59
N VAL B 220 21.84 -29.19 39.51
CA VAL B 220 21.16 -29.65 40.70
C VAL B 220 22.03 -30.65 41.45
N GLU B 221 22.71 -31.54 40.71
CA GLU B 221 23.57 -32.52 41.34
C GLU B 221 24.66 -31.84 42.15
N VAL B 222 25.33 -30.85 41.56
CA VAL B 222 26.41 -30.16 42.26
C VAL B 222 25.86 -29.42 43.47
N ALA B 223 24.77 -28.67 43.29
CA ALA B 223 24.18 -27.93 44.39
C ALA B 223 23.90 -28.86 45.56
N ASP B 224 23.27 -30.00 45.29
CA ASP B 224 23.00 -30.96 46.35
C ASP B 224 24.30 -31.50 46.95
N ALA B 225 25.30 -31.75 46.10
CA ALA B 225 26.59 -32.22 46.61
C ALA B 225 27.17 -31.25 47.63
N PHE B 226 26.90 -29.96 47.48
CA PHE B 226 27.26 -29.02 48.53
C PHE B 226 26.20 -28.86 49.60
N LEU B 227 24.93 -29.04 49.25
CA LEU B 227 23.82 -28.65 50.10
C LEU B 227 23.13 -29.90 50.66
N THR B 228 22.83 -29.86 51.95
CA THR B 228 22.21 -30.99 52.64
C THR B 228 20.69 -30.93 52.66
N LYS B 229 20.10 -29.73 52.63
CA LYS B 229 18.66 -29.59 52.73
C LYS B 229 18.20 -28.39 51.91
N GLY B 230 16.89 -28.25 51.79
CA GLY B 230 16.29 -27.20 51.00
C GLY B 230 15.97 -27.66 49.60
N LEU B 231 15.40 -26.74 48.82
CA LEU B 231 15.08 -26.98 47.43
C LEU B 231 15.99 -26.11 46.57
N ILE B 232 16.72 -26.75 45.65
CA ILE B 232 17.76 -26.05 44.92
C ILE B 232 17.16 -25.06 43.94
N VAL B 233 16.12 -25.46 43.22
CA VAL B 233 15.54 -24.61 42.19
C VAL B 233 14.17 -25.15 41.79
N TYR B 234 13.24 -24.24 41.49
CA TYR B 234 11.92 -24.64 40.99
C TYR B 234 11.55 -23.79 39.79
N THR B 235 11.01 -24.45 38.77
CA THR B 235 10.65 -23.82 37.50
C THR B 235 9.15 -23.60 37.46
N LYS B 236 8.76 -22.41 37.01
CA LYS B 236 7.35 -22.02 36.89
C LYS B 236 7.06 -21.62 35.45
N GLY B 237 5.87 -21.99 34.98
CA GLY B 237 5.44 -21.68 33.62
C GLY B 237 3.93 -21.80 33.53
N ARG B 238 3.39 -21.25 32.44
CA ARG B 238 1.93 -21.19 32.30
C ARG B 238 1.32 -22.57 32.18
N ILE B 239 1.90 -23.45 31.38
CA ILE B 239 1.31 -24.78 31.22
C ILE B 239 1.40 -25.54 32.53
N ALA B 240 0.42 -26.42 32.77
CA ALA B 240 0.32 -27.08 34.07
C ALA B 240 1.55 -27.92 34.35
N ASN B 241 2.06 -28.64 33.35
CA ASN B 241 3.25 -29.46 33.54
C ASN B 241 4.51 -28.63 33.74
N SER B 242 4.44 -27.31 33.53
CA SER B 242 5.62 -26.47 33.69
C SER B 242 6.18 -26.56 35.10
N GLU B 243 5.31 -26.50 36.10
CA GLU B 243 5.75 -26.51 37.49
C GLU B 243 6.68 -27.69 37.73
N LEU B 244 7.89 -27.38 38.20
CA LEU B 244 8.87 -28.41 38.51
C LEU B 244 9.72 -27.91 39.67
N ARG B 245 10.38 -28.84 40.35
CA ARG B 245 11.24 -28.44 41.44
C ARG B 245 12.24 -29.54 41.74
N PHE B 246 13.32 -29.15 42.42
CA PHE B 246 14.35 -30.08 42.86
C PHE B 246 14.61 -29.88 44.34
N SER B 247 15.23 -30.88 44.96
CA SER B 247 15.54 -30.83 46.39
C SER B 247 16.82 -31.61 46.65
N ALA B 248 17.44 -31.31 47.79
CA ALA B 248 18.74 -31.86 48.15
C ALA B 248 18.59 -32.84 49.30
N ASP B 249 19.09 -34.05 49.11
CA ASP B 249 19.07 -35.06 50.16
C ASP B 249 20.15 -34.75 51.20
N PRO B 250 20.05 -35.32 52.40
CA PRO B 250 21.02 -35.01 53.45
C PRO B 250 22.45 -35.38 53.09
N ALA B 251 22.67 -36.29 52.15
CA ALA B 251 24.02 -36.66 51.75
C ALA B 251 24.86 -35.42 51.47
N ASP B 252 25.92 -35.23 52.24
CA ASP B 252 26.73 -34.02 52.21
C ASP B 252 28.19 -34.40 52.03
N PRO B 253 28.64 -34.65 50.80
CA PRO B 253 30.07 -34.89 50.57
C PRO B 253 30.93 -33.69 50.90
N SER B 254 30.35 -32.48 50.95
CA SER B 254 31.13 -31.28 51.19
C SER B 254 31.76 -31.23 52.58
N ASP B 255 31.33 -32.10 53.49
CA ASP B 255 31.92 -32.15 54.83
C ASP B 255 31.79 -30.80 55.56
N LYS B 256 30.67 -30.12 55.36
CA LYS B 256 30.39 -28.86 56.06
C LYS B 256 31.52 -27.85 55.90
N VAL B 257 32.25 -27.95 54.80
CA VAL B 257 33.37 -27.03 54.55
C VAL B 257 32.80 -25.64 54.31
N PRO B 258 33.48 -24.57 54.74
CA PRO B 258 33.04 -23.23 54.35
C PRO B 258 33.15 -23.06 52.85
N LEU B 259 32.35 -22.15 52.30
CA LEU B 259 32.27 -21.97 50.87
C LEU B 259 32.18 -20.49 50.53
N VAL B 260 32.79 -20.12 49.41
CA VAL B 260 32.71 -18.78 48.86
C VAL B 260 32.69 -18.88 47.35
N VAL B 261 31.57 -18.53 46.75
CA VAL B 261 31.39 -18.67 45.31
C VAL B 261 31.82 -17.38 44.63
N LEU B 262 32.23 -17.49 43.38
CA LEU B 262 32.58 -16.34 42.55
C LEU B 262 31.66 -16.30 41.34
N ILE B 263 31.22 -15.11 40.97
CA ILE B 263 30.32 -14.89 39.85
C ILE B 263 30.89 -13.77 39.00
N ASN B 264 31.42 -14.11 37.84
CA ASN B 264 31.87 -13.13 36.88
C ASN B 264 30.67 -12.66 36.07
N GLY B 265 30.90 -11.83 35.05
CA GLY B 265 29.82 -11.40 34.18
C GLY B 265 29.44 -12.39 33.11
N GLY B 266 30.09 -13.56 33.08
CA GLY B 266 29.81 -14.56 32.07
C GLY B 266 29.29 -15.86 32.64
N SER B 267 28.41 -15.77 33.63
CA SER B 267 27.79 -16.95 34.24
C SER B 267 26.38 -17.11 33.68
N ALA B 268 26.08 -18.31 33.20
CA ALA B 268 24.84 -18.59 32.49
C ALA B 268 23.86 -19.31 33.41
N ALA B 269 22.76 -19.81 32.82
CA ALA B 269 21.63 -20.32 33.59
C ALA B 269 22.06 -21.31 34.65
N ALA B 270 22.65 -22.44 34.23
CA ALA B 270 22.98 -23.50 35.19
C ALA B 270 23.86 -22.97 36.31
N ALA B 271 24.96 -22.31 35.95
CA ALA B 271 25.82 -21.71 36.97
C ALA B 271 25.05 -20.67 37.77
N GLU B 272 24.25 -19.85 37.09
CA GLU B 272 23.38 -18.92 37.80
C GLU B 272 22.54 -19.65 38.82
N ILE B 273 21.93 -20.77 38.43
CA ILE B 273 21.00 -21.46 39.32
C ILE B 273 21.73 -22.00 40.53
N VAL B 274 22.87 -22.68 40.33
CA VAL B 274 23.58 -23.25 41.46
C VAL B 274 24.07 -22.15 42.40
N ALA B 275 24.65 -21.07 41.84
CA ALA B 275 25.13 -19.99 42.68
C ALA B 275 24.00 -19.33 43.45
N GLY B 276 22.87 -19.08 42.78
CA GLY B 276 21.74 -18.48 43.46
C GLY B 276 21.20 -19.35 44.56
N ALA B 277 21.09 -20.65 44.32
CA ALA B 277 20.61 -21.56 45.35
C ALA B 277 21.54 -21.52 46.56
N LEU B 278 22.85 -21.61 46.32
CA LEU B 278 23.79 -21.60 47.43
C LEU B 278 23.69 -20.30 48.22
N GLN B 279 23.63 -19.16 47.54
CA GLN B 279 23.55 -17.88 48.25
C GLN B 279 22.25 -17.78 49.04
N ASP B 280 21.11 -18.02 48.36
CA ASP B 280 19.82 -17.87 49.00
C ASP B 280 19.59 -18.86 50.13
N GLN B 281 20.37 -19.95 50.16
CA GLN B 281 20.31 -20.87 51.28
C GLN B 281 21.32 -20.52 52.38
N LYS B 282 22.00 -19.39 52.26
CA LYS B 282 22.96 -18.92 53.25
C LYS B 282 24.10 -19.90 53.46
N ARG B 283 24.30 -20.82 52.52
CA ARG B 283 25.37 -21.81 52.64
C ARG B 283 26.69 -21.29 52.10
N ALA B 284 26.72 -20.07 51.56
CA ALA B 284 27.93 -19.53 50.97
C ALA B 284 27.80 -18.01 50.88
N ILE B 285 28.74 -17.39 50.16
CA ILE B 285 28.67 -15.98 49.82
C ILE B 285 29.27 -15.80 48.43
N LEU B 286 28.79 -14.78 47.73
CA LEU B 286 29.19 -14.54 46.35
C LEU B 286 30.04 -13.30 46.27
N MET B 287 30.91 -13.25 45.25
CA MET B 287 31.78 -12.10 45.03
C MET B 287 32.24 -12.12 43.59
N GLY B 288 31.91 -11.06 42.86
CA GLY B 288 32.27 -10.95 41.46
C GLY B 288 31.25 -10.11 40.72
N THR B 289 31.39 -10.08 39.41
CA THR B 289 30.48 -9.31 38.57
C THR B 289 29.15 -10.03 38.42
N ASP B 290 28.08 -9.25 38.28
CA ASP B 290 26.73 -9.80 38.26
C ASP B 290 26.57 -10.77 37.10
N SER B 291 25.78 -11.82 37.34
CA SER B 291 25.55 -12.83 36.33
C SER B 291 24.84 -12.22 35.11
N PHE B 292 24.87 -12.98 34.01
CA PHE B 292 24.24 -12.50 32.78
C PHE B 292 22.74 -12.35 32.96
N GLY B 293 22.09 -13.34 33.58
CA GLY B 293 20.67 -13.30 33.82
C GLY B 293 19.85 -14.30 33.04
N LYS B 294 20.44 -15.03 32.10
CA LYS B 294 19.67 -15.99 31.31
C LYS B 294 19.13 -17.09 32.23
N GLY B 295 17.81 -17.25 32.22
CA GLY B 295 17.17 -18.26 33.04
C GLY B 295 15.98 -18.92 32.35
N SER B 296 15.82 -18.66 31.06
CA SER B 296 14.72 -19.26 30.32
C SER B 296 14.95 -20.76 30.16
N VAL B 297 13.91 -21.46 29.71
CA VAL B 297 13.96 -22.89 29.44
C VAL B 297 13.37 -23.09 28.04
N GLN B 298 14.23 -23.11 27.03
CA GLN B 298 13.78 -23.37 25.67
C GLN B 298 13.48 -24.86 25.53
N THR B 299 12.25 -25.19 25.13
CA THR B 299 11.82 -26.56 24.95
C THR B 299 11.18 -26.72 23.59
N VAL B 300 11.41 -27.86 22.96
CA VAL B 300 10.87 -28.18 21.65
C VAL B 300 9.59 -28.98 21.85
N LEU B 301 8.48 -28.48 21.31
CA LEU B 301 7.21 -29.19 21.37
C LEU B 301 6.62 -29.28 19.96
N PRO B 302 6.12 -30.44 19.55
CA PRO B 302 5.46 -30.53 18.23
C PRO B 302 4.05 -29.97 18.27
N LEU B 303 3.58 -29.58 17.08
CA LEU B 303 2.20 -29.17 16.89
C LEU B 303 1.46 -30.06 15.90
N ASN B 304 2.01 -30.24 14.69
CA ASN B 304 1.39 -31.10 13.67
C ASN B 304 2.30 -31.14 12.46
N ASN B 305 1.94 -32.01 11.51
CA ASN B 305 2.67 -32.16 10.26
C ASN B 305 4.15 -32.46 10.50
N ASP B 306 4.42 -33.28 11.52
CA ASP B 306 5.77 -33.75 11.81
C ASP B 306 6.75 -32.60 11.92
N ARG B 307 6.34 -31.54 12.61
CA ARG B 307 7.21 -30.40 12.87
C ARG B 307 7.00 -29.94 14.31
N ALA B 308 7.94 -29.16 14.81
CA ALA B 308 7.91 -28.70 16.20
C ALA B 308 8.55 -27.33 16.30
N LEU B 309 8.22 -26.62 17.37
CA LEU B 309 8.77 -25.29 17.62
C LEU B 309 9.41 -25.25 18.99
N LYS B 310 10.45 -24.42 19.12
CA LYS B 310 11.19 -24.26 20.35
C LYS B 310 10.73 -22.96 21.01
N LEU B 311 10.17 -23.07 22.21
CA LEU B 311 9.65 -21.91 22.93
C LEU B 311 9.99 -22.04 24.40
N THR B 312 10.02 -20.88 25.08
CA THR B 312 10.39 -20.83 26.49
C THR B 312 9.17 -21.25 27.32
N THR B 313 9.08 -22.56 27.57
CA THR B 313 7.93 -23.09 28.29
C THR B 313 7.86 -22.55 29.71
N ALA B 314 8.99 -22.45 30.40
CA ALA B 314 9.00 -22.06 31.81
C ALA B 314 10.33 -21.39 32.12
N LEU B 315 10.35 -20.66 33.24
CA LEU B 315 11.56 -20.01 33.71
C LEU B 315 11.84 -20.41 35.15
N TYR B 316 13.12 -20.33 35.51
CA TYR B 316 13.61 -20.84 36.79
C TYR B 316 13.30 -19.88 37.94
N TYR B 317 13.47 -20.38 39.15
CA TYR B 317 13.37 -19.57 40.36
C TYR B 317 14.23 -20.22 41.44
N THR B 318 15.01 -19.38 42.11
CA THR B 318 15.81 -19.80 43.26
C THR B 318 14.91 -19.96 44.48
N PRO B 319 15.32 -20.79 45.45
CA PRO B 319 14.39 -21.13 46.54
C PRO B 319 13.82 -19.94 47.28
N ASN B 320 14.61 -18.89 47.51
CA ASN B 320 14.13 -17.75 48.27
C ASN B 320 13.16 -16.88 47.48
N GLY B 321 12.78 -17.29 46.27
CA GLY B 321 11.78 -16.59 45.50
C GLY B 321 12.31 -15.55 44.54
N ARG B 322 13.61 -15.24 44.59
CA ARG B 322 14.17 -14.27 43.66
C ARG B 322 14.03 -14.77 42.23
N SER B 323 13.71 -13.87 41.32
CA SER B 323 13.56 -14.21 39.91
C SER B 323 14.94 -14.17 39.26
N ILE B 324 15.49 -15.35 38.93
CA ILE B 324 16.79 -15.43 38.31
C ILE B 324 16.81 -14.82 36.92
N GLN B 325 15.65 -14.51 36.36
CA GLN B 325 15.55 -13.85 35.06
C GLN B 325 15.26 -12.37 35.25
N ALA B 326 15.86 -11.55 34.40
CA ALA B 326 15.72 -10.10 34.38
C ALA B 326 16.41 -9.40 35.54
N GLN B 327 16.97 -10.16 36.49
CA GLN B 327 17.71 -9.58 37.60
C GLN B 327 19.12 -10.14 37.76
N GLY B 328 19.44 -11.27 37.16
CA GLY B 328 20.73 -11.85 37.44
C GLY B 328 20.82 -12.21 38.92
N ILE B 329 22.06 -12.22 39.41
CA ILE B 329 22.33 -12.44 40.82
C ILE B 329 23.26 -11.34 41.31
N VAL B 330 22.90 -10.70 42.41
CA VAL B 330 23.70 -9.63 43.00
C VAL B 330 24.49 -10.24 44.16
N PRO B 331 25.81 -10.33 44.07
CA PRO B 331 26.58 -10.93 45.16
C PRO B 331 26.50 -10.08 46.42
N ASP B 332 26.48 -10.76 47.57
CA ASP B 332 26.41 -10.05 48.84
C ASP B 332 27.60 -9.12 49.02
N ILE B 333 28.73 -9.43 48.40
CA ILE B 333 29.88 -8.53 48.33
C ILE B 333 30.36 -8.53 46.89
N GLU B 334 30.92 -7.40 46.45
CA GLU B 334 31.29 -7.22 45.07
C GLU B 334 32.79 -6.93 44.95
N VAL B 335 33.37 -7.32 43.81
CA VAL B 335 34.77 -7.09 43.53
C VAL B 335 34.95 -7.11 42.02
N GLY B 336 35.84 -6.26 41.53
CA GLY B 336 36.13 -6.16 40.10
C GLY B 336 37.45 -6.82 39.77
N ARG B 337 37.43 -7.69 38.78
CA ARG B 337 38.65 -8.37 38.34
C ARG B 337 39.67 -7.35 37.84
N ALA B 338 40.94 -7.62 38.11
CA ALA B 338 42.02 -6.74 37.68
C ALA B 338 43.37 -7.44 37.81
N SER B 377 56.85 -18.34 38.10
CA SER B 377 55.49 -18.18 37.64
C SER B 377 54.64 -17.51 38.71
N GLU B 378 53.35 -17.30 38.39
CA GLU B 378 52.41 -16.64 39.29
C GLU B 378 51.42 -17.66 39.82
N ARG B 379 51.16 -17.61 41.12
CA ARG B 379 50.25 -18.57 41.74
C ARG B 379 48.80 -18.19 41.42
N PRO B 380 47.89 -19.17 41.43
CA PRO B 380 46.49 -18.84 41.11
C PRO B 380 45.91 -17.78 42.01
N GLN B 381 46.28 -17.79 43.30
CA GLN B 381 45.75 -16.80 44.24
C GLN B 381 46.21 -15.38 43.92
N ASP B 382 47.20 -15.21 43.06
CA ASP B 382 47.71 -13.89 42.72
C ASP B 382 47.46 -13.51 41.27
N SER B 383 47.23 -14.47 40.38
CA SER B 383 47.06 -14.15 38.97
C SER B 383 45.87 -13.23 38.76
N ASP B 384 44.74 -13.51 39.43
CA ASP B 384 43.54 -12.70 39.31
C ASP B 384 43.19 -12.11 40.66
N TYR B 385 42.76 -10.85 40.64
CA TYR B 385 42.47 -10.14 41.87
C TYR B 385 41.30 -10.78 42.61
N GLN B 386 40.26 -11.21 41.89
CA GLN B 386 39.09 -11.77 42.54
C GLN B 386 39.42 -12.99 43.37
N LEU B 387 40.25 -13.89 42.82
CA LEU B 387 40.61 -15.08 43.57
C LEU B 387 41.38 -14.71 44.83
N SER B 388 42.30 -13.74 44.73
CA SER B 388 43.02 -13.30 45.92
C SER B 388 42.07 -12.78 46.97
N GLN B 389 41.13 -11.93 46.57
CA GLN B 389 40.16 -11.39 47.52
C GLN B 389 39.35 -12.50 48.17
N ALA B 390 38.89 -13.46 47.37
CA ALA B 390 38.08 -14.54 47.91
C ALA B 390 38.86 -15.36 48.92
N LEU B 391 40.09 -15.75 48.56
CA LEU B 391 40.89 -16.57 49.46
C LEU B 391 41.20 -15.80 50.75
N SER B 392 41.56 -14.52 50.64
CA SER B 392 41.87 -13.74 51.83
C SER B 392 40.65 -13.60 52.74
N LEU B 393 39.49 -13.29 52.15
CA LEU B 393 38.28 -13.15 52.96
C LEU B 393 37.93 -14.46 53.64
N LEU B 394 38.06 -15.58 52.92
CA LEU B 394 37.77 -16.87 53.52
C LEU B 394 38.75 -17.18 54.65
N LYS B 395 40.03 -16.85 54.45
CA LYS B 395 41.01 -17.03 55.50
C LYS B 395 40.64 -16.25 56.74
N GLY B 396 40.27 -14.97 56.55
CA GLY B 396 39.87 -14.17 57.68
C GLY B 396 38.65 -14.73 58.39
N LEU B 397 37.66 -15.17 57.63
CA LEU B 397 36.44 -15.73 58.23
C LEU B 397 36.78 -16.98 59.04
N SER B 398 37.57 -17.89 58.47
CA SER B 398 37.91 -19.12 59.17
C SER B 398 38.71 -18.83 60.43
N VAL B 399 39.66 -17.90 60.35
CA VAL B 399 40.47 -17.57 61.52
C VAL B 399 39.61 -16.96 62.61
N THR B 400 38.72 -16.04 62.23
CA THR B 400 37.85 -15.40 63.22
C THR B 400 36.93 -16.41 63.89
N ARG B 401 36.31 -17.31 63.11
CA ARG B 401 35.39 -18.26 63.68
C ARG B 401 36.09 -19.19 64.66
N GLY B 402 37.29 -19.65 64.32
CA GLY B 402 38.07 -20.51 65.20
C GLY B 402 37.86 -21.99 64.99
N ASN B 403 36.86 -22.39 64.19
CA ASN B 403 36.61 -23.81 63.94
C ASN B 403 37.53 -24.33 62.84
N LYS C 14 -10.42 -7.35 28.44
CA LYS C 14 -10.62 -6.24 27.50
C LYS C 14 -11.00 -6.78 26.13
N TYR C 15 -10.12 -7.60 25.56
CA TYR C 15 -10.37 -8.28 24.30
C TYR C 15 -10.45 -9.78 24.54
N GLY C 16 -11.41 -10.43 23.88
CA GLY C 16 -11.56 -11.87 24.02
C GLY C 16 -10.39 -12.62 23.43
N SER C 17 -10.59 -13.91 23.16
CA SER C 17 -9.54 -14.76 22.63
C SER C 17 -10.08 -15.61 21.49
N PHE C 18 -9.18 -16.01 20.60
CA PHE C 18 -9.51 -16.83 19.44
C PHE C 18 -9.20 -18.29 19.75
N SER C 19 -10.21 -19.15 19.62
CA SER C 19 -9.95 -20.56 19.49
C SER C 19 -9.32 -20.84 18.13
N GLU C 20 -8.53 -21.92 18.07
CA GLU C 20 -7.77 -22.20 16.86
C GLU C 20 -8.68 -22.24 15.63
N ASP C 21 -9.76 -23.02 15.71
CA ASP C 21 -10.64 -23.16 14.55
C ASP C 21 -11.29 -21.83 14.19
N SER C 22 -11.63 -21.02 15.20
CA SER C 22 -12.22 -19.70 14.90
C SER C 22 -11.25 -18.85 14.10
N LEU C 23 -9.99 -18.82 14.51
CA LEU C 23 -8.99 -18.06 13.77
C LEU C 23 -8.84 -18.59 12.35
N TYR C 24 -8.77 -19.91 12.20
CA TYR C 24 -8.65 -20.51 10.87
C TYR C 24 -9.82 -20.10 10.00
N SER C 25 -11.04 -20.19 10.52
CA SER C 25 -12.23 -19.89 9.74
C SER C 25 -12.24 -18.42 9.33
N LEU C 26 -12.00 -17.51 10.27
CA LEU C 26 -12.05 -16.09 9.93
C LEU C 26 -10.96 -15.74 8.93
N LEU C 27 -9.74 -16.28 9.12
CA LEU C 27 -8.65 -15.97 8.20
C LEU C 27 -8.99 -16.44 6.79
N VAL C 28 -9.42 -17.69 6.64
CA VAL C 28 -9.73 -18.20 5.31
C VAL C 28 -10.89 -17.43 4.71
N ALA C 29 -11.88 -17.07 5.53
CA ALA C 29 -13.03 -16.34 5.02
C ALA C 29 -12.62 -14.99 4.46
N GLU C 30 -11.77 -14.27 5.19
CA GLU C 30 -11.38 -12.93 4.72
C GLU C 30 -10.44 -13.02 3.53
N LEU C 31 -9.57 -14.03 3.49
CA LEU C 31 -8.75 -14.23 2.30
C LEU C 31 -9.63 -14.48 1.08
N ALA C 32 -10.61 -15.38 1.22
CA ALA C 32 -11.52 -15.65 0.10
C ALA C 32 -12.26 -14.39 -0.30
N GLY C 33 -12.71 -13.60 0.68
CA GLY C 33 -13.40 -12.36 0.36
C GLY C 33 -12.53 -11.41 -0.43
N GLN C 34 -11.25 -11.31 -0.06
CA GLN C 34 -10.34 -10.47 -0.83
C GLN C 34 -10.18 -11.02 -2.25
N ARG C 35 -10.11 -12.33 -2.39
CA ARG C 35 -10.11 -12.94 -3.72
C ARG C 35 -11.50 -12.96 -4.34
N ASN C 36 -12.50 -12.37 -3.67
CA ASN C 36 -13.87 -12.18 -4.15
C ASN C 36 -14.68 -13.46 -4.15
N ARG C 37 -14.18 -14.55 -3.58
CA ARG C 37 -14.96 -15.79 -3.43
C ARG C 37 -15.89 -15.66 -2.22
N PHE C 38 -16.80 -14.69 -2.32
CA PHE C 38 -17.58 -14.27 -1.17
C PHE C 38 -18.50 -15.36 -0.63
N ASP C 39 -18.77 -16.41 -1.41
CA ASP C 39 -19.59 -17.50 -0.88
C ASP C 39 -18.92 -18.15 0.34
N ILE C 40 -17.65 -18.50 0.20
CA ILE C 40 -16.92 -19.07 1.34
C ILE C 40 -16.87 -18.08 2.49
N ALA C 41 -16.62 -16.81 2.17
CA ALA C 41 -16.56 -15.79 3.21
C ALA C 41 -17.85 -15.74 4.01
N LEU C 42 -18.99 -15.67 3.32
CA LEU C 42 -20.27 -15.58 4.01
C LEU C 42 -20.55 -16.84 4.82
N SER C 43 -20.31 -18.02 4.24
CA SER C 43 -20.57 -19.26 4.97
C SER C 43 -19.75 -19.31 6.26
N ASN C 44 -18.44 -19.12 6.14
CA ASN C 44 -17.58 -19.19 7.31
C ASN C 44 -17.94 -18.12 8.33
N TYR C 45 -18.18 -16.89 7.88
CA TYR C 45 -18.50 -15.81 8.80
C TYR C 45 -19.79 -16.08 9.54
N VAL C 46 -20.81 -16.58 8.85
CA VAL C 46 -22.08 -16.86 9.52
C VAL C 46 -21.90 -17.97 10.55
N VAL C 47 -21.15 -19.03 10.19
CA VAL C 47 -20.93 -20.12 11.13
C VAL C 47 -20.22 -19.61 12.38
N GLN C 48 -19.15 -18.82 12.17
CA GLN C 48 -18.39 -18.31 13.31
C GLN C 48 -19.21 -17.33 14.14
N ALA C 49 -20.06 -16.54 13.48
CA ALA C 49 -20.92 -15.62 14.22
C ALA C 49 -21.89 -16.39 15.12
N GLN C 50 -22.48 -17.45 14.59
CA GLN C 50 -23.38 -18.26 15.40
C GLN C 50 -22.62 -18.90 16.56
N LYS C 51 -21.42 -19.41 16.30
CA LYS C 51 -20.66 -20.06 17.37
C LYS C 51 -20.25 -19.07 18.45
N THR C 52 -19.42 -18.08 18.09
CA THR C 52 -18.92 -17.15 19.09
C THR C 52 -20.01 -16.20 19.56
N ARG C 53 -20.85 -15.71 18.65
CA ARG C 53 -21.91 -14.75 18.97
C ARG C 53 -21.36 -13.41 19.41
N ASP C 54 -20.08 -13.14 19.13
CA ASP C 54 -19.52 -11.84 19.44
C ASP C 54 -20.09 -10.78 18.50
N PRO C 55 -20.23 -9.54 18.96
CA PRO C 55 -20.77 -8.50 18.07
C PRO C 55 -19.98 -8.32 16.79
N GLY C 56 -18.64 -8.39 16.86
CA GLY C 56 -17.83 -8.08 15.70
C GLY C 56 -18.04 -9.06 14.56
N VAL C 57 -17.88 -10.35 14.84
CA VAL C 57 -18.02 -11.35 13.79
C VAL C 57 -19.44 -11.33 13.22
N SER C 58 -20.43 -11.24 14.11
CA SER C 58 -21.81 -11.22 13.64
C SER C 58 -22.08 -10.03 12.74
N GLU C 59 -21.62 -8.83 13.15
CA GLU C 59 -21.86 -7.64 12.34
C GLU C 59 -21.16 -7.74 11.00
N ARG C 60 -19.91 -8.21 10.99
CA ARG C 60 -19.19 -8.34 9.72
C ARG C 60 -19.91 -9.33 8.80
N ALA C 61 -20.36 -10.45 9.36
CA ALA C 61 -21.09 -11.43 8.57
C ALA C 61 -22.38 -10.83 8.02
N PHE C 62 -23.09 -10.05 8.84
CA PHE C 62 -24.32 -9.42 8.38
C PHE C 62 -24.04 -8.45 7.24
N ARG C 63 -22.96 -7.67 7.36
CA ARG C 63 -22.61 -6.75 6.28
C ARG C 63 -22.29 -7.50 5.00
N ILE C 64 -21.55 -8.59 5.10
CA ILE C 64 -21.24 -9.37 3.90
C ILE C 64 -22.52 -9.92 3.29
N ALA C 65 -23.42 -10.44 4.12
CA ALA C 65 -24.67 -10.99 3.62
C ALA C 65 -25.51 -9.92 2.95
N GLU C 66 -25.60 -8.74 3.56
CA GLU C 66 -26.35 -7.64 2.95
C GLU C 66 -25.75 -7.26 1.60
N TYR C 67 -24.41 -7.20 1.52
CA TYR C 67 -23.77 -6.90 0.25
C TYR C 67 -24.13 -7.94 -0.80
N LEU C 68 -24.13 -9.22 -0.41
CA LEU C 68 -24.55 -10.27 -1.35
C LEU C 68 -26.06 -10.32 -1.49
N GLY C 69 -26.78 -10.38 -0.37
CA GLY C 69 -28.23 -10.33 -0.39
C GLY C 69 -28.91 -11.68 -0.29
N ALA C 70 -28.45 -12.52 0.64
CA ALA C 70 -29.09 -13.80 0.93
C ALA C 70 -30.07 -13.58 2.08
N ASP C 71 -31.36 -13.67 1.78
CA ASP C 71 -32.38 -13.30 2.77
C ASP C 71 -32.27 -14.17 4.02
N GLN C 72 -32.14 -15.49 3.83
CA GLN C 72 -32.07 -16.39 4.99
C GLN C 72 -30.84 -16.07 5.84
N GLU C 73 -29.66 -16.06 5.22
CA GLU C 73 -28.44 -15.75 5.96
C GLU C 73 -28.47 -14.33 6.49
N ALA C 74 -29.00 -13.39 5.71
CA ALA C 74 -29.12 -12.02 6.18
C ALA C 74 -29.91 -11.95 7.47
N LEU C 75 -31.08 -12.59 7.51
CA LEU C 75 -31.91 -12.55 8.71
C LEU C 75 -31.24 -13.27 9.88
N ASP C 76 -30.65 -14.44 9.62
CA ASP C 76 -30.00 -15.17 10.71
C ASP C 76 -28.90 -14.32 11.32
N THR C 77 -28.03 -13.76 10.49
CA THR C 77 -26.93 -12.95 11.01
C THR C 77 -27.44 -11.70 11.69
N SER C 78 -28.49 -11.07 11.14
CA SER C 78 -29.03 -9.86 11.75
C SER C 78 -29.55 -10.14 13.15
N LEU C 79 -30.38 -11.17 13.30
CA LEU C 79 -30.92 -11.48 14.61
C LEU C 79 -29.82 -11.91 15.58
N LEU C 80 -28.83 -12.66 15.09
CA LEU C 80 -27.74 -13.07 15.97
C LEU C 80 -26.93 -11.87 16.44
N TRP C 81 -26.66 -10.92 15.54
CA TRP C 81 -25.98 -9.69 15.92
C TRP C 81 -26.80 -8.90 16.94
N ALA C 82 -28.10 -8.79 16.70
CA ALA C 82 -28.97 -8.06 17.62
C ALA C 82 -28.93 -8.69 19.00
N ARG C 83 -29.01 -10.02 19.07
CA ARG C 83 -28.92 -10.70 20.36
C ARG C 83 -27.55 -10.50 20.99
N SER C 84 -26.49 -10.51 20.19
CA SER C 84 -25.14 -10.39 20.73
C SER C 84 -24.93 -9.05 21.43
N ALA C 85 -25.41 -7.96 20.82
CA ALA C 85 -25.24 -6.62 21.34
C ALA C 85 -26.58 -5.90 21.35
N PRO C 86 -27.47 -6.27 22.28
CA PRO C 86 -28.78 -5.60 22.33
C PRO C 86 -28.68 -4.10 22.55
N ASP C 87 -27.61 -3.63 23.20
CA ASP C 87 -27.48 -2.20 23.47
C ASP C 87 -27.40 -1.40 22.16
N ASN C 88 -26.65 -1.90 21.19
CA ASN C 88 -26.45 -1.17 19.95
C ASN C 88 -27.79 -0.96 19.23
N LEU C 89 -28.03 0.28 18.81
CA LEU C 89 -29.27 0.60 18.10
C LEU C 89 -29.25 0.10 16.67
N ASP C 90 -28.09 0.22 16.00
CA ASP C 90 -28.01 -0.15 14.59
C ASP C 90 -28.34 -1.63 14.40
N ALA C 91 -27.81 -2.48 15.28
CA ALA C 91 -28.11 -3.91 15.18
C ALA C 91 -29.61 -4.16 15.30
N GLN C 92 -30.26 -3.50 16.26
CA GLN C 92 -31.68 -3.71 16.46
C GLN C 92 -32.48 -3.28 15.24
N ARG C 93 -32.17 -2.10 14.69
CA ARG C 93 -32.92 -1.62 13.54
C ARG C 93 -32.68 -2.51 12.32
N ALA C 94 -31.45 -2.97 12.11
CA ALA C 94 -31.17 -3.84 10.98
C ALA C 94 -31.90 -5.17 11.13
N ALA C 95 -31.89 -5.74 12.34
CA ALA C 95 -32.62 -6.97 12.57
C ALA C 95 -34.11 -6.78 12.33
N ALA C 96 -34.66 -5.67 12.78
CA ALA C 96 -36.08 -5.40 12.55
C ALA C 96 -36.38 -5.31 11.06
N ILE C 97 -35.54 -4.61 10.31
CA ILE C 97 -35.78 -4.45 8.88
C ILE C 97 -35.72 -5.80 8.17
N GLN C 98 -34.69 -6.60 8.49
CA GLN C 98 -34.58 -7.92 7.87
C GLN C 98 -35.76 -8.80 8.24
N LEU C 99 -36.17 -8.77 9.50
CA LEU C 99 -37.31 -9.59 9.94
C LEU C 99 -38.58 -9.17 9.22
N ALA C 100 -38.79 -7.87 9.05
CA ALA C 100 -39.92 -7.41 8.25
C ALA C 100 -39.82 -7.93 6.82
N ARG C 101 -38.61 -7.94 6.26
CA ARG C 101 -38.41 -8.51 4.93
C ARG C 101 -38.73 -10.00 4.90
N ALA C 102 -38.77 -10.66 6.06
CA ALA C 102 -39.01 -12.10 6.13
C ALA C 102 -40.47 -12.46 6.33
N GLY C 103 -41.36 -11.47 6.42
CA GLY C 103 -42.78 -11.72 6.60
C GLY C 103 -43.24 -11.76 8.04
N ARG C 104 -42.32 -11.81 9.00
CA ARG C 104 -42.67 -11.76 10.42
C ARG C 104 -42.61 -10.29 10.87
N TYR C 105 -43.74 -9.75 11.29
CA TYR C 105 -43.89 -8.31 11.43
C TYR C 105 -44.12 -7.83 12.86
N GLU C 106 -44.88 -8.56 13.68
CA GLU C 106 -45.06 -8.12 15.06
C GLU C 106 -43.74 -8.22 15.83
N GLU C 107 -42.91 -9.21 15.51
CA GLU C 107 -41.58 -9.27 16.10
C GLU C 107 -40.72 -8.11 15.64
N SER C 108 -40.85 -7.71 14.37
CA SER C 108 -40.15 -6.53 13.89
C SER C 108 -40.63 -5.29 14.64
N MET C 109 -41.92 -5.22 14.94
CA MET C 109 -42.45 -4.13 15.75
C MET C 109 -41.87 -4.15 17.15
N VAL C 110 -41.68 -5.35 17.72
CA VAL C 110 -41.04 -5.46 19.02
C VAL C 110 -39.63 -4.88 18.95
N TYR C 111 -38.88 -5.26 17.91
CA TYR C 111 -37.53 -4.74 17.77
C TYR C 111 -37.54 -3.23 17.56
N MET C 112 -38.56 -2.71 16.87
CA MET C 112 -38.68 -1.27 16.72
C MET C 112 -39.00 -0.58 18.04
N GLU C 113 -39.78 -1.24 18.91
CA GLU C 113 -39.95 -0.72 20.25
C GLU C 113 -38.62 -0.64 20.98
N LYS C 114 -37.80 -1.69 20.85
CA LYS C 114 -36.46 -1.65 21.44
C LYS C 114 -35.67 -0.47 20.89
N VAL C 115 -35.81 -0.22 19.58
CA VAL C 115 -35.16 0.94 18.98
C VAL C 115 -35.65 2.23 19.65
N LEU C 116 -36.97 2.38 19.76
CA LEU C 116 -37.53 3.59 20.35
C LEU C 116 -37.07 3.77 21.79
N ASN C 117 -36.78 2.68 22.50
CA ASN C 117 -36.23 2.83 23.84
C ASN C 117 -34.92 3.61 23.81
N GLY C 118 -34.07 3.31 22.83
CA GLY C 118 -32.91 4.15 22.57
C GLY C 118 -33.22 5.17 21.50
N GLN C 119 -33.49 6.41 21.91
CA GLN C 119 -34.04 7.41 20.99
C GLN C 119 -33.14 7.55 19.76
N GLY C 120 -33.77 7.55 18.59
CA GLY C 120 -33.04 7.65 17.34
C GLY C 120 -33.97 7.51 16.17
N ASP C 121 -33.37 7.45 14.98
CA ASP C 121 -34.16 7.33 13.76
C ASP C 121 -34.88 6.00 13.72
N THR C 122 -36.08 6.01 13.13
CA THR C 122 -36.88 4.81 12.96
C THR C 122 -37.44 4.76 11.56
N HIS C 123 -37.69 3.55 11.06
CA HIS C 123 -38.21 3.33 9.71
C HIS C 123 -39.49 2.50 9.85
N PHE C 124 -40.62 3.17 10.09
CA PHE C 124 -41.90 2.51 10.19
C PHE C 124 -42.64 2.46 8.88
N ASP C 125 -42.23 3.27 7.89
CA ASP C 125 -42.85 3.21 6.58
C ASP C 125 -42.61 1.86 5.93
N PHE C 126 -41.44 1.26 6.14
CA PHE C 126 -41.22 -0.10 5.65
C PHE C 126 -42.20 -1.07 6.28
N LEU C 127 -42.42 -0.94 7.59
CA LEU C 127 -43.39 -1.79 8.27
C LEU C 127 -44.77 -1.63 7.64
N ALA C 128 -45.19 -0.38 7.42
CA ALA C 128 -46.52 -0.13 6.86
C ALA C 128 -46.64 -0.69 5.45
N LEU C 129 -45.61 -0.50 4.62
CA LEU C 129 -45.66 -1.00 3.26
C LEU C 129 -45.72 -2.52 3.22
N SER C 130 -44.90 -3.18 4.04
CA SER C 130 -44.94 -4.64 4.06
C SER C 130 -46.26 -5.14 4.65
N ALA C 131 -46.86 -4.37 5.55
CA ALA C 131 -48.21 -4.70 6.02
C ALA C 131 -49.21 -4.60 4.87
N ALA C 132 -49.06 -3.58 4.02
CA ALA C 132 -49.88 -3.51 2.82
C ALA C 132 -49.69 -4.76 1.96
N GLU C 133 -48.45 -5.22 1.82
CA GLU C 133 -48.20 -6.50 1.17
C GLU C 133 -48.74 -7.66 1.98
N THR C 134 -48.83 -7.52 3.31
CA THR C 134 -49.25 -8.60 4.18
C THR C 134 -50.71 -8.98 3.91
N ASP C 135 -51.04 -10.23 4.21
CA ASP C 135 -52.37 -10.76 3.95
C ASP C 135 -53.39 -10.14 4.90
N PRO C 136 -54.67 -10.10 4.51
CA PRO C 136 -55.67 -9.43 5.36
C PRO C 136 -55.77 -9.98 6.76
N ASP C 137 -55.67 -11.29 6.95
CA ASP C 137 -55.72 -11.85 8.30
C ASP C 137 -54.48 -11.44 9.10
N THR C 138 -53.29 -11.66 8.52
CA THR C 138 -52.07 -11.17 9.15
C THR C 138 -52.09 -9.64 9.23
N ARG C 139 -52.77 -8.98 8.28
CA ARG C 139 -52.90 -7.53 8.36
C ARG C 139 -53.68 -7.12 9.61
N ALA C 140 -54.75 -7.84 9.92
CA ALA C 140 -55.51 -7.54 11.13
C ALA C 140 -54.68 -7.86 12.38
N GLY C 141 -53.90 -8.94 12.32
CA GLY C 141 -52.99 -9.22 13.42
C GLY C 141 -52.03 -8.07 13.68
N LEU C 142 -51.42 -7.55 12.61
CA LEU C 142 -50.53 -6.41 12.77
C LEU C 142 -51.28 -5.17 13.20
N LEU C 143 -52.54 -5.02 12.79
CA LEU C 143 -53.34 -3.89 13.22
C LEU C 143 -53.54 -3.92 14.74
N GLN C 144 -53.88 -5.09 15.28
CA GLN C 144 -54.06 -5.18 16.72
C GLN C 144 -52.72 -5.00 17.45
N SER C 145 -51.63 -5.49 16.86
CA SER C 145 -50.32 -5.27 17.46
C SER C 145 -49.97 -3.79 17.50
N PHE C 146 -50.28 -3.06 16.42
CA PHE C 146 -50.02 -1.63 16.39
C PHE C 146 -50.94 -0.87 17.35
N ASP C 147 -52.18 -1.33 17.51
CA ASP C 147 -53.04 -0.74 18.53
C ASP C 147 -52.44 -0.93 19.92
N HIS C 148 -51.91 -2.12 20.19
CA HIS C 148 -51.23 -2.35 21.46
C HIS C 148 -50.03 -1.43 21.63
N LEU C 149 -49.25 -1.24 20.56
CA LEU C 149 -48.12 -0.32 20.63
C LEU C 149 -48.59 1.10 20.94
N LEU C 150 -49.67 1.54 20.27
CA LEU C 150 -50.18 2.88 20.51
C LEU C 150 -50.62 3.04 21.96
N LYS C 151 -51.30 2.03 22.50
CA LYS C 151 -51.62 2.03 23.93
C LYS C 151 -50.35 2.15 24.76
N LYS C 152 -49.30 1.45 24.35
CA LYS C 152 -48.00 1.57 25.03
C LYS C 152 -47.30 2.88 24.68
N TYR C 153 -47.37 3.29 23.42
CA TYR C 153 -46.61 4.43 22.91
C TYR C 153 -47.54 5.34 22.12
N PRO C 154 -48.43 6.08 22.80
CA PRO C 154 -49.29 7.04 22.09
C PRO C 154 -48.53 8.23 21.50
N ASN C 155 -47.31 8.50 21.97
CA ASN C 155 -46.59 9.70 21.53
C ASN C 155 -46.18 9.61 20.08
N ASN C 156 -45.72 8.45 19.63
CA ASN C 156 -45.08 8.33 18.32
C ASN C 156 -46.05 8.67 17.20
N GLY C 157 -45.51 9.20 16.10
CA GLY C 157 -46.29 9.56 14.95
C GLY C 157 -46.14 8.58 13.80
N GLN C 158 -45.01 7.89 13.75
CA GLN C 158 -44.77 6.95 12.66
C GLN C 158 -45.65 5.71 12.79
N LEU C 159 -45.91 5.25 14.02
CA LEU C 159 -46.91 4.20 14.20
C LEU C 159 -48.27 4.71 13.74
N LEU C 160 -48.55 5.99 13.93
CA LEU C 160 -49.79 6.56 13.41
C LEU C 160 -49.84 6.48 11.90
N PHE C 161 -48.72 6.78 11.24
CA PHE C 161 -48.64 6.61 9.79
C PHE C 161 -48.90 5.16 9.40
N GLY C 162 -48.30 4.22 10.14
CA GLY C 162 -48.49 2.81 9.81
C GLY C 162 -49.93 2.36 9.96
N LYS C 163 -50.58 2.75 11.05
CA LYS C 163 -51.98 2.39 11.25
C LYS C 163 -52.86 3.06 10.20
N ALA C 164 -52.53 4.30 9.82
CA ALA C 164 -53.30 4.97 8.78
C ALA C 164 -53.17 4.25 7.44
N LEU C 165 -51.96 3.77 7.12
CA LEU C 165 -51.79 2.98 5.91
C LEU C 165 -52.57 1.67 6.00
N LEU C 166 -52.57 1.03 7.18
CA LEU C 166 -53.39 -0.16 7.36
C LEU C 166 -54.86 0.13 7.07
N LEU C 167 -55.37 1.23 7.64
CA LEU C 167 -56.76 1.60 7.42
C LEU C 167 -57.03 1.88 5.93
N GLN C 168 -56.09 2.56 5.27
CA GLN C 168 -56.25 2.82 3.84
C GLN C 168 -56.34 1.52 3.06
N GLN C 169 -55.48 0.55 3.39
CA GLN C 169 -55.61 -0.78 2.79
C GLN C 169 -56.96 -1.40 3.12
N ASP C 170 -57.51 -1.09 4.30
CA ASP C 170 -58.84 -1.58 4.64
C ASP C 170 -59.93 -0.80 3.92
N GLY C 171 -59.70 0.49 3.69
CA GLY C 171 -60.64 1.32 2.95
C GLY C 171 -61.35 2.38 3.75
N ARG C 172 -61.00 2.58 5.03
CA ARG C 172 -61.64 3.57 5.89
C ARG C 172 -60.55 4.41 6.54
N PRO C 173 -59.95 5.34 5.80
CA PRO C 173 -58.90 6.20 6.38
C PRO C 173 -59.42 7.33 7.24
N ASP C 174 -60.74 7.47 7.40
CA ASP C 174 -61.29 8.62 8.12
C ASP C 174 -60.79 8.67 9.55
N GLU C 175 -60.84 7.54 10.25
CA GLU C 175 -60.47 7.53 11.66
C GLU C 175 -59.01 7.92 11.86
N ALA C 176 -58.11 7.25 11.14
CA ALA C 176 -56.68 7.54 11.30
C ALA C 176 -56.36 8.96 10.84
N LEU C 177 -57.01 9.42 9.77
CA LEU C 177 -56.79 10.77 9.29
C LEU C 177 -57.20 11.79 10.35
N THR C 178 -58.35 11.60 10.98
CA THR C 178 -58.79 12.50 12.03
C THR C 178 -57.82 12.46 13.21
N LEU C 179 -57.39 11.26 13.60
CA LEU C 179 -56.46 11.16 14.73
C LEU C 179 -55.15 11.89 14.42
N LEU C 180 -54.64 11.73 13.20
CA LEU C 180 -53.41 12.43 12.81
C LEU C 180 -53.62 13.94 12.82
N GLU C 181 -54.73 14.41 12.25
CA GLU C 181 -54.99 15.84 12.22
C GLU C 181 -55.16 16.42 13.62
N ASP C 182 -55.60 15.60 14.58
CA ASP C 182 -55.75 16.09 15.94
C ASP C 182 -54.42 16.54 16.52
N ASN C 183 -53.36 15.77 16.27
CA ASN C 183 -52.04 16.09 16.80
C ASN C 183 -51.38 17.15 15.92
N SER C 184 -51.06 18.30 16.53
CA SER C 184 -50.41 19.37 15.78
C SER C 184 -49.02 18.95 15.30
N ALA C 185 -48.29 18.21 16.14
CA ALA C 185 -46.97 17.73 15.73
C ALA C 185 -47.07 16.82 14.52
N SER C 186 -48.06 15.92 14.51
CA SER C 186 -48.27 15.08 13.33
C SER C 186 -48.61 15.92 12.11
N ARG C 187 -49.48 16.93 12.29
CA ARG C 187 -49.80 17.82 11.18
C ARG C 187 -48.56 18.58 10.70
N HIS C 188 -47.55 18.72 11.55
CA HIS C 188 -46.37 19.49 11.22
C HIS C 188 -45.29 18.66 10.54
N GLU C 189 -45.44 17.34 10.47
CA GLU C 189 -44.40 16.48 9.91
C GLU C 189 -44.65 16.24 8.42
N VAL C 190 -43.80 15.42 7.81
CA VAL C 190 -43.77 15.25 6.37
C VAL C 190 -44.61 14.06 5.94
N ALA C 191 -44.24 12.87 6.41
CA ALA C 191 -44.98 11.67 6.02
C ALA C 191 -46.46 11.74 6.38
N PRO C 192 -46.85 12.21 7.58
CA PRO C 192 -48.28 12.36 7.84
C PRO C 192 -48.98 13.29 6.87
N LEU C 193 -48.33 14.38 6.46
CA LEU C 193 -48.95 15.30 5.53
C LEU C 193 -49.10 14.68 4.15
N LEU C 194 -48.07 13.97 3.68
CA LEU C 194 -48.18 13.30 2.38
C LEU C 194 -49.27 12.24 2.42
N LEU C 195 -49.36 11.49 3.52
CA LEU C 195 -50.42 10.50 3.64
C LEU C 195 -51.79 11.16 3.67
N ARG C 196 -51.91 12.31 4.35
CA ARG C 196 -53.17 13.03 4.34
C ARG C 196 -53.55 13.46 2.94
N SER C 197 -52.58 13.93 2.16
CA SER C 197 -52.86 14.29 0.77
C SER C 197 -53.34 13.07 -0.02
N ARG C 198 -52.67 11.93 0.16
CA ARG C 198 -53.09 10.72 -0.53
C ARG C 198 -54.51 10.31 -0.14
N LEU C 199 -54.81 10.38 1.15
CA LEU C 199 -56.15 10.01 1.61
C LEU C 199 -57.20 10.96 1.06
N LEU C 200 -56.89 12.26 1.05
CA LEU C 200 -57.81 13.24 0.47
C LEU C 200 -58.07 12.93 -1.00
N GLN C 201 -57.02 12.63 -1.75
CA GLN C 201 -57.21 12.19 -3.13
C GLN C 201 -58.10 10.95 -3.19
N SER C 202 -57.96 10.06 -2.21
CA SER C 202 -58.81 8.86 -2.17
C SER C 202 -60.27 9.26 -2.01
N MET C 203 -60.56 10.21 -1.13
CA MET C 203 -61.93 10.70 -0.96
C MET C 203 -62.26 11.86 -1.88
N LYS C 204 -61.27 12.39 -2.61
CA LYS C 204 -61.50 13.39 -3.65
C LYS C 204 -62.18 14.65 -3.09
N ARG C 205 -61.47 15.35 -2.21
CA ARG C 205 -61.86 16.69 -1.76
C ARG C 205 -60.59 17.53 -1.69
N SER C 206 -60.26 18.19 -2.79
CA SER C 206 -59.06 19.01 -2.84
C SER C 206 -59.24 20.34 -2.10
N ASP C 207 -60.48 20.75 -1.85
CA ASP C 207 -60.71 22.01 -1.15
C ASP C 207 -60.02 22.04 0.22
N GLU C 208 -59.83 20.88 0.83
CA GLU C 208 -59.09 20.80 2.09
C GLU C 208 -57.65 20.37 1.89
N ALA C 209 -57.34 19.65 0.82
CA ALA C 209 -55.96 19.28 0.54
C ALA C 209 -55.10 20.51 0.24
N LEU C 210 -55.63 21.44 -0.55
CA LEU C 210 -54.85 22.63 -0.89
C LEU C 210 -54.51 23.47 0.34
N PRO C 211 -55.46 23.82 1.22
CA PRO C 211 -55.07 24.63 2.40
C PRO C 211 -54.10 23.93 3.33
N LEU C 212 -54.34 22.65 3.65
CA LEU C 212 -53.43 21.94 4.54
C LEU C 212 -52.06 21.76 3.89
N LEU C 213 -52.03 21.50 2.58
CA LEU C 213 -50.75 21.37 1.89
C LEU C 213 -49.99 22.69 1.90
N LYS C 214 -50.70 23.82 1.72
CA LYS C 214 -50.04 25.11 1.82
C LYS C 214 -49.54 25.37 3.23
N ALA C 215 -50.31 24.96 4.23
CA ALA C 215 -49.86 25.10 5.61
C ALA C 215 -48.59 24.30 5.85
N GLY C 216 -48.52 23.09 5.29
CA GLY C 216 -47.29 22.31 5.39
C GLY C 216 -46.13 22.97 4.67
N ILE C 217 -46.40 23.53 3.49
CA ILE C 217 -45.37 24.27 2.76
C ILE C 217 -44.82 25.40 3.62
N LYS C 218 -45.71 26.10 4.32
CA LYS C 218 -45.26 27.11 5.27
C LYS C 218 -44.43 26.49 6.39
N GLU C 219 -44.85 25.32 6.87
CA GLU C 219 -44.18 24.69 8.01
C GLU C 219 -42.74 24.34 7.67
N HIS C 220 -42.50 23.83 6.46
CA HIS C 220 -41.15 23.46 6.03
C HIS C 220 -41.07 23.47 4.51
N PRO C 221 -41.02 24.64 3.89
CA PRO C 221 -40.95 24.69 2.42
C PRO C 221 -39.69 24.08 1.85
N ASP C 222 -38.64 23.91 2.66
CA ASP C 222 -37.39 23.35 2.16
C ASP C 222 -37.61 21.98 1.54
N ASP C 223 -38.43 21.14 2.17
CA ASP C 223 -38.67 19.80 1.66
C ASP C 223 -39.40 19.85 0.33
N LYS C 224 -39.16 18.84 -0.50
CA LYS C 224 -39.71 18.80 -1.86
C LYS C 224 -41.00 17.99 -1.94
N ARG C 225 -41.20 17.00 -1.07
CA ARG C 225 -42.36 16.14 -1.18
C ARG C 225 -43.65 16.92 -0.97
N VAL C 226 -43.68 17.80 0.02
CA VAL C 226 -44.91 18.56 0.30
C VAL C 226 -45.25 19.46 -0.87
N ARG C 227 -44.25 20.16 -1.42
CA ARG C 227 -44.49 21.04 -2.56
C ARG C 227 -44.93 20.25 -3.78
N LEU C 228 -44.34 19.09 -4.01
CA LEU C 228 -44.75 18.25 -5.14
C LEU C 228 -46.18 17.78 -4.97
N ALA C 229 -46.56 17.39 -3.75
CA ALA C 229 -47.94 17.00 -3.49
C ALA C 229 -48.90 18.15 -3.72
N TYR C 230 -48.51 19.36 -3.29
CA TYR C 230 -49.35 20.53 -3.55
C TYR C 230 -49.49 20.78 -5.05
N ALA C 231 -48.41 20.61 -5.80
CA ALA C 231 -48.49 20.77 -7.26
C ALA C 231 -49.42 19.74 -7.87
N ARG C 232 -49.34 18.49 -7.42
CA ARG C 232 -50.23 17.45 -7.93
C ARG C 232 -51.68 17.78 -7.61
N LEU C 233 -51.95 18.24 -6.38
CA LEU C 233 -53.31 18.60 -6.01
C LEU C 233 -53.82 19.77 -6.84
N LEU C 234 -52.96 20.75 -7.11
CA LEU C 234 -53.35 21.86 -7.97
C LEU C 234 -53.67 21.36 -9.38
N VAL C 235 -52.84 20.46 -9.91
CA VAL C 235 -53.12 19.88 -11.22
C VAL C 235 -54.50 19.20 -11.20
N GLU C 236 -54.80 18.49 -10.13
CA GLU C 236 -56.13 17.90 -9.99
C GLU C 236 -57.20 18.98 -9.99
N GLN C 237 -56.93 20.11 -9.34
CA GLN C 237 -57.88 21.21 -9.26
C GLN C 237 -58.17 21.86 -10.61
N ASN C 238 -57.34 21.61 -11.62
CA ASN C 238 -57.41 22.17 -12.96
C ASN C 238 -56.88 23.60 -13.00
N ARG C 239 -56.54 24.21 -11.88
CA ARG C 239 -55.91 25.52 -11.89
C ARG C 239 -54.49 25.40 -12.46
N LEU C 240 -54.11 26.37 -13.27
CA LEU C 240 -52.83 26.33 -13.98
C LEU C 240 -51.86 27.40 -13.54
N ASP C 241 -52.33 28.61 -13.24
CA ASP C 241 -51.42 29.68 -12.85
C ASP C 241 -50.71 29.35 -11.54
N ASP C 242 -51.46 28.90 -10.54
CA ASP C 242 -50.85 28.57 -9.25
C ASP C 242 -49.89 27.40 -9.38
N ALA C 243 -50.28 26.37 -10.15
CA ALA C 243 -49.40 25.23 -10.34
C ALA C 243 -48.11 25.64 -11.05
N LYS C 244 -48.22 26.49 -12.07
CA LYS C 244 -47.03 26.94 -12.78
C LYS C 244 -46.13 27.78 -11.87
N ALA C 245 -46.73 28.65 -11.05
CA ALA C 245 -45.93 29.44 -10.12
C ALA C 245 -45.21 28.54 -9.11
N GLU C 246 -45.92 27.54 -8.59
CA GLU C 246 -45.30 26.60 -7.65
C GLU C 246 -44.17 25.84 -8.32
N PHE C 247 -44.36 25.40 -9.56
CA PHE C 247 -43.32 24.67 -10.27
C PHE C 247 -42.09 25.55 -10.52
N ALA C 248 -42.32 26.81 -10.91
CA ALA C 248 -41.21 27.73 -11.13
C ALA C 248 -40.45 27.98 -9.83
N GLY C 249 -41.17 28.17 -8.72
CA GLY C 249 -40.51 28.34 -7.44
C GLY C 249 -39.72 27.11 -7.04
N LEU C 250 -40.28 25.93 -7.29
CA LEU C 250 -39.56 24.69 -6.99
C LEU C 250 -38.27 24.60 -7.80
N VAL C 251 -38.34 24.91 -9.09
CA VAL C 251 -37.15 24.84 -9.94
C VAL C 251 -36.11 25.85 -9.47
N GLN C 252 -36.54 27.09 -9.19
CA GLN C 252 -35.61 28.11 -8.74
C GLN C 252 -34.95 27.69 -7.43
N GLN C 253 -35.72 27.12 -6.51
CA GLN C 253 -35.15 26.62 -5.26
C GLN C 253 -34.15 25.51 -5.53
N PHE C 254 -34.49 24.57 -6.42
CA PHE C 254 -33.57 23.51 -6.81
C PHE C 254 -33.91 22.97 -8.19
N PRO C 255 -33.20 23.39 -9.24
CA PRO C 255 -33.43 22.81 -10.57
C PRO C 255 -32.81 21.43 -10.77
N ASP C 256 -32.16 20.88 -9.74
CA ASP C 256 -31.37 19.66 -9.93
C ASP C 256 -32.24 18.48 -10.34
N ASP C 257 -33.39 18.31 -9.69
CA ASP C 257 -34.18 17.09 -9.89
C ASP C 257 -34.71 17.02 -11.32
N ASP C 258 -34.45 15.88 -11.98
CA ASP C 258 -34.93 15.68 -13.34
C ASP C 258 -36.42 15.34 -13.37
N ASP C 259 -36.90 14.58 -12.39
CA ASP C 259 -38.33 14.29 -12.33
C ASP C 259 -39.14 15.56 -12.12
N LEU C 260 -38.63 16.47 -11.29
CA LEU C 260 -39.28 17.76 -11.13
C LEU C 260 -39.35 18.50 -12.46
N ARG C 261 -38.26 18.48 -13.23
CA ARG C 261 -38.27 19.15 -14.52
C ARG C 261 -39.27 18.52 -15.48
N PHE C 262 -39.36 17.19 -15.49
CA PHE C 262 -40.30 16.53 -16.39
C PHE C 262 -41.74 16.85 -16.00
N SER C 263 -42.06 16.81 -14.70
CA SER C 263 -43.40 17.19 -14.26
C SER C 263 -43.69 18.64 -14.59
N LEU C 264 -42.69 19.51 -14.43
CA LEU C 264 -42.83 20.92 -14.79
C LEU C 264 -43.18 21.05 -16.27
N ALA C 265 -42.46 20.33 -17.12
CA ALA C 265 -42.72 20.40 -18.57
C ALA C 265 -44.12 19.89 -18.89
N LEU C 266 -44.53 18.79 -18.26
CA LEU C 266 -45.87 18.26 -18.51
C LEU C 266 -46.93 19.26 -18.11
N VAL C 267 -46.80 19.87 -16.93
CA VAL C 267 -47.78 20.85 -16.48
C VAL C 267 -47.76 22.08 -17.38
N CYS C 268 -46.57 22.48 -17.83
CA CYS C 268 -46.47 23.63 -18.73
C CYS C 268 -47.19 23.35 -20.05
N LEU C 269 -47.02 22.15 -20.59
CA LEU C 269 -47.75 21.78 -21.80
C LEU C 269 -49.25 21.77 -21.55
N GLU C 270 -49.67 21.23 -20.40
CA GLU C 270 -51.09 21.17 -20.10
C GLU C 270 -51.67 22.55 -19.80
N ALA C 271 -50.82 23.53 -19.53
CA ALA C 271 -51.25 24.88 -19.16
C ALA C 271 -51.27 25.84 -20.34
N GLN C 272 -51.05 25.35 -21.57
CA GLN C 272 -51.06 26.18 -22.76
C GLN C 272 -49.90 27.18 -22.78
N ALA C 273 -48.77 26.78 -22.21
CA ALA C 273 -47.55 27.59 -22.22
C ALA C 273 -46.54 26.87 -23.11
N TRP C 274 -46.60 27.14 -24.41
CA TRP C 274 -45.79 26.42 -25.38
C TRP C 274 -44.34 26.87 -25.39
N ASP C 275 -44.07 28.15 -25.17
CA ASP C 275 -42.69 28.63 -25.24
C ASP C 275 -41.84 28.04 -24.11
N GLU C 276 -42.31 28.14 -22.87
CA GLU C 276 -41.53 27.65 -21.75
C GLU C 276 -41.47 26.12 -21.74
N ALA C 277 -42.56 25.47 -22.12
CA ALA C 277 -42.54 24.01 -22.25
C ALA C 277 -41.55 23.59 -23.32
N ARG C 278 -41.50 24.32 -24.44
CA ARG C 278 -40.53 24.03 -25.48
C ARG C 278 -39.10 24.21 -24.97
N ILE C 279 -38.87 25.27 -24.18
CA ILE C 279 -37.54 25.47 -23.61
C ILE C 279 -37.14 24.28 -22.74
N TYR C 280 -38.08 23.85 -21.87
CA TYR C 280 -37.78 22.72 -20.99
C TYR C 280 -37.53 21.44 -21.78
N LEU C 281 -38.33 21.20 -22.81
CA LEU C 281 -38.14 20.00 -23.62
C LEU C 281 -36.81 20.04 -24.37
N GLU C 282 -36.44 21.22 -24.89
CA GLU C 282 -35.17 21.34 -25.59
C GLU C 282 -33.99 21.09 -24.66
N GLU C 283 -34.03 21.64 -23.44
CA GLU C 283 -32.94 21.38 -22.51
C GLU C 283 -32.92 19.93 -22.06
N LEU C 284 -34.10 19.31 -21.90
CA LEU C 284 -34.13 17.88 -21.58
C LEU C 284 -33.52 17.05 -22.70
N VAL C 285 -33.84 17.39 -23.95
CA VAL C 285 -33.27 16.67 -25.09
C VAL C 285 -31.76 16.86 -25.12
N GLU C 286 -31.29 18.09 -24.85
CA GLU C 286 -29.85 18.32 -24.75
C GLU C 286 -29.23 17.42 -23.69
N ARG C 287 -29.88 17.30 -22.53
CA ARG C 287 -29.46 16.32 -21.55
C ARG C 287 -29.65 14.89 -22.06
N ASP C 288 -30.55 14.69 -23.02
CA ASP C 288 -30.72 13.40 -23.68
C ASP C 288 -31.18 12.32 -22.71
N SER C 289 -31.95 12.73 -21.69
CA SER C 289 -32.54 11.80 -20.73
C SER C 289 -34.05 11.81 -20.91
N HIS C 290 -34.64 10.61 -21.01
CA HIS C 290 -36.06 10.48 -21.29
C HIS C 290 -36.42 11.23 -22.57
N VAL C 291 -35.55 11.08 -23.58
CA VAL C 291 -35.64 11.91 -24.78
C VAL C 291 -36.89 11.61 -25.58
N ASP C 292 -37.38 10.36 -25.54
CA ASP C 292 -38.55 10.00 -26.34
C ASP C 292 -39.75 10.86 -25.98
N ALA C 293 -40.06 10.94 -24.68
CA ALA C 293 -41.19 11.77 -24.26
C ALA C 293 -40.92 13.25 -24.51
N ALA C 294 -39.66 13.67 -24.40
CA ALA C 294 -39.34 15.07 -24.68
C ALA C 294 -39.68 15.41 -26.13
N HIS C 295 -39.29 14.56 -27.07
CA HIS C 295 -39.62 14.80 -28.47
C HIS C 295 -41.12 14.65 -28.72
N PHE C 296 -41.78 13.74 -28.00
CA PHE C 296 -43.23 13.63 -28.13
C PHE C 296 -43.93 14.92 -27.73
N ASN C 297 -43.50 15.52 -26.61
CA ASN C 297 -44.10 16.77 -26.17
C ASN C 297 -43.70 17.94 -27.09
N LEU C 298 -42.49 17.89 -27.66
CA LEU C 298 -42.12 18.90 -28.64
C LEU C 298 -43.03 18.83 -29.86
N GLY C 299 -43.31 17.61 -30.33
CA GLY C 299 -44.27 17.45 -31.41
C GLY C 299 -45.66 17.91 -31.03
N ARG C 300 -46.05 17.66 -29.78
CA ARG C 300 -47.36 18.12 -29.30
C ARG C 300 -47.46 19.63 -29.35
N LEU C 301 -46.45 20.33 -28.85
CA LEU C 301 -46.49 21.78 -28.90
C LEU C 301 -46.36 22.30 -30.33
N ALA C 302 -45.72 21.52 -31.20
CA ALA C 302 -45.72 21.85 -32.63
C ALA C 302 -47.14 21.80 -33.19
N GLU C 303 -47.87 20.73 -32.89
CA GLU C 303 -49.28 20.66 -33.24
C GLU C 303 -50.02 21.89 -32.73
N GLU C 304 -49.78 22.25 -31.47
CA GLU C 304 -50.40 23.44 -30.90
C GLU C 304 -49.99 24.69 -31.67
N GLN C 305 -48.80 24.67 -32.29
CA GLN C 305 -48.34 25.76 -33.12
C GLN C 305 -48.72 25.61 -34.59
N LYS C 306 -49.31 24.47 -34.97
CA LYS C 306 -49.81 24.18 -36.31
C LYS C 306 -48.70 23.90 -37.32
N ASP C 307 -47.42 24.02 -36.93
CA ASP C 307 -46.33 23.76 -37.86
C ASP C 307 -46.19 22.26 -38.08
N THR C 308 -46.46 21.81 -39.30
CA THR C 308 -46.45 20.38 -39.58
C THR C 308 -45.04 19.81 -39.63
N ALA C 309 -44.08 20.58 -40.15
CA ALA C 309 -42.72 20.08 -40.27
C ALA C 309 -42.14 19.71 -38.91
N ARG C 310 -42.20 20.64 -37.95
CA ARG C 310 -41.70 20.35 -36.62
C ARG C 310 -42.49 19.22 -35.97
N ALA C 311 -43.82 19.22 -36.14
CA ALA C 311 -44.65 18.21 -35.52
C ALA C 311 -44.26 16.81 -35.98
N LEU C 312 -44.06 16.64 -37.29
CA LEU C 312 -43.71 15.32 -37.80
C LEU C 312 -42.27 14.95 -37.49
N ASP C 313 -41.34 15.92 -37.58
CA ASP C 313 -39.94 15.58 -37.36
C ASP C 313 -39.67 15.23 -35.90
N GLU C 314 -40.35 15.90 -34.96
CA GLU C 314 -40.16 15.56 -33.56
C GLU C 314 -40.60 14.13 -33.27
N TYR C 315 -41.76 13.73 -33.81
CA TYR C 315 -42.22 12.36 -33.61
C TYR C 315 -41.33 11.36 -34.32
N ALA C 316 -40.81 11.71 -35.49
CA ALA C 316 -39.86 10.84 -36.17
C ALA C 316 -38.59 10.67 -35.35
N GLN C 317 -38.18 11.72 -34.63
CA GLN C 317 -37.00 11.67 -33.80
C GLN C 317 -37.21 10.90 -32.51
N VAL C 318 -38.46 10.57 -32.15
CA VAL C 318 -38.71 9.80 -30.94
C VAL C 318 -38.09 8.42 -31.08
N GLY C 319 -37.25 8.05 -30.13
CA GLY C 319 -36.65 6.74 -30.11
C GLY C 319 -37.68 5.68 -29.79
N PRO C 320 -37.37 4.42 -30.08
CA PRO C 320 -38.33 3.35 -29.83
C PRO C 320 -38.74 3.31 -28.35
N GLY C 321 -40.02 3.06 -28.11
CA GLY C 321 -40.53 3.00 -26.77
C GLY C 321 -42.04 3.04 -26.76
N ASN C 322 -42.59 3.13 -25.55
CA ASN C 322 -44.05 3.14 -25.40
C ASN C 322 -44.67 4.36 -26.07
N ASP C 323 -44.03 5.52 -25.93
CA ASP C 323 -44.55 6.75 -26.52
C ASP C 323 -44.22 6.86 -28.01
N PHE C 324 -43.36 6.00 -28.54
CA PHE C 324 -42.99 6.11 -29.95
C PHE C 324 -44.15 5.71 -30.85
N LEU C 325 -44.79 4.58 -30.57
CA LEU C 325 -45.87 4.11 -31.44
C LEU C 325 -47.04 5.08 -31.46
N PRO C 326 -47.55 5.60 -30.33
CA PRO C 326 -48.53 6.69 -30.43
C PRO C 326 -48.00 7.90 -31.17
N ALA C 327 -46.72 8.23 -30.97
CA ALA C 327 -46.13 9.33 -31.71
C ALA C 327 -46.08 9.04 -33.20
N GLN C 328 -45.76 7.80 -33.56
CA GLN C 328 -45.73 7.43 -34.98
C GLN C 328 -47.12 7.51 -35.58
N LEU C 329 -48.14 7.06 -34.84
CA LEU C 329 -49.51 7.16 -35.34
C LEU C 329 -49.92 8.62 -35.53
N ARG C 330 -49.56 9.48 -34.57
CA ARG C 330 -49.86 10.90 -34.71
C ARG C 330 -49.14 11.50 -35.91
N GLN C 331 -47.89 11.11 -36.12
CA GLN C 331 -47.15 11.59 -37.28
C GLN C 331 -47.81 11.15 -38.57
N THR C 332 -48.28 9.90 -38.63
CA THR C 332 -48.98 9.42 -39.82
C THR C 332 -50.25 10.21 -40.05
N ASP C 333 -51.02 10.47 -38.99
CA ASP C 333 -52.25 11.24 -39.12
C ASP C 333 -51.95 12.64 -39.65
N VAL C 334 -50.95 13.30 -39.08
CA VAL C 334 -50.60 14.65 -39.49
C VAL C 334 -50.12 14.66 -40.94
N LEU C 335 -49.30 13.67 -41.31
CA LEU C 335 -48.82 13.60 -42.69
C LEU C 335 -49.96 13.41 -43.67
N LEU C 336 -50.89 12.51 -43.35
CA LEU C 336 -52.03 12.29 -44.24
C LEU C 336 -52.89 13.53 -44.34
N LYS C 337 -53.06 14.26 -43.23
CA LYS C 337 -53.82 15.50 -43.27
C LYS C 337 -53.14 16.54 -44.14
N ALA C 338 -51.81 16.65 -44.04
CA ALA C 338 -51.05 17.71 -44.70
C ALA C 338 -50.53 17.31 -46.07
N GLY C 339 -51.05 16.23 -46.66
CA GLY C 339 -50.60 15.82 -47.97
C GLY C 339 -49.22 15.16 -47.90
N ARG C 340 -48.48 15.30 -48.99
CA ARG C 340 -47.15 14.69 -49.11
C ARG C 340 -47.25 13.18 -48.88
N VAL C 341 -48.12 12.54 -49.66
CA VAL C 341 -48.39 11.11 -49.47
C VAL C 341 -47.14 10.30 -49.75
N ASP C 342 -46.36 10.69 -50.76
CA ASP C 342 -45.20 9.88 -51.15
C ASP C 342 -44.16 9.82 -50.04
N GLU C 343 -43.76 10.97 -49.51
CA GLU C 343 -42.72 10.99 -48.49
C GLU C 343 -43.18 10.31 -47.20
N ALA C 344 -44.41 10.57 -46.78
CA ALA C 344 -44.93 9.90 -45.59
C ALA C 344 -44.97 8.40 -45.78
N ALA C 345 -45.45 7.95 -46.94
CA ALA C 345 -45.55 6.52 -47.21
C ALA C 345 -44.18 5.87 -47.21
N GLN C 346 -43.20 6.49 -47.87
CA GLN C 346 -41.87 5.87 -47.94
C GLN C 346 -41.20 5.87 -46.57
N ARG C 347 -41.35 6.95 -45.79
CA ARG C 347 -40.78 6.99 -44.46
C ARG C 347 -41.38 5.90 -43.58
N LEU C 348 -42.71 5.75 -43.62
CA LEU C 348 -43.36 4.71 -42.84
C LEU C 348 -42.92 3.33 -43.31
N ASP C 349 -42.80 3.14 -44.63
CA ASP C 349 -42.41 1.84 -45.15
C ASP C 349 -41.00 1.46 -44.69
N LYS C 350 -40.07 2.40 -44.72
CA LYS C 350 -38.71 2.09 -44.25
C LYS C 350 -38.71 1.83 -42.75
N ALA C 351 -39.42 2.65 -41.97
CA ALA C 351 -39.47 2.43 -40.54
C ALA C 351 -40.05 1.06 -40.21
N ARG C 352 -41.01 0.61 -41.02
CA ARG C 352 -41.60 -0.71 -40.81
C ARG C 352 -40.63 -1.82 -41.22
N SER C 353 -40.00 -1.68 -42.38
CA SER C 353 -39.02 -2.67 -42.81
C SER C 353 -37.87 -2.78 -41.83
N GLU C 354 -37.64 -1.75 -41.00
CA GLU C 354 -36.63 -1.85 -39.96
C GLU C 354 -36.95 -2.99 -38.99
N GLN C 355 -38.23 -3.14 -38.61
CA GLN C 355 -38.63 -4.15 -37.64
C GLN C 355 -39.97 -4.76 -38.02
N PRO C 356 -40.04 -6.05 -38.36
CA PRO C 356 -41.32 -6.63 -38.78
C PRO C 356 -42.41 -6.57 -37.71
N ASP C 357 -42.05 -6.77 -36.44
CA ASP C 357 -43.05 -6.75 -35.38
C ASP C 357 -43.72 -5.39 -35.27
N TYR C 358 -42.94 -4.32 -35.39
CA TYR C 358 -43.52 -2.99 -35.49
C TYR C 358 -44.10 -2.74 -36.88
N ALA C 359 -43.57 -3.45 -37.89
CA ALA C 359 -44.05 -3.27 -39.26
C ALA C 359 -45.52 -3.62 -39.37
N ILE C 360 -45.93 -4.75 -38.77
CA ILE C 360 -47.33 -5.15 -38.89
C ILE C 360 -48.24 -4.11 -38.25
N GLN C 361 -47.87 -3.64 -37.05
CA GLN C 361 -48.69 -2.66 -36.35
C GLN C 361 -48.80 -1.37 -37.16
N LEU C 362 -47.67 -0.89 -37.69
CA LEU C 362 -47.69 0.36 -38.43
C LEU C 362 -48.45 0.23 -39.75
N TYR C 363 -48.32 -0.92 -40.43
CA TYR C 363 -49.11 -1.14 -41.64
C TYR C 363 -50.59 -1.16 -41.32
N LEU C 364 -50.98 -1.81 -40.22
CA LEU C 364 -52.38 -1.78 -39.81
C LEU C 364 -52.83 -0.36 -39.52
N ILE C 365 -51.98 0.43 -38.86
CA ILE C 365 -52.32 1.81 -38.56
C ILE C 365 -52.55 2.59 -39.84
N GLU C 366 -51.64 2.44 -40.81
CA GLU C 366 -51.77 3.17 -42.07
C GLU C 366 -53.02 2.74 -42.83
N ALA C 367 -53.29 1.44 -42.87
CA ALA C 367 -54.48 0.96 -43.58
C ALA C 367 -55.75 1.49 -42.93
N GLU C 368 -55.82 1.48 -41.59
CA GLU C 368 -56.99 2.00 -40.91
C GLU C 368 -57.14 3.50 -41.14
N ALA C 369 -56.03 4.24 -41.12
CA ALA C 369 -56.10 5.67 -41.37
C ALA C 369 -56.60 5.96 -42.78
N LEU C 370 -56.11 5.20 -43.77
CA LEU C 370 -56.57 5.39 -45.14
C LEU C 370 -58.04 5.04 -45.28
N SER C 371 -58.49 3.99 -44.61
CA SER C 371 -59.91 3.64 -44.64
C SER C 371 -60.75 4.76 -44.02
N ASN C 372 -60.28 5.34 -42.93
CA ASN C 372 -60.99 6.45 -42.31
C ASN C 372 -61.03 7.67 -43.25
N ASN C 373 -59.93 7.92 -43.96
CA ASN C 373 -59.85 9.06 -44.86
C ASN C 373 -60.71 8.90 -46.11
N ASP C 374 -61.28 7.72 -46.33
CA ASP C 374 -62.16 7.46 -47.47
C ASP C 374 -61.41 7.58 -48.78
N GLN C 375 -60.38 6.75 -48.93
CA GLN C 375 -59.73 6.50 -50.21
C GLN C 375 -59.55 4.99 -50.37
N GLN C 376 -59.54 4.55 -51.62
CA GLN C 376 -59.66 3.12 -51.93
C GLN C 376 -58.31 2.49 -52.32
N GLU C 377 -57.61 3.08 -53.29
CA GLU C 377 -56.46 2.41 -53.88
C GLU C 377 -55.36 2.19 -52.84
N LYS C 378 -54.96 3.25 -52.15
CA LYS C 378 -53.86 3.14 -51.19
C LYS C 378 -54.23 2.24 -50.02
N ALA C 379 -55.47 2.36 -49.53
CA ALA C 379 -55.91 1.52 -48.41
C ALA C 379 -55.87 0.05 -48.80
N TRP C 380 -56.42 -0.29 -49.97
CA TRP C 380 -56.40 -1.68 -50.41
C TRP C 380 -54.97 -2.17 -50.63
N GLN C 381 -54.12 -1.33 -51.21
CA GLN C 381 -52.71 -1.70 -51.39
C GLN C 381 -52.08 -2.06 -50.04
N ALA C 382 -52.22 -1.17 -49.05
CA ALA C 382 -51.58 -1.39 -47.76
C ALA C 382 -52.13 -2.64 -47.08
N ILE C 383 -53.45 -2.81 -47.08
CA ILE C 383 -54.04 -3.95 -46.38
C ILE C 383 -53.65 -5.26 -47.07
N GLN C 384 -53.64 -5.28 -48.41
CA GLN C 384 -53.26 -6.50 -49.11
C GLN C 384 -51.79 -6.82 -48.88
N GLU C 385 -50.93 -5.80 -48.86
CA GLU C 385 -49.52 -6.03 -48.54
C GLU C 385 -49.39 -6.63 -47.16
N GLY C 386 -50.08 -6.06 -46.17
CA GLY C 386 -50.01 -6.60 -44.82
C GLY C 386 -50.50 -8.04 -44.73
N LEU C 387 -51.61 -8.34 -45.42
CA LEU C 387 -52.12 -9.70 -45.42
C LEU C 387 -51.13 -10.67 -46.07
N LYS C 388 -50.53 -10.26 -47.19
CA LYS C 388 -49.59 -11.13 -47.88
C LYS C 388 -48.38 -11.42 -47.00
N GLN C 389 -47.85 -10.41 -46.32
CA GLN C 389 -46.68 -10.63 -45.48
C GLN C 389 -47.04 -11.41 -44.22
N TYR C 390 -48.13 -11.02 -43.55
CA TYR C 390 -48.56 -11.64 -42.29
C TYR C 390 -50.04 -11.97 -42.37
N PRO C 391 -50.42 -12.97 -43.17
CA PRO C 391 -51.85 -13.30 -43.30
C PRO C 391 -52.47 -13.86 -42.03
N GLU C 392 -51.67 -14.37 -41.10
CA GLU C 392 -52.23 -15.05 -39.93
C GLU C 392 -52.65 -14.10 -38.82
N ASP C 393 -52.26 -12.83 -38.89
CA ASP C 393 -52.63 -11.89 -37.84
C ASP C 393 -54.12 -11.58 -37.91
N LEU C 394 -54.77 -11.57 -36.75
CA LEU C 394 -56.21 -11.34 -36.70
C LEU C 394 -56.55 -9.88 -36.95
N ASN C 395 -55.65 -8.95 -36.59
CA ASN C 395 -55.91 -7.55 -36.85
C ASN C 395 -55.97 -7.27 -38.35
N LEU C 396 -55.08 -7.92 -39.12
CA LEU C 396 -55.14 -7.79 -40.57
C LEU C 396 -56.43 -8.35 -41.13
N LEU C 397 -56.92 -9.46 -40.57
CA LEU C 397 -58.21 -10.01 -41.00
C LEU C 397 -59.34 -9.03 -40.72
N TYR C 398 -59.32 -8.40 -39.53
CA TYR C 398 -60.34 -7.41 -39.21
C TYR C 398 -60.27 -6.23 -40.16
N THR C 399 -59.05 -5.78 -40.48
CA THR C 399 -58.91 -4.67 -41.42
C THR C 399 -59.43 -5.04 -42.80
N ARG C 400 -59.15 -6.26 -43.25
CA ARG C 400 -59.67 -6.70 -44.54
C ARG C 400 -61.20 -6.77 -44.51
N SER C 401 -61.76 -7.22 -43.39
CA SER C 401 -63.23 -7.25 -43.26
C SER C 401 -63.81 -5.84 -43.34
N MET C 402 -63.17 -4.88 -42.67
CA MET C 402 -63.63 -3.50 -42.74
C MET C 402 -63.53 -2.97 -44.16
N LEU C 403 -62.43 -3.28 -44.86
CA LEU C 403 -62.28 -2.85 -46.25
C LEU C 403 -63.36 -3.46 -47.12
N ALA C 404 -63.69 -4.74 -46.90
CA ALA C 404 -64.75 -5.38 -47.66
C ALA C 404 -66.09 -4.71 -47.40
N GLU C 405 -66.38 -4.40 -46.13
CA GLU C 405 -67.62 -3.69 -45.81
C GLU C 405 -67.67 -2.36 -46.54
N LYS C 406 -66.53 -1.66 -46.61
CA LYS C 406 -66.46 -0.42 -47.36
C LYS C 406 -66.71 -0.66 -48.85
N ARG C 407 -66.19 -1.76 -49.39
CA ARG C 407 -66.35 -2.09 -50.80
C ARG C 407 -67.78 -2.47 -51.16
N ASN C 408 -68.66 -2.67 -50.17
CA ASN C 408 -70.04 -3.05 -50.37
C ASN C 408 -70.22 -4.54 -50.64
N ASP C 409 -69.17 -5.34 -50.48
CA ASP C 409 -69.24 -6.79 -50.64
C ASP C 409 -69.09 -7.46 -49.28
N LEU C 410 -70.04 -8.33 -48.94
CA LEU C 410 -70.05 -9.01 -47.65
C LEU C 410 -69.27 -10.31 -47.65
N ALA C 411 -68.85 -10.81 -48.82
CA ALA C 411 -68.23 -12.13 -48.88
C ALA C 411 -66.88 -12.15 -48.17
N GLN C 412 -66.01 -11.19 -48.48
CA GLN C 412 -64.67 -11.18 -47.89
C GLN C 412 -64.74 -10.96 -46.38
N MET C 413 -65.56 -10.01 -45.94
CA MET C 413 -65.73 -9.78 -44.52
C MET C 413 -66.27 -11.02 -43.83
N GLU C 414 -67.27 -11.67 -44.43
CA GLU C 414 -67.86 -12.86 -43.83
C GLU C 414 -66.81 -13.96 -43.67
N LYS C 415 -66.04 -14.22 -44.73
CA LYS C 415 -65.04 -15.30 -44.65
C LYS C 415 -63.95 -14.97 -43.63
N ASP C 416 -63.47 -13.72 -43.63
CA ASP C 416 -62.42 -13.35 -42.69
C ASP C 416 -62.91 -13.48 -41.25
N LEU C 417 -64.11 -12.97 -40.96
CA LEU C 417 -64.63 -13.05 -39.61
C LEU C 417 -64.95 -14.48 -39.22
N ARG C 418 -65.38 -15.31 -40.17
CA ARG C 418 -65.61 -16.73 -39.87
C ARG C 418 -64.30 -17.41 -39.49
N PHE C 419 -63.23 -17.16 -40.23
CA PHE C 419 -61.94 -17.75 -39.90
C PHE C 419 -61.45 -17.25 -38.55
N VAL C 420 -61.66 -15.96 -38.26
CA VAL C 420 -61.27 -15.41 -36.96
C VAL C 420 -62.05 -16.08 -35.85
N ILE C 421 -63.36 -16.27 -36.03
CA ILE C 421 -64.18 -16.92 -35.02
C ILE C 421 -63.70 -18.34 -34.79
N ALA C 422 -63.39 -19.06 -35.86
CA ALA C 422 -62.87 -20.41 -35.72
C ALA C 422 -61.54 -20.41 -34.97
N ARG C 423 -60.69 -19.40 -35.23
CA ARG C 423 -59.40 -19.33 -34.56
C ARG C 423 -59.58 -19.20 -33.05
N GLU C 424 -60.50 -18.34 -32.62
CA GLU C 424 -60.76 -18.11 -31.21
C GLU C 424 -62.18 -18.58 -30.87
N PRO C 425 -62.34 -19.80 -30.34
CA PRO C 425 -63.70 -20.24 -29.97
C PRO C 425 -64.37 -19.38 -28.92
N ASP C 426 -63.60 -18.74 -28.04
CA ASP C 426 -64.16 -17.99 -26.93
C ASP C 426 -64.30 -16.50 -27.22
N ASN C 427 -63.88 -16.03 -28.40
CA ASN C 427 -63.99 -14.61 -28.70
C ASN C 427 -65.46 -14.22 -28.91
N ALA C 428 -65.74 -12.95 -28.68
CA ALA C 428 -67.10 -12.44 -28.80
C ALA C 428 -67.15 -11.21 -29.68
N MET C 429 -66.07 -10.43 -29.71
CA MET C 429 -66.03 -9.25 -30.56
C MET C 429 -66.15 -9.64 -32.03
N ALA C 430 -65.42 -10.68 -32.45
CA ALA C 430 -65.53 -11.14 -33.84
C ALA C 430 -66.95 -11.58 -34.15
N LEU C 431 -67.56 -12.34 -33.24
CA LEU C 431 -68.92 -12.83 -33.48
C LEU C 431 -69.90 -11.68 -33.61
N ASN C 432 -69.80 -10.69 -32.72
CA ASN C 432 -70.74 -9.56 -32.76
C ASN C 432 -70.55 -8.74 -34.02
N ALA C 433 -69.29 -8.49 -34.41
CA ALA C 433 -69.04 -7.75 -35.64
C ALA C 433 -69.59 -8.49 -36.85
N LEU C 434 -69.33 -9.79 -36.94
CA LEU C 434 -69.82 -10.57 -38.07
C LEU C 434 -71.34 -10.57 -38.11
N GLY C 435 -71.99 -10.79 -36.97
CA GLY C 435 -73.44 -10.79 -36.95
C GLY C 435 -74.03 -9.45 -37.35
N TYR C 436 -73.47 -8.36 -36.81
CA TYR C 436 -73.99 -7.03 -37.14
C TYR C 436 -73.83 -6.74 -38.63
N THR C 437 -72.65 -7.01 -39.19
CA THR C 437 -72.43 -6.74 -40.60
C THR C 437 -73.31 -7.61 -41.47
N LEU C 438 -73.44 -8.89 -41.12
CA LEU C 438 -74.23 -9.81 -41.93
C LEU C 438 -75.70 -9.41 -41.92
N ALA C 439 -76.23 -9.01 -40.76
CA ALA C 439 -77.59 -8.53 -40.70
C ALA C 439 -77.75 -7.20 -41.43
N ASP C 440 -76.70 -6.37 -41.44
CA ASP C 440 -76.74 -5.15 -42.22
C ASP C 440 -76.88 -5.44 -43.70
N ARG C 441 -76.14 -6.43 -44.20
CA ARG C 441 -76.11 -6.72 -45.63
C ARG C 441 -77.08 -7.83 -46.02
N THR C 442 -76.92 -9.02 -45.43
CA THR C 442 -77.65 -10.19 -45.89
C THR C 442 -79.15 -10.03 -45.64
N THR C 443 -79.94 -10.65 -46.52
CA THR C 443 -81.39 -10.66 -46.34
C THR C 443 -81.80 -11.62 -45.24
N ARG C 444 -81.19 -12.80 -45.18
CA ARG C 444 -81.52 -13.77 -44.16
C ARG C 444 -80.95 -13.34 -42.81
N TYR C 445 -81.72 -13.58 -41.76
CA TYR C 445 -81.37 -13.14 -40.41
C TYR C 445 -80.98 -14.28 -39.47
N GLY C 446 -81.17 -15.54 -39.87
CA GLY C 446 -80.84 -16.63 -38.98
C GLY C 446 -79.35 -16.74 -38.69
N GLU C 447 -78.52 -16.52 -39.71
CA GLU C 447 -77.08 -16.62 -39.53
C GLU C 447 -76.58 -15.56 -38.55
N ALA C 448 -76.95 -14.30 -38.78
CA ALA C 448 -76.56 -13.25 -37.85
C ALA C 448 -77.16 -13.49 -36.47
N ARG C 449 -78.39 -14.00 -36.43
CA ARG C 449 -79.04 -14.26 -35.14
C ARG C 449 -78.25 -15.27 -34.32
N GLU C 450 -77.85 -16.38 -34.94
CA GLU C 450 -77.10 -17.39 -34.18
C GLU C 450 -75.69 -16.89 -33.86
N LEU C 451 -75.08 -16.10 -34.75
CA LEU C 451 -73.78 -15.53 -34.44
C LEU C 451 -73.85 -14.65 -33.20
N ILE C 452 -74.84 -13.75 -33.14
CA ILE C 452 -74.97 -12.87 -31.98
C ILE C 452 -75.37 -13.66 -30.75
N LEU C 453 -76.17 -14.71 -30.91
CA LEU C 453 -76.51 -15.55 -29.76
C LEU C 453 -75.27 -16.20 -29.17
N LYS C 454 -74.41 -16.74 -30.02
CA LYS C 454 -73.15 -17.31 -29.53
C LYS C 454 -72.29 -16.24 -28.88
N ALA C 455 -72.25 -15.04 -29.45
CA ALA C 455 -71.49 -13.96 -28.86
C ALA C 455 -72.01 -13.63 -27.46
N HIS C 456 -73.33 -13.56 -27.30
CA HIS C 456 -73.91 -13.26 -26.00
C HIS C 456 -73.60 -14.38 -25.00
N LYS C 457 -73.69 -15.64 -25.44
CA LYS C 457 -73.36 -16.74 -24.56
C LYS C 457 -71.91 -16.66 -24.11
N LEU C 458 -70.99 -16.32 -25.03
CA LEU C 458 -69.58 -16.22 -24.66
C LEU C 458 -69.31 -15.00 -23.80
N ASN C 459 -69.88 -13.85 -24.18
CA ASN C 459 -69.66 -12.60 -23.46
C ASN C 459 -70.91 -11.74 -23.59
N PRO C 460 -71.78 -11.72 -22.57
CA PRO C 460 -72.97 -10.86 -22.62
C PRO C 460 -72.77 -9.47 -22.06
N ASP C 461 -71.67 -9.22 -21.33
CA ASP C 461 -71.48 -7.94 -20.67
C ASP C 461 -71.07 -6.84 -21.65
N ASP C 462 -70.32 -7.20 -22.69
CA ASP C 462 -69.77 -6.20 -23.58
C ASP C 462 -70.89 -5.41 -24.26
N PRO C 463 -70.86 -4.08 -24.25
CA PRO C 463 -71.98 -3.32 -24.82
C PRO C 463 -72.23 -3.59 -26.28
N ALA C 464 -71.19 -3.83 -27.08
CA ALA C 464 -71.39 -4.10 -28.50
C ALA C 464 -72.18 -5.39 -28.70
N ILE C 465 -72.03 -6.35 -27.80
CA ILE C 465 -72.79 -7.60 -27.91
C ILE C 465 -74.28 -7.32 -27.82
N LEU C 466 -74.70 -6.55 -26.82
CA LEU C 466 -76.11 -6.22 -26.67
C LEU C 466 -76.57 -5.29 -27.79
N ASP C 467 -75.68 -4.42 -28.28
CA ASP C 467 -76.02 -3.58 -29.42
C ASP C 467 -76.39 -4.42 -30.63
N SER C 468 -75.53 -5.37 -30.99
CA SER C 468 -75.80 -6.25 -32.12
C SER C 468 -77.02 -7.13 -31.84
N MET C 469 -77.19 -7.55 -30.59
CA MET C 469 -78.35 -8.35 -30.24
C MET C 469 -79.64 -7.58 -30.50
N GLY C 470 -79.68 -6.31 -30.09
CA GLY C 470 -80.85 -5.50 -30.36
C GLY C 470 -81.07 -5.27 -31.84
N TRP C 471 -79.98 -5.04 -32.59
CA TRP C 471 -80.10 -4.88 -34.03
C TRP C 471 -80.73 -6.11 -34.67
N ILE C 472 -80.21 -7.29 -34.34
CA ILE C 472 -80.71 -8.52 -34.96
C ILE C 472 -82.14 -8.79 -34.51
N ASN C 473 -82.47 -8.46 -33.25
CA ASN C 473 -83.82 -8.70 -32.76
C ASN C 473 -84.82 -7.80 -33.47
N TYR C 474 -84.45 -6.54 -33.71
CA TYR C 474 -85.29 -5.70 -34.56
C TYR C 474 -85.42 -6.29 -35.95
N ARG C 475 -84.33 -6.79 -36.51
CA ARG C 475 -84.40 -7.43 -37.82
C ARG C 475 -85.37 -8.61 -37.82
N GLN C 476 -85.43 -9.35 -36.72
CA GLN C 476 -86.33 -10.50 -36.63
C GLN C 476 -87.79 -10.07 -36.73
N GLY C 477 -88.14 -8.98 -36.06
CA GLY C 477 -89.51 -8.48 -36.06
C GLY C 477 -90.20 -8.51 -34.71
N LYS C 478 -89.53 -8.91 -33.63
CA LYS C 478 -90.12 -8.92 -32.30
C LYS C 478 -89.68 -7.67 -31.53
N LEU C 479 -90.58 -7.15 -30.71
CA LEU C 479 -90.38 -5.88 -30.02
C LEU C 479 -89.86 -6.04 -28.60
N ALA C 480 -90.42 -6.98 -27.83
CA ALA C 480 -90.08 -7.07 -26.41
C ALA C 480 -88.60 -7.42 -26.22
N ASP C 481 -88.13 -8.46 -26.92
CA ASP C 481 -86.74 -8.88 -26.75
C ASP C 481 -85.78 -7.82 -27.23
N ALA C 482 -86.07 -7.20 -28.37
CA ALA C 482 -85.20 -6.15 -28.88
C ALA C 482 -85.13 -4.98 -27.90
N GLU C 483 -86.28 -4.56 -27.38
CA GLU C 483 -86.31 -3.43 -26.46
C GLU C 483 -85.56 -3.76 -25.17
N ARG C 484 -85.75 -4.98 -24.64
CA ARG C 484 -85.06 -5.33 -23.41
C ARG C 484 -83.55 -5.40 -23.62
N TYR C 485 -83.11 -5.94 -24.75
CA TYR C 485 -81.68 -6.02 -25.01
C TYR C 485 -81.08 -4.64 -25.22
N LEU C 486 -81.82 -3.74 -25.88
CA LEU C 486 -81.34 -2.38 -26.04
C LEU C 486 -81.28 -1.65 -24.69
N ARG C 487 -82.25 -1.92 -23.82
CA ARG C 487 -82.19 -1.36 -22.47
C ARG C 487 -80.97 -1.86 -21.72
N GLN C 488 -80.67 -3.16 -21.84
CA GLN C 488 -79.47 -3.70 -21.21
C GLN C 488 -78.21 -3.06 -21.77
N ALA C 489 -78.16 -2.85 -23.10
CA ALA C 489 -77.02 -2.20 -23.70
C ALA C 489 -76.86 -0.77 -23.17
N LEU C 490 -77.97 -0.05 -23.03
CA LEU C 490 -77.91 1.29 -22.45
C LEU C 490 -77.39 1.22 -21.02
N GLN C 491 -77.84 0.23 -20.25
CA GLN C 491 -77.37 0.09 -18.88
C GLN C 491 -75.87 -0.14 -18.84
N ARG C 492 -75.34 -1.00 -19.70
CA ARG C 492 -73.90 -1.19 -19.77
C ARG C 492 -73.22 0.11 -20.20
N TYR C 493 -73.72 0.72 -21.28
CA TYR C 493 -73.25 2.03 -21.72
C TYR C 493 -74.23 2.61 -22.72
N PRO C 494 -74.69 3.85 -22.55
CA PRO C 494 -75.58 4.45 -23.56
C PRO C 494 -74.84 4.70 -24.86
N ASP C 495 -75.24 3.98 -25.91
CA ASP C 495 -74.59 4.06 -27.20
C ASP C 495 -75.58 4.53 -28.26
N HIS C 496 -75.06 5.28 -29.23
CA HIS C 496 -75.94 5.79 -30.29
C HIS C 496 -76.50 4.68 -31.17
N GLU C 497 -75.76 3.58 -31.30
CA GLU C 497 -76.28 2.46 -32.09
C GLU C 497 -77.48 1.80 -31.38
N VAL C 498 -77.43 1.72 -30.06
CA VAL C 498 -78.56 1.18 -29.30
C VAL C 498 -79.79 2.03 -29.52
N ALA C 499 -79.63 3.36 -29.44
CA ALA C 499 -80.76 4.25 -29.71
C ALA C 499 -81.20 4.17 -31.16
N ALA C 500 -80.27 3.93 -32.09
CA ALA C 500 -80.65 3.75 -33.49
C ALA C 500 -81.53 2.53 -33.65
N HIS C 501 -81.18 1.43 -32.99
CA HIS C 501 -82.03 0.24 -33.06
C HIS C 501 -83.36 0.46 -32.35
N LEU C 502 -83.36 1.24 -31.27
CA LEU C 502 -84.64 1.59 -30.63
C LEU C 502 -85.53 2.37 -31.59
N GLY C 503 -84.95 3.34 -32.29
CA GLY C 503 -85.71 4.08 -33.30
C GLY C 503 -86.17 3.20 -34.43
N GLU C 504 -85.34 2.22 -34.82
CA GLU C 504 -85.75 1.26 -35.84
C GLU C 504 -86.95 0.45 -35.38
N VAL C 505 -86.94 0.00 -34.13
CA VAL C 505 -88.07 -0.74 -33.59
C VAL C 505 -89.31 0.15 -33.59
N LEU C 506 -89.17 1.40 -33.16
CA LEU C 506 -90.31 2.31 -33.18
C LEU C 506 -90.84 2.48 -34.60
N TRP C 507 -89.94 2.61 -35.58
CA TRP C 507 -90.36 2.67 -36.98
C TRP C 507 -91.19 1.45 -37.35
N ALA C 508 -90.66 0.26 -37.05
CA ALA C 508 -91.34 -0.97 -37.47
C ALA C 508 -92.66 -1.16 -36.74
N GLN C 509 -92.82 -0.55 -35.56
CA GLN C 509 -94.09 -0.64 -34.84
C GLN C 509 -95.11 0.40 -35.28
N GLY C 510 -94.72 1.34 -36.16
CA GLY C 510 -95.66 2.25 -36.77
C GLY C 510 -95.74 3.64 -36.16
N ARG C 511 -94.94 3.93 -35.13
CA ARG C 511 -94.92 5.24 -34.50
C ARG C 511 -93.67 5.99 -34.94
N GLN C 512 -93.87 7.07 -35.70
CA GLN C 512 -92.77 7.87 -36.20
C GLN C 512 -92.34 8.98 -35.26
N GLY C 513 -93.25 9.47 -34.41
CA GLY C 513 -92.88 10.55 -33.50
C GLY C 513 -91.86 10.12 -32.47
N ASP C 514 -92.00 8.90 -31.94
CA ASP C 514 -91.06 8.43 -30.92
C ASP C 514 -89.65 8.34 -31.49
N ALA C 515 -89.50 7.71 -32.65
CA ALA C 515 -88.18 7.65 -33.28
C ALA C 515 -87.69 9.03 -33.69
N ARG C 516 -88.61 9.90 -34.13
CA ARG C 516 -88.24 11.26 -34.44
C ARG C 516 -87.56 11.93 -33.26
N ALA C 517 -88.20 11.85 -32.08
CA ALA C 517 -87.61 12.44 -30.88
C ALA C 517 -86.33 11.73 -30.47
N ILE C 518 -86.28 10.40 -30.65
CA ILE C 518 -85.11 9.63 -30.24
C ILE C 518 -83.88 10.09 -31.02
N TRP C 519 -84.03 10.27 -32.34
CA TRP C 519 -82.91 10.75 -33.14
C TRP C 519 -82.68 12.25 -32.95
N ARG C 520 -83.73 13.00 -32.60
CA ARG C 520 -83.55 14.42 -32.30
C ARG C 520 -82.66 14.62 -31.09
N GLU C 521 -82.80 13.75 -30.08
CA GLU C 521 -81.95 13.85 -28.91
C GLU C 521 -80.48 13.70 -29.29
N TYR C 522 -80.16 12.74 -30.14
CA TYR C 522 -78.77 12.54 -30.54
C TYR C 522 -78.29 13.60 -31.51
N LEU C 523 -79.19 14.18 -32.30
CA LEU C 523 -78.82 15.37 -33.08
C LEU C 523 -78.43 16.51 -32.16
N ASP C 524 -79.18 16.71 -31.08
CA ASP C 524 -78.79 17.68 -30.07
C ASP C 524 -77.46 17.31 -29.42
N LYS C 525 -77.19 16.01 -29.28
CA LYS C 525 -75.90 15.59 -28.75
C LYS C 525 -74.76 16.06 -29.64
N GLN C 526 -74.94 15.99 -30.96
CA GLN C 526 -73.94 16.44 -31.91
C GLN C 526 -74.65 16.97 -33.16
N PRO C 527 -74.51 18.26 -33.48
CA PRO C 527 -75.29 18.82 -34.61
C PRO C 527 -75.01 18.14 -35.94
N ASP C 528 -73.79 17.71 -36.21
CA ASP C 528 -73.38 17.20 -37.50
C ASP C 528 -72.76 15.81 -37.40
N SER C 529 -73.33 14.97 -36.53
CA SER C 529 -72.81 13.62 -36.35
C SER C 529 -72.94 12.81 -37.63
N ASP C 530 -71.86 12.12 -38.01
CA ASP C 530 -71.86 11.35 -39.25
C ASP C 530 -72.74 10.11 -39.14
N VAL C 531 -72.60 9.35 -38.05
CA VAL C 531 -73.34 8.10 -37.91
C VAL C 531 -74.83 8.37 -37.87
N LEU C 532 -75.24 9.44 -37.17
CA LEU C 532 -76.66 9.77 -37.12
C LEU C 532 -77.20 10.08 -38.51
N ARG C 533 -76.45 10.84 -39.31
CA ARG C 533 -76.89 11.16 -40.66
C ARG C 533 -76.98 9.90 -41.51
N ARG C 534 -75.99 9.01 -41.39
CA ARG C 534 -76.02 7.77 -42.16
C ARG C 534 -77.25 6.94 -41.81
N THR C 535 -77.51 6.78 -40.51
CA THR C 535 -78.66 5.99 -40.08
C THR C 535 -79.97 6.65 -40.51
N ILE C 536 -80.02 7.98 -40.49
CA ILE C 536 -81.23 8.69 -40.91
C ILE C 536 -81.50 8.46 -42.39
N LYS C 537 -80.45 8.59 -43.23
CA LYS C 537 -80.65 8.35 -44.66
C LYS C 537 -80.98 6.89 -44.93
N ARG C 538 -80.51 5.99 -44.07
CA ARG C 538 -80.83 4.57 -44.26
C ARG C 538 -82.27 4.25 -43.88
N LEU C 539 -82.76 4.83 -42.79
CA LEU C 539 -84.08 4.48 -42.26
C LEU C 539 -85.18 5.41 -42.79
N THR C 540 -85.07 6.70 -42.49
CA THR C 540 -86.14 7.63 -42.86
C THR C 540 -86.31 7.72 -44.37
N GLY C 541 -85.19 7.75 -45.10
CA GLY C 541 -85.24 7.84 -46.54
C GLY C 541 -85.61 9.20 -47.08
N ALA C 542 -85.57 10.24 -46.26
CA ALA C 542 -85.93 11.59 -46.67
C ALA C 542 -84.88 12.58 -46.21
N GLU C 543 -84.73 13.67 -46.98
CA GLU C 543 -83.80 14.72 -46.58
C GLU C 543 -84.26 15.39 -45.29
N THR C 544 -85.57 15.60 -45.14
CA THR C 544 -86.11 16.21 -43.93
C THR C 544 -86.71 15.10 -43.07
N PRO C 545 -86.08 14.71 -41.96
CA PRO C 545 -86.63 13.63 -41.13
C PRO C 545 -87.97 13.99 -40.49
N UNK D 1 6.38 9.70 0.66
CA UNK D 1 5.96 9.47 -0.71
C UNK D 1 6.52 8.15 -1.23
N UNK D 2 7.78 8.17 -1.67
CA UNK D 2 8.48 6.97 -2.13
C UNK D 2 9.89 7.02 -1.54
N UNK D 3 10.06 6.45 -0.35
CA UNK D 3 11.32 6.51 0.37
C UNK D 3 12.30 5.46 -0.16
N UNK D 4 13.58 5.67 0.17
CA UNK D 4 14.61 4.69 -0.12
C UNK D 4 15.62 4.55 1.01
N UNK D 5 15.29 5.04 2.21
CA UNK D 5 16.24 4.99 3.31
C UNK D 5 16.45 3.56 3.81
N UNK D 6 17.31 3.43 4.81
CA UNK D 6 17.60 2.13 5.40
C UNK D 6 16.69 1.86 6.58
N SER E 160 66.53 0.30 -22.32
CA SER E 160 66.07 1.68 -22.24
C SER E 160 64.56 1.74 -21.98
N VAL E 161 63.77 1.30 -22.96
CA VAL E 161 62.33 1.37 -22.86
C VAL E 161 61.83 0.33 -21.87
N LYS E 162 60.94 0.75 -20.97
CA LYS E 162 60.32 -0.13 -19.99
C LYS E 162 58.82 0.11 -20.03
N SER E 163 58.05 -0.91 -20.42
CA SER E 163 56.62 -0.78 -20.65
C SER E 163 55.86 -1.65 -19.66
N GLN E 164 55.31 -1.04 -18.62
CA GLN E 164 54.49 -1.72 -17.63
C GLN E 164 53.06 -1.23 -17.78
N VAL E 165 52.14 -2.16 -18.03
CA VAL E 165 50.74 -1.80 -18.18
C VAL E 165 50.13 -1.64 -16.80
N LEU E 166 49.56 -0.46 -16.54
CA LEU E 166 48.98 -0.19 -15.24
C LEU E 166 47.54 -0.69 -15.15
N GLU E 167 46.70 -0.25 -16.06
CA GLU E 167 45.27 -0.58 -16.09
C GLU E 167 44.92 -1.12 -17.47
N PRO E 168 43.70 -1.63 -17.64
CA PRO E 168 43.33 -2.17 -18.95
C PRO E 168 43.43 -1.16 -20.08
N GLY E 169 43.26 0.11 -19.78
CA GLY E 169 43.28 1.14 -20.81
C GLY E 169 44.45 2.10 -20.75
N TYR E 170 45.22 2.03 -19.67
CA TYR E 170 46.31 2.98 -19.43
C TYR E 170 47.60 2.23 -19.22
N ALA E 171 48.62 2.58 -20.00
CA ALA E 171 49.90 1.89 -19.97
C ALA E 171 51.03 2.88 -19.72
N TYR E 172 52.02 2.44 -18.94
CA TYR E 172 53.11 3.29 -18.47
C TYR E 172 54.38 2.92 -19.22
N LEU E 173 54.97 3.90 -19.89
CA LEU E 173 56.22 3.72 -20.62
C LEU E 173 57.28 4.65 -20.02
N ARG E 174 58.46 4.10 -19.75
CA ARG E 174 59.54 4.84 -19.14
C ARG E 174 60.79 4.70 -19.99
N ILE E 175 61.50 5.81 -20.18
CA ILE E 175 62.75 5.82 -20.93
C ILE E 175 63.87 6.15 -19.94
N THR E 176 64.78 5.19 -19.75
CA THR E 176 65.88 5.40 -18.81
C THR E 176 67.03 6.15 -19.47
N GLN E 177 67.60 5.59 -20.53
CA GLN E 177 68.70 6.22 -21.24
C GLN E 177 68.44 6.14 -22.73
N PHE E 178 68.85 7.19 -23.45
CA PHE E 178 68.60 7.29 -24.89
C PHE E 178 69.78 6.68 -25.67
N GLN E 179 69.85 5.36 -25.60
CA GLN E 179 70.87 4.63 -26.33
C GLN E 179 70.60 4.69 -27.83
N VAL E 180 71.48 4.06 -28.61
CA VAL E 180 71.39 4.13 -30.05
C VAL E 180 70.21 3.28 -30.53
N ASN E 181 69.49 3.79 -31.53
CA ASN E 181 68.38 3.07 -32.14
C ASN E 181 67.34 2.66 -31.11
N THR E 182 67.07 3.55 -30.15
CA THR E 182 65.98 3.34 -29.23
C THR E 182 64.62 3.41 -29.92
N GLY E 183 64.59 3.87 -31.17
CA GLY E 183 63.34 3.83 -31.93
C GLY E 183 62.79 2.42 -32.06
N GLU E 184 63.66 1.45 -32.35
CA GLU E 184 63.21 0.07 -32.45
C GLU E 184 62.64 -0.41 -31.13
N GLU E 185 63.35 -0.16 -30.03
CA GLU E 185 62.86 -0.61 -28.73
C GLU E 185 61.53 0.03 -28.39
N VAL E 186 61.39 1.34 -28.62
CA VAL E 186 60.17 2.03 -28.23
C VAL E 186 59.01 1.62 -29.11
N VAL E 187 59.23 1.46 -30.42
CA VAL E 187 58.15 1.04 -31.30
C VAL E 187 57.74 -0.39 -31.01
N LYS E 188 58.70 -1.26 -30.70
CA LYS E 188 58.37 -2.62 -30.32
C LYS E 188 57.59 -2.65 -29.01
N ALA E 189 57.96 -1.78 -28.06
CA ALA E 189 57.20 -1.66 -26.83
C ALA E 189 55.78 -1.22 -27.12
N LEU E 190 55.62 -0.23 -28.00
CA LEU E 190 54.28 0.23 -28.35
C LEU E 190 53.46 -0.90 -28.99
N ASN E 191 54.07 -1.65 -29.91
CA ASN E 191 53.36 -2.72 -30.58
C ASN E 191 52.94 -3.82 -29.60
N GLN E 192 53.89 -4.25 -28.76
CA GLN E 192 53.59 -5.31 -27.79
C GLN E 192 52.57 -4.83 -26.76
N LEU E 193 52.58 -3.53 -26.45
CA LEU E 193 51.55 -2.96 -25.57
C LEU E 193 50.19 -2.98 -26.25
N ARG E 194 50.12 -2.51 -27.50
CA ARG E 194 48.88 -2.57 -28.26
C ARG E 194 48.31 -3.97 -28.27
N LYS E 195 49.17 -4.97 -28.52
CA LYS E 195 48.71 -6.36 -28.46
C LYS E 195 48.24 -6.71 -27.06
N ASP E 196 49.00 -6.29 -26.03
CA ASP E 196 48.57 -6.52 -24.67
C ASP E 196 47.24 -5.83 -24.38
N ASN E 197 46.94 -4.75 -25.12
CA ASN E 197 45.67 -4.05 -25.00
C ASN E 197 44.82 -4.16 -26.26
N LYS E 198 45.08 -5.19 -27.07
CA LYS E 198 44.25 -5.53 -28.22
C LYS E 198 44.24 -4.43 -29.29
N GLY E 199 45.16 -3.47 -29.18
CA GLY E 199 45.23 -2.39 -30.14
C GLY E 199 44.52 -1.12 -29.74
N ARG E 200 44.12 -0.97 -28.48
CA ARG E 200 43.45 0.22 -28.00
C ARG E 200 44.14 0.74 -26.75
N LEU E 201 44.34 2.05 -26.68
CA LEU E 201 44.91 2.70 -25.52
C LEU E 201 44.04 3.89 -25.13
N LYS E 202 44.09 4.24 -23.85
CA LYS E 202 43.41 5.43 -23.35
C LYS E 202 44.37 6.56 -23.02
N GLY E 203 45.63 6.24 -22.72
CA GLY E 203 46.63 7.24 -22.43
C GLY E 203 47.94 6.62 -22.00
N LEU E 204 49.04 7.13 -22.50
CA LEU E 204 50.36 6.50 -22.36
C LEU E 204 51.27 7.45 -21.59
N VAL E 205 51.24 7.37 -20.26
CA VAL E 205 52.12 8.21 -19.46
C VAL E 205 53.56 7.85 -19.76
N LEU E 206 54.29 8.80 -20.34
CA LEU E 206 55.67 8.59 -20.74
C LEU E 206 56.55 9.28 -19.71
N ASP E 207 57.04 8.51 -18.75
CA ASP E 207 57.72 9.03 -17.57
C ASP E 207 59.17 9.34 -17.92
N LEU E 208 59.44 10.59 -18.31
CA LEU E 208 60.80 11.03 -18.64
C LEU E 208 61.43 11.72 -17.43
N ARG E 209 61.78 10.92 -16.45
CA ARG E 209 62.38 11.40 -15.22
C ARG E 209 63.69 10.68 -14.97
N ASN E 210 64.65 11.41 -14.40
CA ASN E 210 65.98 10.86 -14.07
C ASN E 210 66.69 10.36 -15.33
N ASN E 211 66.35 10.93 -16.48
CA ASN E 211 66.92 10.52 -17.76
C ASN E 211 67.74 11.67 -18.34
N PRO E 212 69.05 11.71 -18.12
CA PRO E 212 69.84 12.85 -18.62
C PRO E 212 69.74 13.03 -20.12
N GLY E 213 69.62 11.95 -20.89
CA GLY E 213 69.43 12.06 -22.32
C GLY E 213 70.26 11.09 -23.14
N GLY E 214 70.81 11.58 -24.24
CA GLY E 214 71.58 10.73 -25.14
C GLY E 214 71.76 11.41 -26.48
N VAL E 215 71.97 10.60 -27.51
CA VAL E 215 72.14 11.13 -28.86
C VAL E 215 70.88 11.89 -29.26
N LEU E 216 71.07 13.03 -29.91
CA LEU E 216 69.92 13.82 -30.36
C LEU E 216 69.07 13.04 -31.36
N GLN E 217 69.72 12.27 -32.23
CA GLN E 217 68.99 11.59 -33.30
C GLN E 217 67.96 10.61 -32.73
N SER E 218 68.34 9.85 -31.70
CA SER E 218 67.40 8.90 -31.12
C SER E 218 66.23 9.63 -30.45
N ALA E 219 66.51 10.75 -29.77
CA ALA E 219 65.44 11.51 -29.15
C ALA E 219 64.47 12.03 -30.20
N VAL E 220 65.00 12.55 -31.32
CA VAL E 220 64.13 13.01 -32.39
C VAL E 220 63.36 11.85 -32.99
N GLU E 221 63.99 10.67 -33.06
CA GLU E 221 63.28 9.50 -33.56
C GLU E 221 62.10 9.14 -32.66
N VAL E 222 62.31 9.20 -31.35
CA VAL E 222 61.21 8.95 -30.42
C VAL E 222 60.11 9.99 -30.60
N ALA E 223 60.50 11.26 -30.69
CA ALA E 223 59.52 12.33 -30.88
C ALA E 223 58.68 12.06 -32.12
N ASP E 224 59.33 11.78 -33.25
CA ASP E 224 58.60 11.52 -34.49
C ASP E 224 57.73 10.27 -34.37
N ALA E 225 58.22 9.25 -33.65
CA ALA E 225 57.39 8.09 -33.37
C ALA E 225 56.11 8.51 -32.64
N PHE E 226 56.20 9.54 -31.82
CA PHE E 226 55.04 10.07 -31.12
C PHE E 226 54.36 11.23 -31.83
N LEU E 227 54.92 11.74 -32.93
CA LEU E 227 54.39 12.92 -33.60
C LEU E 227 54.26 12.67 -35.09
N THR E 228 53.42 13.47 -35.73
CA THR E 228 53.11 13.32 -37.15
C THR E 228 53.48 14.53 -37.97
N LYS E 229 53.24 15.74 -37.47
CA LYS E 229 53.42 16.97 -38.23
C LYS E 229 54.40 17.89 -37.49
N GLY E 230 54.58 19.09 -38.04
CA GLY E 230 55.35 20.11 -37.38
C GLY E 230 56.85 19.81 -37.35
N LEU E 231 57.62 20.84 -37.01
CA LEU E 231 59.07 20.74 -36.90
C LEU E 231 59.43 20.48 -35.44
N ILE E 232 60.09 19.34 -35.19
CA ILE E 232 60.30 18.89 -33.82
C ILE E 232 61.26 19.82 -33.09
N VAL E 233 62.50 19.89 -33.57
CA VAL E 233 63.54 20.67 -32.91
C VAL E 233 64.37 21.39 -33.95
N TYR E 234 64.68 22.66 -33.68
CA TYR E 234 65.64 23.41 -34.48
C TYR E 234 66.56 24.17 -33.53
N THR E 235 67.86 24.11 -33.81
CA THR E 235 68.84 24.78 -32.97
C THR E 235 68.80 26.29 -33.15
N GLU E 243 71.33 26.11 -37.82
CA GLU E 243 70.67 25.87 -39.10
C GLU E 243 70.31 24.40 -39.28
N LEU E 244 69.48 23.89 -38.36
CA LEU E 244 69.01 22.52 -38.41
C LEU E 244 67.53 22.48 -38.04
N ARG E 245 66.77 21.67 -38.76
CA ARG E 245 65.37 21.42 -38.44
C ARG E 245 65.14 19.92 -38.38
N PHE E 246 63.91 19.55 -37.99
CA PHE E 246 63.49 18.15 -38.03
C PHE E 246 61.99 18.15 -38.26
N SER E 247 61.60 17.94 -39.52
CA SER E 247 60.20 17.81 -39.85
C SER E 247 59.63 16.54 -39.23
N ALA E 248 58.33 16.34 -39.40
CA ALA E 248 57.65 15.16 -38.89
C ALA E 248 56.84 14.54 -40.01
N ASP E 249 57.20 13.33 -40.40
CA ASP E 249 56.37 12.55 -41.31
C ASP E 249 55.20 11.94 -40.54
N PRO E 250 54.11 11.62 -41.23
CA PRO E 250 52.94 11.08 -40.52
C PRO E 250 53.22 9.82 -39.73
N ALA E 251 54.19 9.01 -40.16
CA ALA E 251 54.50 7.75 -39.50
C ALA E 251 54.58 7.93 -37.99
N ASP E 252 53.69 7.24 -37.27
CA ASP E 252 53.64 7.34 -35.81
C ASP E 252 52.91 6.14 -35.22
N PRO E 253 53.59 5.27 -34.47
CA PRO E 253 52.88 4.21 -33.74
C PRO E 253 52.16 4.70 -32.50
N SER E 254 52.08 6.02 -32.30
CA SER E 254 51.36 6.54 -31.14
C SER E 254 49.87 6.20 -31.22
N ASP E 255 49.31 6.19 -32.42
CA ASP E 255 47.91 5.86 -32.64
C ASP E 255 46.96 6.89 -32.03
N LYS E 256 47.42 8.13 -31.91
CA LYS E 256 46.61 9.23 -31.37
C LYS E 256 46.11 8.87 -29.96
N VAL E 257 47.06 8.71 -29.05
CA VAL E 257 46.79 8.37 -27.65
C VAL E 257 46.97 9.64 -26.82
N PRO E 258 46.05 9.97 -25.92
CA PRO E 258 46.30 11.08 -25.01
C PRO E 258 47.59 10.84 -24.24
N LEU E 259 48.40 11.88 -24.10
CA LEU E 259 49.77 11.72 -23.62
C LEU E 259 50.01 12.63 -22.42
N VAL E 260 50.71 12.09 -21.43
CA VAL E 260 51.05 12.79 -20.21
C VAL E 260 52.51 12.50 -19.93
N VAL E 261 53.39 13.43 -20.27
CA VAL E 261 54.82 13.29 -20.03
C VAL E 261 55.15 13.89 -18.68
N LEU E 262 56.08 13.27 -17.96
CA LEU E 262 56.45 13.67 -16.61
C LEU E 262 57.88 14.18 -16.58
N ILE E 263 58.10 15.28 -15.86
CA ILE E 263 59.42 15.89 -15.72
C ILE E 263 59.71 16.03 -14.24
N ASN E 264 60.77 15.38 -13.78
CA ASN E 264 61.11 15.36 -12.36
C ASN E 264 62.16 16.38 -11.97
N GLY E 265 62.53 17.28 -12.86
CA GLY E 265 63.66 18.15 -12.59
C GLY E 265 65.00 17.49 -12.73
N GLY E 266 65.07 16.32 -13.36
CA GLY E 266 66.33 15.64 -13.58
C GLY E 266 66.45 15.14 -15.01
N SER E 267 65.79 15.81 -15.95
CA SER E 267 65.85 15.49 -17.36
C SER E 267 66.62 16.61 -18.04
N ALA E 268 67.88 16.36 -18.35
CA ALA E 268 68.83 17.44 -18.65
C ALA E 268 68.73 17.94 -20.10
N ALA E 269 69.01 17.07 -21.06
CA ALA E 269 69.27 17.53 -22.43
C ALA E 269 68.30 16.95 -23.45
N ALA E 270 68.29 15.63 -23.64
CA ALA E 270 67.52 15.03 -24.72
C ALA E 270 66.08 14.78 -24.29
N ALA E 271 65.88 14.08 -23.17
CA ALA E 271 64.54 13.93 -22.63
C ALA E 271 63.85 15.27 -22.48
N GLU E 272 64.61 16.29 -22.09
CA GLU E 272 64.04 17.64 -22.01
C GLU E 272 63.56 18.11 -23.37
N ILE E 273 64.36 17.84 -24.42
CA ILE E 273 63.98 18.28 -25.76
C ILE E 273 62.70 17.58 -26.20
N VAL E 274 62.60 16.27 -25.95
CA VAL E 274 61.40 15.53 -26.31
C VAL E 274 60.19 16.12 -25.58
N ALA E 275 60.33 16.32 -24.27
CA ALA E 275 59.21 16.85 -23.48
C ALA E 275 58.79 18.22 -23.97
N GLY E 276 59.76 19.09 -24.25
CA GLY E 276 59.44 20.42 -24.73
C GLY E 276 58.76 20.41 -26.08
N ALA E 277 59.25 19.58 -27.00
CA ALA E 277 58.62 19.48 -28.31
C ALA E 277 57.17 18.99 -28.19
N LEU E 278 56.94 17.98 -27.35
CA LEU E 278 55.58 17.47 -27.20
C LEU E 278 54.68 18.47 -26.49
N GLN E 279 55.24 19.27 -25.58
CA GLN E 279 54.46 20.35 -24.98
C GLN E 279 54.07 21.38 -26.04
N ASP E 280 55.03 21.79 -26.87
CA ASP E 280 54.78 22.86 -27.82
C ASP E 280 53.78 22.44 -28.89
N GLN E 281 53.95 21.24 -29.43
CA GLN E 281 53.05 20.77 -30.48
C GLN E 281 51.67 20.39 -29.93
N LYS E 282 51.43 20.56 -28.63
CA LYS E 282 50.14 20.38 -27.97
C LYS E 282 49.73 18.91 -27.91
N ARG E 283 50.52 18.00 -28.46
CA ARG E 283 50.13 16.59 -28.46
C ARG E 283 49.99 16.07 -27.03
N ALA E 284 50.90 16.45 -26.14
CA ALA E 284 50.99 15.88 -24.81
C ALA E 284 50.78 16.97 -23.75
N ILE E 285 50.93 16.56 -22.50
CA ILE E 285 50.82 17.44 -21.33
C ILE E 285 51.97 17.13 -20.39
N LEU E 286 52.62 18.17 -19.87
CA LEU E 286 53.74 18.03 -18.96
C LEU E 286 53.28 18.25 -17.53
N MET E 287 53.47 17.24 -16.69
CA MET E 287 52.92 17.24 -15.33
C MET E 287 53.97 17.41 -14.24
N GLY E 288 55.09 16.71 -14.32
CA GLY E 288 56.05 16.73 -13.23
C GLY E 288 56.62 18.11 -12.97
N THR E 289 57.59 18.19 -12.07
CA THR E 289 58.20 19.47 -11.74
C THR E 289 58.97 20.01 -12.95
N ASP E 290 59.40 21.27 -12.83
CA ASP E 290 60.18 21.89 -13.89
C ASP E 290 61.49 21.14 -14.08
N SER E 291 61.93 21.04 -15.33
CA SER E 291 63.13 20.30 -15.65
C SER E 291 64.37 20.99 -15.07
N PHE E 292 65.47 20.24 -15.03
CA PHE E 292 66.72 20.80 -14.53
C PHE E 292 67.35 21.72 -15.57
N GLY E 293 67.27 21.36 -16.85
CA GLY E 293 67.88 22.15 -17.91
C GLY E 293 67.31 23.55 -18.02
N TYR E 317 66.04 23.84 -30.50
CA TYR E 317 65.20 24.08 -29.34
C TYR E 317 63.76 23.68 -29.66
N THR E 318 62.84 23.99 -28.76
CA THR E 318 61.46 23.60 -28.94
C THR E 318 60.86 24.30 -30.15
N PRO E 319 59.82 23.73 -30.75
CA PRO E 319 59.31 24.29 -32.02
C PRO E 319 58.95 25.76 -31.92
N ASN E 320 58.36 26.21 -30.81
CA ASN E 320 58.09 27.62 -30.64
C ASN E 320 59.39 28.37 -30.32
N GLY E 321 59.31 29.70 -30.39
CA GLY E 321 60.48 30.51 -30.14
C GLY E 321 61.15 30.25 -28.80
N ARG E 322 60.42 29.69 -27.85
CA ARG E 322 60.99 29.49 -26.52
C ARG E 322 62.12 28.48 -26.57
N SER E 323 63.20 28.79 -25.85
CA SER E 323 64.35 27.90 -25.78
C SER E 323 64.12 26.83 -24.71
N ILE E 324 65.16 26.04 -24.45
CA ILE E 324 65.11 24.94 -23.49
C ILE E 324 66.17 25.08 -22.42
N GLN E 325 67.44 25.19 -22.83
CA GLN E 325 68.52 25.23 -21.85
C GLN E 325 68.48 26.52 -21.02
N ALA E 326 67.91 27.58 -21.57
CA ALA E 326 67.91 28.87 -20.87
C ALA E 326 66.87 28.89 -19.76
N GLN E 327 65.61 28.66 -20.11
CA GLN E 327 64.50 28.77 -19.16
C GLN E 327 64.07 27.45 -18.57
N GLY E 328 64.73 26.35 -18.91
CA GLY E 328 64.17 25.07 -18.53
C GLY E 328 62.87 24.84 -19.29
N ILE E 329 62.00 24.03 -18.68
CA ILE E 329 60.71 23.69 -19.26
C ILE E 329 59.66 23.83 -18.16
N VAL E 330 58.85 24.90 -18.25
CA VAL E 330 57.78 25.11 -17.29
C VAL E 330 56.66 24.11 -17.60
N PRO E 331 56.30 23.22 -16.67
CA PRO E 331 55.22 22.29 -16.95
C PRO E 331 53.86 22.96 -16.85
N ASP E 332 52.91 22.45 -17.64
CA ASP E 332 51.56 23.02 -17.66
C ASP E 332 50.91 22.89 -16.30
N ILE E 333 50.92 21.69 -15.72
CA ILE E 333 50.39 21.46 -14.38
C ILE E 333 51.55 20.99 -13.51
N GLU E 334 51.79 21.71 -12.41
CA GLU E 334 52.90 21.43 -11.51
C GLU E 334 52.39 20.59 -10.35
N VAL E 335 53.06 19.46 -10.10
CA VAL E 335 52.71 18.56 -9.00
C VAL E 335 53.99 18.17 -8.28
N GLY E 336 54.17 18.69 -7.07
CA GLY E 336 55.34 18.34 -6.28
C GLY E 336 55.35 16.86 -5.93
N ARG E 337 56.49 16.22 -6.14
CA ARG E 337 56.61 14.80 -5.86
C ARG E 337 56.39 14.53 -4.37
N ALA E 338 55.75 13.41 -4.08
CA ALA E 338 55.44 13.02 -2.71
C ALA E 338 55.12 11.53 -2.69
N LYS E 339 54.81 11.02 -1.51
CA LYS E 339 54.50 9.62 -1.31
C LYS E 339 53.14 9.48 -0.64
N VAL E 340 52.46 8.38 -0.94
CA VAL E 340 51.11 8.12 -0.44
C VAL E 340 51.07 6.71 0.13
N THR E 341 50.41 6.55 1.28
CA THR E 341 50.25 5.26 1.93
C THR E 341 48.82 5.08 2.38
N GLN E 342 48.23 3.94 2.04
CA GLN E 342 46.88 3.61 2.48
C GLN E 342 46.91 3.03 3.88
N GLU E 343 45.82 3.24 4.62
CA GLU E 343 45.68 2.72 5.96
C GLU E 343 44.71 1.54 5.96
N ARG E 344 44.91 0.63 6.92
CA ARG E 344 44.13 -0.59 6.96
C ARG E 344 42.71 -0.31 7.46
N SER E 345 41.75 -1.02 6.88
CA SER E 345 40.35 -0.91 7.28
C SER E 345 40.06 -1.97 8.34
N SER E 346 39.78 -1.52 9.56
CA SER E 346 39.50 -2.47 10.64
C SER E 346 38.25 -3.27 10.36
N PHE E 347 37.20 -2.61 9.84
CA PHE E 347 35.97 -3.27 9.47
C PHE E 347 35.63 -2.94 8.02
N GLU E 348 34.95 -3.87 7.37
CA GLU E 348 34.61 -3.75 5.95
C GLU E 348 33.13 -3.41 5.82
N GLY E 349 32.83 -2.33 5.12
CA GLY E 349 31.45 -1.99 4.83
C GLY E 349 30.78 -3.13 4.06
N PHE E 350 29.64 -3.58 4.54
CA PHE E 350 29.00 -4.76 3.97
C PHE E 350 28.14 -4.34 2.77
N LYS E 351 28.36 -5.00 1.63
CA LYS E 351 27.59 -4.74 0.43
C LYS E 351 26.30 -5.56 0.49
N GLU E 352 25.38 -5.29 -0.45
CA GLU E 352 24.09 -5.96 -0.44
C GLU E 352 24.22 -7.44 -0.77
N ALA E 353 25.35 -7.88 -1.30
CA ALA E 353 25.58 -9.31 -1.42
C ALA E 353 25.64 -9.98 -0.06
N ASP E 354 26.06 -9.24 0.97
CA ASP E 354 26.22 -9.83 2.29
C ASP E 354 24.86 -10.08 2.96
N LEU E 355 23.96 -9.12 2.88
CA LEU E 355 22.67 -9.27 3.55
C LEU E 355 21.93 -10.47 3.00
N GLN E 356 21.64 -11.43 3.88
CA GLN E 356 21.00 -12.67 3.47
C GLN E 356 19.63 -12.38 2.84
N GLY E 357 19.32 -13.11 1.77
CA GLY E 357 18.05 -12.94 1.09
C GLY E 357 17.91 -11.59 0.41
N HIS E 358 18.99 -11.10 -0.18
CA HIS E 358 18.93 -9.86 -0.94
C HIS E 358 18.25 -10.13 -2.28
N LEU E 359 18.19 -9.12 -3.14
CA LEU E 359 17.56 -9.22 -4.44
C LEU E 359 18.63 -9.32 -5.52
N ALA E 360 18.48 -10.31 -6.41
CA ALA E 360 19.42 -10.46 -7.51
C ALA E 360 19.35 -9.26 -8.44
N ASN E 361 20.47 -8.96 -9.10
CA ASN E 361 20.54 -7.76 -9.91
C ASN E 361 19.62 -7.88 -11.12
N GLY E 362 19.34 -6.73 -11.74
CA GLY E 362 18.30 -6.67 -12.75
C GLY E 362 18.61 -7.53 -13.96
N ASN E 363 19.83 -7.45 -14.48
CA ASN E 363 20.18 -8.15 -15.71
C ASN E 363 20.58 -9.60 -15.49
N GLY E 364 20.56 -10.08 -14.25
CA GLY E 364 20.86 -11.47 -13.98
C GLY E 364 22.32 -11.79 -13.84
N GLY E 365 23.20 -10.80 -13.91
CA GLY E 365 24.62 -11.06 -13.75
C GLY E 365 24.99 -11.44 -12.34
N ALA E 366 26.22 -11.93 -12.19
CA ALA E 366 26.71 -12.32 -10.88
C ALA E 366 26.86 -11.10 -9.97
N ASP E 367 26.69 -11.32 -8.67
CA ASP E 367 26.82 -10.26 -7.69
C ASP E 367 28.20 -10.33 -7.02
N ARG E 368 28.91 -9.21 -7.04
CA ARG E 368 30.27 -9.18 -6.51
C ARG E 368 30.26 -9.35 -5.00
N PRO E 369 30.93 -10.35 -4.45
CA PRO E 369 30.95 -10.53 -2.99
C PRO E 369 31.93 -9.59 -2.31
N THR E 370 31.93 -9.65 -0.99
CA THR E 370 32.84 -8.84 -0.17
C THR E 370 34.12 -9.62 0.14
N GLY E 371 34.77 -10.14 -0.90
CA GLY E 371 35.99 -10.88 -0.73
C GLY E 371 37.19 -9.97 -0.55
N LYS E 372 38.35 -10.60 -0.39
CA LYS E 372 39.61 -9.89 -0.21
C LYS E 372 40.72 -10.69 -0.88
N ARG E 373 41.29 -10.13 -1.94
CA ARG E 373 42.41 -10.75 -2.65
C ARG E 373 43.56 -9.74 -2.71
N ALA E 374 44.76 -10.20 -2.37
CA ALA E 374 45.92 -9.33 -2.37
C ALA E 374 46.28 -8.90 -3.78
N ALA E 375 46.73 -7.66 -3.92
CA ALA E 375 47.17 -7.16 -5.21
C ALA E 375 48.46 -7.88 -5.63
N PRO E 376 48.74 -7.96 -6.94
CA PRO E 376 49.99 -8.61 -7.36
C PRO E 376 51.21 -7.98 -6.75
N SER E 377 51.21 -6.66 -6.58
CA SER E 377 52.29 -5.94 -5.92
C SER E 377 51.88 -4.48 -5.83
N GLU E 378 52.67 -3.70 -5.10
CA GLU E 378 52.42 -2.26 -4.99
C GLU E 378 52.75 -1.62 -6.32
N ARG E 379 51.71 -1.37 -7.13
CA ARG E 379 51.92 -0.77 -8.43
C ARG E 379 52.49 0.64 -8.29
N PRO E 380 53.18 1.14 -9.30
CA PRO E 380 53.70 2.52 -9.22
C PRO E 380 52.61 3.54 -8.89
N GLN E 381 51.40 3.36 -9.43
CA GLN E 381 50.32 4.28 -9.11
C GLN E 381 50.11 4.38 -7.60
N ASP E 382 50.34 3.29 -6.88
CA ASP E 382 50.12 3.28 -5.43
C ASP E 382 51.22 4.00 -4.65
N SER E 383 52.43 4.08 -5.19
CA SER E 383 53.59 4.55 -4.41
C SER E 383 53.81 6.05 -4.55
N ASP E 384 54.14 6.51 -5.76
CA ASP E 384 54.55 7.89 -5.97
C ASP E 384 53.35 8.77 -6.29
N TYR E 385 53.27 9.91 -5.61
CA TYR E 385 52.12 10.80 -5.78
C TYR E 385 52.02 11.33 -7.20
N GLN E 386 53.16 11.65 -7.82
CA GLN E 386 53.13 12.26 -9.15
C GLN E 386 52.50 11.32 -10.17
N LEU E 387 52.90 10.04 -10.16
CA LEU E 387 52.35 9.11 -11.13
C LEU E 387 50.89 8.80 -10.85
N SER E 388 50.49 8.74 -9.59
CA SER E 388 49.08 8.58 -9.27
C SER E 388 48.28 9.76 -9.80
N GLN E 389 48.80 10.98 -9.63
CA GLN E 389 48.13 12.16 -10.16
C GLN E 389 48.01 12.07 -11.67
N ALA E 390 49.09 11.66 -12.35
CA ALA E 390 49.06 11.56 -13.80
C ALA E 390 48.02 10.53 -14.26
N LEU E 391 48.00 9.37 -13.61
CA LEU E 391 47.03 8.35 -14.00
C LEU E 391 45.60 8.81 -13.75
N SER E 392 45.36 9.48 -12.63
CA SER E 392 44.02 9.98 -12.34
C SER E 392 43.60 11.02 -13.36
N LEU E 393 44.49 11.97 -13.69
CA LEU E 393 44.15 12.97 -14.69
C LEU E 393 43.89 12.34 -16.04
N LEU E 394 44.70 11.35 -16.41
CA LEU E 394 44.49 10.66 -17.68
C LEU E 394 43.14 9.96 -17.71
N LYS E 395 42.77 9.31 -16.61
CA LYS E 395 41.45 8.67 -16.54
C LYS E 395 40.33 9.69 -16.65
N GLY E 396 40.47 10.82 -15.96
CA GLY E 396 39.45 11.85 -16.04
C GLY E 396 39.29 12.38 -17.45
N LEU E 397 40.40 12.63 -18.13
CA LEU E 397 40.33 13.05 -19.52
C LEU E 397 39.66 12.00 -20.39
N SER E 398 40.12 10.74 -20.27
CA SER E 398 39.57 9.68 -21.11
C SER E 398 38.08 9.51 -20.89
N VAL E 399 37.58 9.81 -19.70
CA VAL E 399 36.15 9.68 -19.43
C VAL E 399 35.39 10.90 -19.95
N THR E 400 35.71 12.09 -19.42
CA THR E 400 34.91 13.26 -19.72
C THR E 400 35.04 13.71 -21.17
N ARG E 401 36.15 13.38 -21.83
CA ARG E 401 36.40 13.91 -23.17
C ARG E 401 35.30 13.49 -24.15
N GLY E 402 34.87 12.23 -24.08
CA GLY E 402 33.84 11.77 -24.97
C GLY E 402 33.40 10.37 -24.62
N ASN E 403 32.45 9.85 -25.40
CA ASN E 403 31.92 8.51 -25.20
C ASN E 403 32.97 7.45 -25.54
#